data_2P57
# 
_entry.id   2P57 
# 
_audit_conform.dict_name       mmcif_pdbx.dic 
_audit_conform.dict_version    5.377 
_audit_conform.dict_location   http://mmcif.pdb.org/dictionaries/ascii/mmcif_pdbx.dic 
# 
loop_
_database_2.database_id 
_database_2.database_code 
_database_2.pdbx_database_accession 
_database_2.pdbx_DOI 
PDB   2P57         pdb_00002p57 10.2210/pdb2p57/pdb 
RCSB  RCSB041980   ?            ?                   
WWPDB D_1000041980 ?            ?                   
# 
_pdbx_database_status.entry_id                        2P57 
_pdbx_database_status.deposit_site                    RCSB 
_pdbx_database_status.process_site                    RCSB 
_pdbx_database_status.recvd_initial_deposition_date   2007-03-14 
_pdbx_database_status.status_code                     REL 
_pdbx_database_status.status_code_sf                  REL 
_pdbx_database_status.status_code_mr                  ? 
_pdbx_database_status.SG_entry                        Y 
_pdbx_database_status.pdb_format_compatible           Y 
_pdbx_database_status.status_code_cs                  ? 
_pdbx_database_status.methods_development_category    ? 
_pdbx_database_status.status_code_nmr_data            ? 
# 
loop_
_audit_author.name 
_audit_author.pdbx_ordinal 
'Tong, Y.'                             1  
'Dimov, S.'                            2  
'Shen, L.'                             3  
'Zhu, H.'                              4  
'Tempel, W.'                           5  
'Landry, R.'                           6  
'Arrowsmith, C.H.'                     7  
'Edwards, A.M.'                        8  
'Sundstrom, M.'                        9  
'Weigelt, J.'                          10 
'Bochkarev, A.'                        11 
'Park, H.'                             12 
'Structural Genomics Consortium (SGC)' 13 
# 
_citation.id                        primary 
_citation.title                     'GAP domain of ZNF289, an ID1-regulated zinc finger protein' 
_citation.journal_abbrev            'To be Published' 
_citation.journal_volume            ? 
_citation.page_first                ? 
_citation.page_last                 ? 
_citation.year                      ? 
_citation.journal_id_ASTM           ? 
_citation.country                   ? 
_citation.journal_id_ISSN           ? 
_citation.journal_id_CSD            0353 
_citation.book_publisher            ? 
_citation.pdbx_database_id_PubMed   ? 
_citation.pdbx_database_id_DOI      ? 
# 
loop_
_citation_author.citation_id 
_citation_author.name 
_citation_author.ordinal 
_citation_author.identifier_ORCID 
primary 'Tong, Y.'         1  ? 
primary 'Dimov, S.'        2  ? 
primary 'Shen, L.'         3  ? 
primary 'Zhu, H.'          4  ? 
primary 'Tempel, W.'       5  ? 
primary 'Landry, R.'       6  ? 
primary 'Arrowsmith, C.H.' 7  ? 
primary 'Edwards, A.M.'    8  ? 
primary 'Sundstrom, M.'    9  ? 
primary 'Weigelt, J.'      10 ? 
primary 'Bochkarev, A.'    11 ? 
primary 'Park, H.'         12 ? 
# 
_cell.length_a           41.027 
_cell.length_b           41.165 
_cell.length_c           72.808 
_cell.angle_alpha        90.00 
_cell.angle_beta         90.00 
_cell.angle_gamma        90.00 
_cell.entry_id           2P57 
_cell.pdbx_unique_axis   ? 
_cell.Z_PDB              4 
_cell.length_a_esd       ? 
_cell.length_b_esd       ? 
_cell.length_c_esd       ? 
_cell.angle_alpha_esd    ? 
_cell.angle_beta_esd     ? 
_cell.angle_gamma_esd    ? 
# 
_symmetry.space_group_name_H-M             'P 21 21 21' 
_symmetry.Int_Tables_number                19 
_symmetry.entry_id                         2P57 
_symmetry.pdbx_full_space_group_name_H-M   ? 
_symmetry.cell_setting                     ? 
_symmetry.space_group_name_Hall            ? 
# 
loop_
_entity.id 
_entity.type 
_entity.src_method 
_entity.pdbx_description 
_entity.formula_weight 
_entity.pdbx_number_of_molecules 
_entity.pdbx_ec 
_entity.pdbx_mutation 
_entity.pdbx_fragment 
_entity.details 
1 polymer     man 'GTPase-activating protein ZNF289' 16109.230 1  ? ? ? ? 
2 non-polymer syn 'ZINC ION'                         65.409    1  ? ? ? ? 
3 non-polymer syn 'UNKNOWN ATOM OR ION'              ?         3  ? ? ? ? 
4 water       nat water                              18.015    41 ? ? ? ? 
# 
_entity_poly.entity_id                      1 
_entity_poly.type                           'polypeptide(L)' 
_entity_poly.nstd_linkage                   no 
_entity_poly.nstd_monomer                   no 
_entity_poly.pdbx_seq_one_letter_code       
;MHHHHHHSSGLVPRGSAEPNKTEIQTLFKRLRAVPTNKACFDCGAKNPSWASITYGVFLCIDCSGVHRSLGVHLSFIRST
ELDSNWNWFQLRCMQVGGNANATAFFRQHGCTANDANTKYNSRAAQMYREKIRQLGSAALARHG
;
_entity_poly.pdbx_seq_one_letter_code_can   
;MHHHHHHSSGLVPRGSAEPNKTEIQTLFKRLRAVPTNKACFDCGAKNPSWASITYGVFLCIDCSGVHRSLGVHLSFIRST
ELDSNWNWFQLRCMQVGGNANATAFFRQHGCTANDANTKYNSRAAQMYREKIRQLGSAALARHG
;
_entity_poly.pdbx_strand_id                 A 
_entity_poly.pdbx_target_identifier         ? 
# 
loop_
_entity_poly_seq.entity_id 
_entity_poly_seq.num 
_entity_poly_seq.mon_id 
_entity_poly_seq.hetero 
1 1   MET n 
1 2   HIS n 
1 3   HIS n 
1 4   HIS n 
1 5   HIS n 
1 6   HIS n 
1 7   HIS n 
1 8   SER n 
1 9   SER n 
1 10  GLY n 
1 11  LEU n 
1 12  VAL n 
1 13  PRO n 
1 14  ARG n 
1 15  GLY n 
1 16  SER n 
1 17  ALA n 
1 18  GLU n 
1 19  PRO n 
1 20  ASN n 
1 21  LYS n 
1 22  THR n 
1 23  GLU n 
1 24  ILE n 
1 25  GLN n 
1 26  THR n 
1 27  LEU n 
1 28  PHE n 
1 29  LYS n 
1 30  ARG n 
1 31  LEU n 
1 32  ARG n 
1 33  ALA n 
1 34  VAL n 
1 35  PRO n 
1 36  THR n 
1 37  ASN n 
1 38  LYS n 
1 39  ALA n 
1 40  CYS n 
1 41  PHE n 
1 42  ASP n 
1 43  CYS n 
1 44  GLY n 
1 45  ALA n 
1 46  LYS n 
1 47  ASN n 
1 48  PRO n 
1 49  SER n 
1 50  TRP n 
1 51  ALA n 
1 52  SER n 
1 53  ILE n 
1 54  THR n 
1 55  TYR n 
1 56  GLY n 
1 57  VAL n 
1 58  PHE n 
1 59  LEU n 
1 60  CYS n 
1 61  ILE n 
1 62  ASP n 
1 63  CYS n 
1 64  SER n 
1 65  GLY n 
1 66  VAL n 
1 67  HIS n 
1 68  ARG n 
1 69  SER n 
1 70  LEU n 
1 71  GLY n 
1 72  VAL n 
1 73  HIS n 
1 74  LEU n 
1 75  SER n 
1 76  PHE n 
1 77  ILE n 
1 78  ARG n 
1 79  SER n 
1 80  THR n 
1 81  GLU n 
1 82  LEU n 
1 83  ASP n 
1 84  SER n 
1 85  ASN n 
1 86  TRP n 
1 87  ASN n 
1 88  TRP n 
1 89  PHE n 
1 90  GLN n 
1 91  LEU n 
1 92  ARG n 
1 93  CYS n 
1 94  MET n 
1 95  GLN n 
1 96  VAL n 
1 97  GLY n 
1 98  GLY n 
1 99  ASN n 
1 100 ALA n 
1 101 ASN n 
1 102 ALA n 
1 103 THR n 
1 104 ALA n 
1 105 PHE n 
1 106 PHE n 
1 107 ARG n 
1 108 GLN n 
1 109 HIS n 
1 110 GLY n 
1 111 CYS n 
1 112 THR n 
1 113 ALA n 
1 114 ASN n 
1 115 ASP n 
1 116 ALA n 
1 117 ASN n 
1 118 THR n 
1 119 LYS n 
1 120 TYR n 
1 121 ASN n 
1 122 SER n 
1 123 ARG n 
1 124 ALA n 
1 125 ALA n 
1 126 GLN n 
1 127 MET n 
1 128 TYR n 
1 129 ARG n 
1 130 GLU n 
1 131 LYS n 
1 132 ILE n 
1 133 ARG n 
1 134 GLN n 
1 135 LEU n 
1 136 GLY n 
1 137 SER n 
1 138 ALA n 
1 139 ALA n 
1 140 LEU n 
1 141 ALA n 
1 142 ARG n 
1 143 HIS n 
1 144 GLY n 
# 
_entity_src_gen.entity_id                          1 
_entity_src_gen.pdbx_src_id                        1 
_entity_src_gen.pdbx_alt_source_flag               sample 
_entity_src_gen.pdbx_seq_type                      ? 
_entity_src_gen.pdbx_beg_seq_num                   ? 
_entity_src_gen.pdbx_end_seq_num                   ? 
_entity_src_gen.gene_src_common_name               human 
_entity_src_gen.gene_src_genus                     Homo 
_entity_src_gen.pdbx_gene_src_gene                 ZNF289 
_entity_src_gen.gene_src_species                   ? 
_entity_src_gen.gene_src_strain                    ? 
_entity_src_gen.gene_src_tissue                    ? 
_entity_src_gen.gene_src_tissue_fraction           ? 
_entity_src_gen.gene_src_details                   ? 
_entity_src_gen.pdbx_gene_src_fragment             ? 
_entity_src_gen.pdbx_gene_src_scientific_name      'Homo sapiens' 
_entity_src_gen.pdbx_gene_src_ncbi_taxonomy_id     9606 
_entity_src_gen.pdbx_gene_src_variant              ? 
_entity_src_gen.pdbx_gene_src_cell_line            ? 
_entity_src_gen.pdbx_gene_src_atcc                 ? 
_entity_src_gen.pdbx_gene_src_organ                ? 
_entity_src_gen.pdbx_gene_src_organelle            ? 
_entity_src_gen.pdbx_gene_src_cell                 ? 
_entity_src_gen.pdbx_gene_src_cellular_location    ? 
_entity_src_gen.host_org_common_name               ? 
_entity_src_gen.pdbx_host_org_scientific_name      'Escherichia coli' 
_entity_src_gen.pdbx_host_org_ncbi_taxonomy_id     562 
_entity_src_gen.host_org_genus                     Escherichia 
_entity_src_gen.pdbx_host_org_gene                 ? 
_entity_src_gen.pdbx_host_org_organ                ? 
_entity_src_gen.host_org_species                   ? 
_entity_src_gen.pdbx_host_org_tissue               ? 
_entity_src_gen.pdbx_host_org_tissue_fraction      ? 
_entity_src_gen.pdbx_host_org_strain               'BL21-CodonPlus(DE3)-RIL' 
_entity_src_gen.pdbx_host_org_variant              ? 
_entity_src_gen.pdbx_host_org_cell_line            ? 
_entity_src_gen.pdbx_host_org_atcc                 ? 
_entity_src_gen.pdbx_host_org_culture_collection   ? 
_entity_src_gen.pdbx_host_org_cell                 ? 
_entity_src_gen.pdbx_host_org_organelle            ? 
_entity_src_gen.pdbx_host_org_cellular_location    ? 
_entity_src_gen.pdbx_host_org_vector_type          plasmid 
_entity_src_gen.pdbx_host_org_vector               ? 
_entity_src_gen.host_org_details                   ? 
_entity_src_gen.expression_system_id               ? 
_entity_src_gen.plasmid_name                       pET28a-LIC 
_entity_src_gen.plasmid_details                    ? 
_entity_src_gen.pdbx_description                   ? 
# 
_struct_ref.id                         1 
_struct_ref.db_name                    UNP 
_struct_ref.db_code                    ZN289_HUMAN 
_struct_ref.pdbx_db_accession          Q8N6H7 
_struct_ref.entity_id                  1 
_struct_ref.pdbx_seq_one_letter_code   
;AEPNKTEIQTLFKRLRAVPTNKACFDCGAKNPSWASITYGVFLCIDCSGVHRSLGVHLSFIRSTELDSNWNWFQLRCMQV
GGNANATAFFRQHGCTANDANTKYNSRAAQMYREKIRQLGSAALARHG
;
_struct_ref.pdbx_align_begin           3 
_struct_ref.pdbx_db_isoform            ? 
# 
_struct_ref_seq.align_id                      1 
_struct_ref_seq.ref_id                        1 
_struct_ref_seq.pdbx_PDB_id_code              2P57 
_struct_ref_seq.pdbx_strand_id                A 
_struct_ref_seq.seq_align_beg                 17 
_struct_ref_seq.pdbx_seq_align_beg_ins_code   ? 
_struct_ref_seq.seq_align_end                 144 
_struct_ref_seq.pdbx_seq_align_end_ins_code   ? 
_struct_ref_seq.pdbx_db_accession             Q8N6H7 
_struct_ref_seq.db_align_beg                  3 
_struct_ref_seq.pdbx_db_align_beg_ins_code    ? 
_struct_ref_seq.db_align_end                  130 
_struct_ref_seq.pdbx_db_align_end_ins_code    ? 
_struct_ref_seq.pdbx_auth_seq_align_beg       3 
_struct_ref_seq.pdbx_auth_seq_align_end       130 
# 
loop_
_struct_ref_seq_dif.align_id 
_struct_ref_seq_dif.pdbx_pdb_id_code 
_struct_ref_seq_dif.mon_id 
_struct_ref_seq_dif.pdbx_pdb_strand_id 
_struct_ref_seq_dif.seq_num 
_struct_ref_seq_dif.pdbx_pdb_ins_code 
_struct_ref_seq_dif.pdbx_seq_db_name 
_struct_ref_seq_dif.pdbx_seq_db_accession_code 
_struct_ref_seq_dif.db_mon_id 
_struct_ref_seq_dif.pdbx_seq_db_seq_num 
_struct_ref_seq_dif.details 
_struct_ref_seq_dif.pdbx_auth_seq_num 
_struct_ref_seq_dif.pdbx_ordinal 
1 2P57 MET A 1  ? UNP Q8N6H7 ? ? 'cloning artifact' -13 1  
1 2P57 HIS A 2  ? UNP Q8N6H7 ? ? 'expression tag'   -12 2  
1 2P57 HIS A 3  ? UNP Q8N6H7 ? ? 'expression tag'   -11 3  
1 2P57 HIS A 4  ? UNP Q8N6H7 ? ? 'expression tag'   -10 4  
1 2P57 HIS A 5  ? UNP Q8N6H7 ? ? 'expression tag'   -9  5  
1 2P57 HIS A 6  ? UNP Q8N6H7 ? ? 'expression tag'   -8  6  
1 2P57 HIS A 7  ? UNP Q8N6H7 ? ? 'expression tag'   -7  7  
1 2P57 SER A 8  ? UNP Q8N6H7 ? ? 'cloning artifact' -6  8  
1 2P57 SER A 9  ? UNP Q8N6H7 ? ? 'cloning artifact' -5  9  
1 2P57 GLY A 10 ? UNP Q8N6H7 ? ? 'cloning artifact' -4  10 
1 2P57 LEU A 11 ? UNP Q8N6H7 ? ? 'cloning artifact' -3  11 
1 2P57 VAL A 12 ? UNP Q8N6H7 ? ? 'cloning artifact' -2  12 
1 2P57 PRO A 13 ? UNP Q8N6H7 ? ? 'cloning artifact' -1  13 
1 2P57 ARG A 14 ? UNP Q8N6H7 ? ? 'cloning artifact' 0   14 
1 2P57 GLY A 15 ? UNP Q8N6H7 ? ? 'cloning artifact' 1   15 
1 2P57 SER A 16 ? UNP Q8N6H7 ? ? 'cloning artifact' 2   16 
# 
loop_
_chem_comp.id 
_chem_comp.type 
_chem_comp.mon_nstd_flag 
_chem_comp.name 
_chem_comp.pdbx_synonyms 
_chem_comp.formula 
_chem_comp.formula_weight 
ALA 'L-peptide linking' y ALANINE               ? 'C3 H7 N O2'     89.093  
ARG 'L-peptide linking' y ARGININE              ? 'C6 H15 N4 O2 1' 175.209 
ASN 'L-peptide linking' y ASPARAGINE            ? 'C4 H8 N2 O3'    132.118 
ASP 'L-peptide linking' y 'ASPARTIC ACID'       ? 'C4 H7 N O4'     133.103 
CYS 'L-peptide linking' y CYSTEINE              ? 'C3 H7 N O2 S'   121.158 
GLN 'L-peptide linking' y GLUTAMINE             ? 'C5 H10 N2 O3'   146.144 
GLU 'L-peptide linking' y 'GLUTAMIC ACID'       ? 'C5 H9 N O4'     147.129 
GLY 'peptide linking'   y GLYCINE               ? 'C2 H5 N O2'     75.067  
HIS 'L-peptide linking' y HISTIDINE             ? 'C6 H10 N3 O2 1' 156.162 
HOH non-polymer         . WATER                 ? 'H2 O'           18.015  
ILE 'L-peptide linking' y ISOLEUCINE            ? 'C6 H13 N O2'    131.173 
LEU 'L-peptide linking' y LEUCINE               ? 'C6 H13 N O2'    131.173 
LYS 'L-peptide linking' y LYSINE                ? 'C6 H15 N2 O2 1' 147.195 
MET 'L-peptide linking' y METHIONINE            ? 'C5 H11 N O2 S'  149.211 
PHE 'L-peptide linking' y PHENYLALANINE         ? 'C9 H11 N O2'    165.189 
PRO 'L-peptide linking' y PROLINE               ? 'C5 H9 N O2'     115.130 
SER 'L-peptide linking' y SERINE                ? 'C3 H7 N O3'     105.093 
THR 'L-peptide linking' y THREONINE             ? 'C4 H9 N O3'     119.119 
TRP 'L-peptide linking' y TRYPTOPHAN            ? 'C11 H12 N2 O2'  204.225 
TYR 'L-peptide linking' y TYROSINE              ? 'C9 H11 N O3'    181.189 
UNX non-polymer         . 'UNKNOWN ATOM OR ION' ? ?                ?       
VAL 'L-peptide linking' y VALINE                ? 'C5 H11 N O2'    117.146 
ZN  non-polymer         . 'ZINC ION'            ? 'Zn 2'           65.409  
# 
_exptl.crystals_number   1 
_exptl.method            'X-RAY DIFFRACTION' 
_exptl.entry_id          2P57 
# 
_exptl_crystal.id                    1 
_exptl_crystal.density_percent_sol   44.1 
_exptl_crystal.density_Matthews      2.2 
_exptl_crystal.density_meas          ? 
_exptl_crystal.description           ? 
_exptl_crystal.F_000                 ? 
_exptl_crystal.preparation           ? 
# 
_exptl_crystal_grow.crystal_id      1 
_exptl_crystal_grow.method          'VAPOR DIFFUSION, SITTING DROP' 
_exptl_crystal_grow.pH              4.6 
_exptl_crystal_grow.temp            291 
_exptl_crystal_grow.pdbx_details    
'3.2M sodium formate, .09M sodium acetate, pH 4.6, vapor diffusion, sitting drop, temperature 291K' 
_exptl_crystal_grow.temp_details    ? 
_exptl_crystal_grow.pdbx_pH_range   . 
# 
_diffrn.id                     1 
_diffrn.ambient_temp           100 
_diffrn.ambient_temp_details   ? 
_diffrn.crystal_id             1 
# 
_diffrn_detector.diffrn_id              1 
_diffrn_detector.detector               'IMAGE PLATE' 
_diffrn_detector.type                   'RIGAKU RAXIS' 
_diffrn_detector.pdbx_collection_date   2006-09-28 
_diffrn_detector.details                ? 
# 
_diffrn_radiation.diffrn_id                        1 
_diffrn_radiation.pdbx_diffrn_protocol             'SINGLE WAVELENGTH' 
_diffrn_radiation.monochromator                    ? 
_diffrn_radiation.wavelength_id                    1 
_diffrn_radiation.pdbx_monochromatic_or_laue_m_l   M 
_diffrn_radiation.pdbx_scattering_type             x-ray 
# 
_diffrn_radiation_wavelength.id           1 
_diffrn_radiation_wavelength.wavelength   1.5418 
_diffrn_radiation_wavelength.wt           1.0 
# 
_diffrn_source.diffrn_id                   1 
_diffrn_source.source                      'ROTATING ANODE' 
_diffrn_source.type                        'RIGAKU FR-E' 
_diffrn_source.pdbx_wavelength_list        1.5418 
_diffrn_source.pdbx_wavelength             ? 
_diffrn_source.pdbx_synchrotron_site       ? 
_diffrn_source.pdbx_synchrotron_beamline   ? 
# 
_reflns.entry_id                     2P57 
_reflns.d_resolution_high            1.800 
_reflns.d_resolution_low             50.000 
_reflns.number_obs                   11721 
_reflns.pdbx_Rmerge_I_obs            0.06 
_reflns.pdbx_netI_over_sigmaI        15.900 
_reflns.pdbx_chi_squared             1.737 
_reflns.pdbx_redundancy              5.400 
_reflns.percent_possible_obs         97.800 
_reflns.observed_criterion_sigma_F   ? 
_reflns.observed_criterion_sigma_I   ? 
_reflns.number_all                   ? 
_reflns.pdbx_Rsym_value              ? 
_reflns.B_iso_Wilson_estimate        ? 
_reflns.R_free_details               ? 
_reflns.limit_h_max                  ? 
_reflns.limit_h_min                  ? 
_reflns.limit_k_max                  ? 
_reflns.limit_k_min                  ? 
_reflns.limit_l_max                  ? 
_reflns.limit_l_min                  ? 
_reflns.observed_criterion_F_max     ? 
_reflns.observed_criterion_F_min     ? 
_reflns.pdbx_scaling_rejects         ? 
_reflns.pdbx_diffrn_id               1 
_reflns.pdbx_ordinal                 1 
# 
loop_
_reflns_shell.d_res_high 
_reflns_shell.d_res_low 
_reflns_shell.number_measured_obs 
_reflns_shell.number_measured_all 
_reflns_shell.number_unique_obs 
_reflns_shell.Rmerge_I_obs 
_reflns_shell.meanI_over_sigI_obs 
_reflns_shell.pdbx_Rsym_value 
_reflns_shell.pdbx_chi_squared 
_reflns_shell.pdbx_redundancy 
_reflns_shell.percent_possible_obs 
_reflns_shell.number_unique_all 
_reflns_shell.percent_possible_all 
_reflns_shell.pdbx_diffrn_id 
_reflns_shell.pdbx_ordinal 
1.80 1.86  ? ? 1129 0.504 ? ? 1.405 5.40 95.20 ? ? ? 1  
1.86 1.94  ? ? 1111 0.349 ? ? 1.774 5.40 96.50 ? ? ? 2  
1.94 2.03  ? ? 1130 0.268 ? ? 1.562 5.40 97.20 ? ? ? 3  
2.03 2.13  ? ? 1152 0.193 ? ? 1.741 5.40 97.20 ? ? ? 4  
2.13 2.27  ? ? 1151 0.138 ? ? 2.182 5.40 97.50 ? ? ? 5  
2.27 2.44  ? ? 1171 0.097 ? ? 1.709 5.40 98.00 ? ? ? 6  
2.44 2.69  ? ? 1164 0.08  ? ? 1.819 5.40 99.10 ? ? ? 7  
2.69 3.08  ? ? 1197 0.056 ? ? 1.718 5.40 98.80 ? ? ? 8  
3.08 3.88  ? ? 1214 0.038 ? ? 1.853 5.40 99.50 ? ? ? 9  
3.88 50.00 ? ? 1302 0.028 ? ? 1.603 5.10 98.90 ? ? ? 10 
# 
_refine.details                                  'HYDROGENS HAVE BEEN ADDED IN THE RIDING POSITIONS' 
_refine.B_iso_mean                               18.218 
_refine.aniso_B[1][1]                            0.699 
_refine.aniso_B[2][2]                            0.036 
_refine.aniso_B[3][3]                            -0.735 
_refine.aniso_B[1][2]                            0.000 
_refine.aniso_B[1][3]                            0.000 
_refine.aniso_B[2][3]                            0.000 
_refine.solvent_model_details                    'MASK BULK SOLVENT' 
_refine.pdbx_solvent_vdw_probe_radii             1.400 
_refine.pdbx_solvent_ion_probe_radii             0.800 
_refine.pdbx_solvent_shrinkage_radii             0.800 
_refine.ls_d_res_high                            1.800 
_refine.ls_d_res_low                             30.000 
_refine.ls_number_reflns_R_free                  559 
_refine.ls_number_reflns_obs                     11690 
_refine.ls_R_factor_R_work                       0.1955 
_refine.ls_R_factor_R_free                       0.2414 
_refine.ls_R_factor_all                          0.198 
_refine.ls_wR_factor_R_work                      0.185 
_refine.ls_wR_factor_R_free                      0.229 
_refine.ls_percent_reflns_obs                    97.914 
_refine.ls_percent_reflns_R_free                 4.782 
_refine.correlation_coeff_Fo_to_Fc               0.951 
_refine.correlation_coeff_Fo_to_Fc_free          0.930 
_refine.pdbx_overall_ESU_R                       0.138 
_refine.pdbx_overall_ESU_R_Free                  0.135 
_refine.overall_SU_ML                            0.081 
_refine.overall_SU_B                             2.524 
_refine.entry_id                                 2P57 
_refine.pdbx_ls_sigma_F                          ? 
_refine.pdbx_ls_sigma_I                          ? 
_refine.ls_number_reflns_all                     ? 
_refine.ls_R_factor_obs                          0.19773 
_refine.ls_redundancy_reflns_obs                 ? 
_refine.pdbx_data_cutoff_high_absF               ? 
_refine.pdbx_data_cutoff_low_absF                ? 
_refine.ls_number_parameters                     ? 
_refine.ls_number_restraints                     ? 
_refine.ls_R_factor_R_free_error                 ? 
_refine.ls_R_factor_R_free_error_details         ? 
_refine.pdbx_method_to_determine_struct          'MOLECULAR REPLACEMENT' 
_refine.pdbx_starting_model                      'pdb entry 2CRW' 
_refine.pdbx_ls_cross_valid_method               ? 
_refine.pdbx_R_Free_selection_details            random 
_refine.pdbx_stereochem_target_val_spec_case     ? 
_refine.pdbx_stereochemistry_target_values       ? 
_refine.solvent_model_param_bsol                 ? 
_refine.solvent_model_param_ksol                 ? 
_refine.occupancy_max                            ? 
_refine.occupancy_min                            ? 
_refine.pdbx_isotropic_thermal_model             ? 
_refine.B_iso_min                                ? 
_refine.B_iso_max                                ? 
_refine.overall_SU_R_Cruickshank_DPI             ? 
_refine.overall_SU_R_free                        ? 
_refine.pdbx_data_cutoff_high_rms_absF           ? 
_refine.overall_FOM_free_R_set                   ? 
_refine.overall_FOM_work_R_set                   ? 
_refine.pdbx_refine_id                           'X-RAY DIFFRACTION' 
_refine.pdbx_diffrn_id                           1 
_refine.pdbx_TLS_residual_ADP_flag               ? 
_refine.pdbx_overall_phase_error                 ? 
_refine.pdbx_overall_SU_R_free_Cruickshank_DPI   ? 
_refine.pdbx_overall_SU_R_Blow_DPI               ? 
_refine.pdbx_overall_SU_R_free_Blow_DPI          ? 
# 
_refine_hist.pdbx_refine_id                   'X-RAY DIFFRACTION' 
_refine_hist.cycle_id                         LAST 
_refine_hist.pdbx_number_atoms_protein        981 
_refine_hist.pdbx_number_atoms_nucleic_acid   0 
_refine_hist.pdbx_number_atoms_ligand         4 
_refine_hist.number_atoms_solvent             41 
_refine_hist.number_atoms_total               1026 
_refine_hist.d_res_high                       1.800 
_refine_hist.d_res_low                        30.000 
# 
loop_
_refine_ls_restr.type 
_refine_ls_restr.number 
_refine_ls_restr.dev_ideal 
_refine_ls_restr.dev_ideal_target 
_refine_ls_restr.weight 
_refine_ls_restr.pdbx_refine_id 
_refine_ls_restr.pdbx_restraint_function 
r_bond_refined_d         1008 0.017  0.021  ? 'X-RAY DIFFRACTION' ? 
r_bond_other_d           678  0.001  0.020  ? 'X-RAY DIFFRACTION' ? 
r_angle_refined_deg      1372 1.371  1.901  ? 'X-RAY DIFFRACTION' ? 
r_angle_other_deg        1634 0.998  3.000  ? 'X-RAY DIFFRACTION' ? 
r_dihedral_angle_1_deg   133  5.563  5.000  ? 'X-RAY DIFFRACTION' ? 
r_dihedral_angle_2_deg   48   30.391 22.708 ? 'X-RAY DIFFRACTION' ? 
r_dihedral_angle_3_deg   157  12.627 15.000 ? 'X-RAY DIFFRACTION' ? 
r_dihedral_angle_4_deg   9    21.185 15.000 ? 'X-RAY DIFFRACTION' ? 
r_chiral_restr           147  0.092  0.200  ? 'X-RAY DIFFRACTION' ? 
r_gen_planes_refined     1173 0.008  0.020  ? 'X-RAY DIFFRACTION' ? 
r_gen_planes_other       233  0.003  0.020  ? 'X-RAY DIFFRACTION' ? 
r_nbd_refined            215  0.215  0.200  ? 'X-RAY DIFFRACTION' ? 
r_nbd_other              700  0.192  0.200  ? 'X-RAY DIFFRACTION' ? 
r_nbtor_refined          499  0.184  0.200  ? 'X-RAY DIFFRACTION' ? 
r_nbtor_other            513  0.085  0.200  ? 'X-RAY DIFFRACTION' ? 
r_xyhbond_nbd_refined    38   0.141  0.200  ? 'X-RAY DIFFRACTION' ? 
r_symmetry_vdw_refined   7    0.159  0.200  ? 'X-RAY DIFFRACTION' ? 
r_symmetry_vdw_other     28   0.324  0.200  ? 'X-RAY DIFFRACTION' ? 
r_symmetry_hbond_refined 3    0.121  0.200  ? 'X-RAY DIFFRACTION' ? 
r_mcbond_it              649  1.121  1.500  ? 'X-RAY DIFFRACTION' ? 
r_mcbond_other           259  0.272  1.500  ? 'X-RAY DIFFRACTION' ? 
r_mcangle_it             1016 1.694  2.000  ? 'X-RAY DIFFRACTION' ? 
r_scbond_it              410  2.383  3.000  ? 'X-RAY DIFFRACTION' ? 
r_scangle_it             353  3.559  4.500  ? 'X-RAY DIFFRACTION' ? 
# 
loop_
_refine_ls_shell.pdbx_total_number_of_bins_used 
_refine_ls_shell.d_res_low 
_refine_ls_shell.d_res_high 
_refine_ls_shell.number_reflns_all 
_refine_ls_shell.percent_reflns_obs 
_refine_ls_shell.number_reflns_R_work 
_refine_ls_shell.R_factor_R_work 
_refine_ls_shell.R_factor_all 
_refine_ls_shell.number_reflns_R_free 
_refine_ls_shell.R_factor_R_free 
_refine_ls_shell.number_reflns_obs 
_refine_ls_shell.R_factor_R_free_error 
_refine_ls_shell.percent_reflns_R_free 
_refine_ls_shell.redundancy_reflns_obs 
_refine_ls_shell.pdbx_refine_id 
20 1.847  1.800 839 95.352  763 0.258 0.266 37 0.42  . . . . 'X-RAY DIFFRACTION' 
20 1.897  1.847 856 96.846  784 0.231 0.234 45 0.278 . . . . 'X-RAY DIFFRACTION' 
20 1.952  1.897 827 94.800  745 0.211 0.210 39 0.187 . . . . 'X-RAY DIFFRACTION' 
20 2.012  1.952 777 98.584  732 0.195 0.196 34 0.221 . . . . 'X-RAY DIFFRACTION' 
20 2.077  2.012 791 96.460  731 0.186 0.187 32 0.224 . . . . 'X-RAY DIFFRACTION' 
20 2.150  2.077 748 97.059  691 0.186 0.189 35 0.26  . . . . 'X-RAY DIFFRACTION' 
20 2.231  2.150 707 99.010  659 0.179 0.185 41 0.28  . . . . 'X-RAY DIFFRACTION' 
20 2.321  2.231 710 96.901  656 0.183 0.186 32 0.239 . . . . 'X-RAY DIFFRACTION' 
20 2.424  2.321 681 97.797  641 0.177 0.177 25 0.191 . . . . 'X-RAY DIFFRACTION' 
20 2.541  2.424 636 99.686  611 0.199 0.199 23 0.185 . . . . 'X-RAY DIFFRACTION' 
20 2.678  2.541 606 98.515  562 0.188 0.194 35 0.284 . . . . 'X-RAY DIFFRACTION' 
20 2.839  2.678 570 98.772  528 0.216 0.221 35 0.311 . . . . 'X-RAY DIFFRACTION' 
20 3.033  2.839 570 98.947  535 0.222 0.221 29 0.218 . . . . 'X-RAY DIFFRACTION' 
20 3.273  3.033 505 99.604  480 0.207 0.210 23 0.283 . . . . 'X-RAY DIFFRACTION' 
20 3.581  3.273 489 99.591  466 0.193 0.191 21 0.153 . . . . 'X-RAY DIFFRACTION' 
20 3.996  3.581 441 100.000 422 0.185 0.185 19 0.174 . . . . 'X-RAY DIFFRACTION' 
20 4.601  3.996 400 99.750  381 0.151 0.154 18 0.226 . . . . 'X-RAY DIFFRACTION' 
20 5.602  4.601 334 100.000 325 0.185 0.187 9  0.262 . . . . 'X-RAY DIFFRACTION' 
20 7.788  5.602 276 100.000 259 0.247 0.251 17 0.319 . . . . 'X-RAY DIFFRACTION' 
20 30.000 7.788 176 96.591  160 0.207 0.211 10 0.272 . . . . 'X-RAY DIFFRACTION' 
# 
_struct.entry_id                  2P57 
_struct.title                     'GAP domain of ZNF289, an ID1-regulated zinc finger protein' 
_struct.pdbx_model_details        ? 
_struct.pdbx_CASP_flag            ? 
_struct.pdbx_model_type_details   ? 
# 
_struct_keywords.text            
'zinc finger, GAP, GTPASE activating protein, STRUCTURAL GENOMICS, STRUCTURAL GENOMICS CONSORTIUM, SGC, METAL BINDING PROTEIN' 
_struct_keywords.entry_id        2P57 
_struct_keywords.pdbx_keywords   'METAL BINDING PROTEIN' 
# 
loop_
_struct_asym.id 
_struct_asym.pdbx_blank_PDB_chainid_flag 
_struct_asym.pdbx_modified 
_struct_asym.entity_id 
_struct_asym.details 
A N N 1 ? 
B N N 2 ? 
C N N 3 ? 
D N N 3 ? 
E N N 3 ? 
F N N 4 ? 
# 
_struct_biol.id                    1 
_struct_biol.details               'not known' 
_struct_biol.pdbx_parent_biol_id   ? 
# 
loop_
_struct_conf.conf_type_id 
_struct_conf.id 
_struct_conf.pdbx_PDB_helix_id 
_struct_conf.beg_label_comp_id 
_struct_conf.beg_label_asym_id 
_struct_conf.beg_label_seq_id 
_struct_conf.pdbx_beg_PDB_ins_code 
_struct_conf.end_label_comp_id 
_struct_conf.end_label_asym_id 
_struct_conf.end_label_seq_id 
_struct_conf.pdbx_end_PDB_ins_code 
_struct_conf.beg_auth_comp_id 
_struct_conf.beg_auth_asym_id 
_struct_conf.beg_auth_seq_id 
_struct_conf.end_auth_comp_id 
_struct_conf.end_auth_asym_id 
_struct_conf.end_auth_seq_id 
_struct_conf.pdbx_PDB_helix_class 
_struct_conf.details 
_struct_conf.pdbx_PDB_helix_length 
HELX_P HELX_P1 1 ASN A 20  ? VAL A 34  ? ASN A 6   VAL A 20  1 ? 15 
HELX_P HELX_P2 2 PRO A 35  ? ALA A 39  ? PRO A 21  ALA A 25  5 ? 5  
HELX_P HELX_P3 3 CYS A 60  ? GLY A 71  ? CYS A 46  GLY A 57  1 ? 12 
HELX_P HELX_P4 4 ASN A 87  ? GLY A 97  ? ASN A 73  GLY A 83  1 ? 11 
HELX_P HELX_P5 5 GLY A 98  ? HIS A 109 ? GLY A 84  HIS A 95  1 ? 12 
HELX_P HELX_P6 6 ASP A 115 ? ASN A 121 ? ASP A 101 ASN A 107 1 ? 7  
HELX_P HELX_P7 7 SER A 122 ? ALA A 139 ? SER A 108 ALA A 125 1 ? 18 
# 
_struct_conf_type.id          HELX_P 
_struct_conf_type.criteria    ? 
_struct_conf_type.reference   ? 
# 
loop_
_struct_conn.id 
_struct_conn.conn_type_id 
_struct_conn.pdbx_leaving_atom_flag 
_struct_conn.pdbx_PDB_id 
_struct_conn.ptnr1_label_asym_id 
_struct_conn.ptnr1_label_comp_id 
_struct_conn.ptnr1_label_seq_id 
_struct_conn.ptnr1_label_atom_id 
_struct_conn.pdbx_ptnr1_label_alt_id 
_struct_conn.pdbx_ptnr1_PDB_ins_code 
_struct_conn.pdbx_ptnr1_standard_comp_id 
_struct_conn.ptnr1_symmetry 
_struct_conn.ptnr2_label_asym_id 
_struct_conn.ptnr2_label_comp_id 
_struct_conn.ptnr2_label_seq_id 
_struct_conn.ptnr2_label_atom_id 
_struct_conn.pdbx_ptnr2_label_alt_id 
_struct_conn.pdbx_ptnr2_PDB_ins_code 
_struct_conn.ptnr1_auth_asym_id 
_struct_conn.ptnr1_auth_comp_id 
_struct_conn.ptnr1_auth_seq_id 
_struct_conn.ptnr2_auth_asym_id 
_struct_conn.ptnr2_auth_comp_id 
_struct_conn.ptnr2_auth_seq_id 
_struct_conn.ptnr2_symmetry 
_struct_conn.pdbx_ptnr3_label_atom_id 
_struct_conn.pdbx_ptnr3_label_seq_id 
_struct_conn.pdbx_ptnr3_label_comp_id 
_struct_conn.pdbx_ptnr3_label_asym_id 
_struct_conn.pdbx_ptnr3_label_alt_id 
_struct_conn.pdbx_ptnr3_PDB_ins_code 
_struct_conn.details 
_struct_conn.pdbx_dist_value 
_struct_conn.pdbx_value_order 
_struct_conn.pdbx_role 
metalc1 metalc ? ? A CYS 40 SG ? ? ? 1_555 B ZN . ZN ? ? A CYS 26 A ZN 201 1_555 ? ? ? ? ? ? ? 2.328 ? ? 
metalc2 metalc ? ? A CYS 43 SG ? ? ? 1_555 B ZN . ZN ? ? A CYS 29 A ZN 201 1_555 ? ? ? ? ? ? ? 2.345 ? ? 
metalc3 metalc ? ? A CYS 60 SG ? ? ? 1_555 B ZN . ZN ? ? A CYS 46 A ZN 201 1_555 ? ? ? ? ? ? ? 2.427 ? ? 
metalc4 metalc ? ? A CYS 63 SG ? ? ? 1_555 B ZN . ZN ? ? A CYS 49 A ZN 201 1_555 ? ? ? ? ? ? ? 2.321 ? ? 
# 
_struct_conn_type.id          metalc 
_struct_conn_type.criteria    ? 
_struct_conn_type.reference   ? 
# 
_struct_sheet.id               A 
_struct_sheet.type             ? 
_struct_sheet.number_strands   3 
_struct_sheet.details          ? 
# 
loop_
_struct_sheet_order.sheet_id 
_struct_sheet_order.range_id_1 
_struct_sheet_order.range_id_2 
_struct_sheet_order.offset 
_struct_sheet_order.sense 
A 1 2 ? anti-parallel 
A 2 3 ? anti-parallel 
# 
loop_
_struct_sheet_range.sheet_id 
_struct_sheet_range.id 
_struct_sheet_range.beg_label_comp_id 
_struct_sheet_range.beg_label_asym_id 
_struct_sheet_range.beg_label_seq_id 
_struct_sheet_range.pdbx_beg_PDB_ins_code 
_struct_sheet_range.end_label_comp_id 
_struct_sheet_range.end_label_asym_id 
_struct_sheet_range.end_label_seq_id 
_struct_sheet_range.pdbx_end_PDB_ins_code 
_struct_sheet_range.beg_auth_comp_id 
_struct_sheet_range.beg_auth_asym_id 
_struct_sheet_range.beg_auth_seq_id 
_struct_sheet_range.end_auth_comp_id 
_struct_sheet_range.end_auth_asym_id 
_struct_sheet_range.end_auth_seq_id 
A 1 VAL A 57 ? LEU A 59 ? VAL A 43 LEU A 45 
A 2 TRP A 50 ? SER A 52 ? TRP A 36 SER A 38 
A 3 ILE A 77 ? SER A 79 ? ILE A 63 SER A 65 
# 
loop_
_pdbx_struct_sheet_hbond.sheet_id 
_pdbx_struct_sheet_hbond.range_id_1 
_pdbx_struct_sheet_hbond.range_id_2 
_pdbx_struct_sheet_hbond.range_1_label_atom_id 
_pdbx_struct_sheet_hbond.range_1_label_comp_id 
_pdbx_struct_sheet_hbond.range_1_label_asym_id 
_pdbx_struct_sheet_hbond.range_1_label_seq_id 
_pdbx_struct_sheet_hbond.range_1_PDB_ins_code 
_pdbx_struct_sheet_hbond.range_1_auth_atom_id 
_pdbx_struct_sheet_hbond.range_1_auth_comp_id 
_pdbx_struct_sheet_hbond.range_1_auth_asym_id 
_pdbx_struct_sheet_hbond.range_1_auth_seq_id 
_pdbx_struct_sheet_hbond.range_2_label_atom_id 
_pdbx_struct_sheet_hbond.range_2_label_comp_id 
_pdbx_struct_sheet_hbond.range_2_label_asym_id 
_pdbx_struct_sheet_hbond.range_2_label_seq_id 
_pdbx_struct_sheet_hbond.range_2_PDB_ins_code 
_pdbx_struct_sheet_hbond.range_2_auth_atom_id 
_pdbx_struct_sheet_hbond.range_2_auth_comp_id 
_pdbx_struct_sheet_hbond.range_2_auth_asym_id 
_pdbx_struct_sheet_hbond.range_2_auth_seq_id 
A 1 2 O LEU A 59 ? O LEU A 45 N TRP A 50 ? N TRP A 36 
A 2 3 N ALA A 51 ? N ALA A 37 O ARG A 78 ? O ARG A 64 
# 
loop_
_struct_site.id 
_struct_site.pdbx_evidence_code 
_struct_site.pdbx_auth_asym_id 
_struct_site.pdbx_auth_comp_id 
_struct_site.pdbx_auth_seq_id 
_struct_site.pdbx_auth_ins_code 
_struct_site.pdbx_num_residues 
_struct_site.details 
AC1 Software A ZN  201 ? 4 'BINDING SITE FOR RESIDUE ZN A 201'  
AC2 Software A UNX 202 ? 3 'BINDING SITE FOR RESIDUE UNX A 202' 
AC3 Software A UNX 203 ? 3 'BINDING SITE FOR RESIDUE UNX A 203' 
AC4 Software A UNX 204 ? 4 'BINDING SITE FOR RESIDUE UNX A 204' 
# 
loop_
_struct_site_gen.id 
_struct_site_gen.site_id 
_struct_site_gen.pdbx_num_res 
_struct_site_gen.label_comp_id 
_struct_site_gen.label_asym_id 
_struct_site_gen.label_seq_id 
_struct_site_gen.pdbx_auth_ins_code 
_struct_site_gen.auth_comp_id 
_struct_site_gen.auth_asym_id 
_struct_site_gen.auth_seq_id 
_struct_site_gen.label_atom_id 
_struct_site_gen.label_alt_id 
_struct_site_gen.symmetry 
_struct_site_gen.details 
1  AC1 4 CYS A 40  ? CYS A 26  . ? 1_555 ? 
2  AC1 4 CYS A 43  ? CYS A 29  . ? 1_555 ? 
3  AC1 4 CYS A 60  ? CYS A 46  . ? 1_555 ? 
4  AC1 4 CYS A 63  ? CYS A 49  . ? 1_555 ? 
5  AC2 3 LEU A 140 ? LEU A 126 . ? 1_555 ? 
6  AC2 3 ALA A 141 ? ALA A 127 . ? 1_555 ? 
7  AC2 3 HOH F .   ? HOH A 310 . ? 4_455 ? 
8  AC3 3 ASN A 87  ? ASN A 73  . ? 4_555 ? 
9  AC3 3 TRP A 88  ? TRP A 74  . ? 4_555 ? 
10 AC3 3 HOH F .   ? HOH A 303 . ? 1_555 ? 
11 AC4 4 ASN A 47  ? ASN A 33  . ? 1_555 ? 
12 AC4 4 SER A 49  ? SER A 35  . ? 1_555 ? 
13 AC4 4 CYS A 60  ? CYS A 46  . ? 1_555 ? 
14 AC4 4 ILE A 61  ? ILE A 47  . ? 1_555 ? 
# 
_atom_sites.entry_id                    2P57 
_atom_sites.fract_transf_matrix[1][1]   -0.01421309 
_atom_sites.fract_transf_matrix[1][2]   0.01093079 
_atom_sites.fract_transf_matrix[1][3]   0.01650463 
_atom_sites.fract_transf_matrix[2][1]   0.00240062 
_atom_sites.fract_transf_matrix[2][2]   0.02105261 
_atom_sites.fract_transf_matrix[2][3]   -0.01187555 
_atom_sites.fract_transf_matrix[3][1]   -0.01107827 
_atom_sites.fract_transf_matrix[3][2]   -0.00299816 
_atom_sites.fract_transf_matrix[3][3]   -0.00755450 
_atom_sites.fract_transf_vector[1]      0.168230 
_atom_sites.fract_transf_vector[2]      0.259904 
_atom_sites.fract_transf_vector[3]      0.119867 
# 
loop_
_atom_type.symbol 
C  
N  
O  
S  
X  
ZN 
# 
loop_
_atom_site.group_PDB 
_atom_site.id 
_atom_site.type_symbol 
_atom_site.label_atom_id 
_atom_site.label_alt_id 
_atom_site.label_comp_id 
_atom_site.label_asym_id 
_atom_site.label_entity_id 
_atom_site.label_seq_id 
_atom_site.pdbx_PDB_ins_code 
_atom_site.Cartn_x 
_atom_site.Cartn_y 
_atom_site.Cartn_z 
_atom_site.occupancy 
_atom_site.B_iso_or_equiv 
_atom_site.pdbx_formal_charge 
_atom_site.auth_seq_id 
_atom_site.auth_comp_id 
_atom_site.auth_asym_id 
_atom_site.auth_atom_id 
_atom_site.pdbx_PDB_model_num 
ATOM   1    N  N   . GLU A 1 18  ? 15.347  11.971  -8.421  1.00 40.68 ? 4   GLU A N   1 
ATOM   2    C  CA  . GLU A 1 18  ? 14.405  11.540  -7.346  1.00 40.37 ? 4   GLU A CA  1 
ATOM   3    C  C   . GLU A 1 18  ? 13.185  12.455  -7.352  1.00 39.55 ? 4   GLU A C   1 
ATOM   4    O  O   . GLU A 1 18  ? 13.318  13.647  -7.599  1.00 39.32 ? 4   GLU A O   1 
ATOM   5    C  CB  . GLU A 1 18  ? 15.101  11.576  -5.982  1.00 41.04 ? 4   GLU A CB  1 
ATOM   6    C  CG  . GLU A 1 18  ? 16.099  10.434  -5.757  1.00 41.17 ? 4   GLU A CG  1 
ATOM   7    N  N   . PRO A 1 19  ? 11.982  11.910  -7.057  1.00 38.67 ? 5   PRO A N   1 
ATOM   8    C  CA  . PRO A 1 19  ? 10.802  12.753  -7.162  1.00 37.93 ? 5   PRO A CA  1 
ATOM   9    C  C   . PRO A 1 19  ? 10.923  13.935  -6.223  1.00 38.23 ? 5   PRO A C   1 
ATOM   10   O  O   . PRO A 1 19  ? 11.448  13.774  -5.133  1.00 38.30 ? 5   PRO A O   1 
ATOM   11   C  CB  . PRO A 1 19  ? 9.646   11.841  -6.692  1.00 37.92 ? 5   PRO A CB  1 
ATOM   12   C  CG  . PRO A 1 19  ? 10.214  10.520  -6.439  1.00 37.66 ? 5   PRO A CG  1 
ATOM   13   C  CD  . PRO A 1 19  ? 11.678  10.543  -6.578  1.00 38.16 ? 5   PRO A CD  1 
ATOM   14   N  N   . ASN A 1 20  ? 10.415  15.097  -6.629  1.00 38.43 ? 6   ASN A N   1 
ATOM   15   C  CA  . ASN A 1 20  ? 10.347  16.265  -5.735  1.00 38.37 ? 6   ASN A CA  1 
ATOM   16   C  C   . ASN A 1 20  ? 8.988   16.365  -5.041  1.00 38.21 ? 6   ASN A C   1 
ATOM   17   O  O   . ASN A 1 20  ? 8.081   15.568  -5.319  1.00 37.28 ? 6   ASN A O   1 
ATOM   18   C  CB  . ASN A 1 20  ? 10.711  17.558  -6.499  1.00 38.57 ? 6   ASN A CB  1 
ATOM   19   C  CG  . ASN A 1 20  ? 9.841   17.797  -7.714  1.00 38.77 ? 6   ASN A CG  1 
ATOM   20   O  OD1 . ASN A 1 20  ? 8.618   17.867  -7.618  1.00 37.17 ? 6   ASN A OD1 1 
ATOM   21   N  ND2 . ASN A 1 20  ? 10.479  17.934  -8.876  1.00 41.67 ? 6   ASN A ND2 1 
ATOM   22   N  N   . LYS A 1 21  ? 8.836   17.352  -4.144  1.00 38.32 ? 7   LYS A N   1 
ATOM   23   C  CA  . LYS A 1 21  ? 7.586   17.543  -3.370  1.00 38.15 ? 7   LYS A CA  1 
ATOM   24   C  C   . LYS A 1 21  ? 6.322   17.700  -4.206  1.00 37.44 ? 7   LYS A C   1 
ATOM   25   O  O   . LYS A 1 21  ? 5.287   17.176  -3.852  1.00 38.23 ? 7   LYS A O   1 
ATOM   26   C  CB  . LYS A 1 21  ? 7.710   18.757  -2.432  1.00 38.17 ? 7   LYS A CB  1 
ATOM   27   C  CG  . LYS A 1 21  ? 6.411   19.155  -1.745  1.00 39.75 ? 7   LYS A CG  1 
ATOM   28   N  N   . THR A 1 22  ? 6.391   18.458  -5.293  1.00 36.77 ? 8   THR A N   1 
ATOM   29   C  CA  . THR A 1 22  ? 5.219   18.724  -6.103  1.00 35.89 ? 8   THR A CA  1 
ATOM   30   C  C   . THR A 1 22  ? 4.808   17.432  -6.792  1.00 34.76 ? 8   THR A C   1 
ATOM   31   O  O   . THR A 1 22  ? 3.643   17.124  -6.859  1.00 34.97 ? 8   THR A O   1 
ATOM   32   C  CB  . THR A 1 22  ? 5.487   19.844  -7.182  1.00 36.26 ? 8   THR A CB  1 
ATOM   33   O  OG1 . THR A 1 22  ? 5.694   21.099  -6.515  1.00 37.39 ? 8   THR A OG1 1 
ATOM   34   C  CG2 . THR A 1 22  ? 4.335   19.964  -8.141  1.00 34.03 ? 8   THR A CG2 1 
ATOM   35   N  N   . GLU A 1 23  ? 5.791   16.704  -7.316  1.00 33.62 ? 9   GLU A N   1 
ATOM   36   C  CA  . GLU A 1 23  ? 5.560   15.408  -7.991  1.00 32.63 ? 9   GLU A CA  1 
ATOM   37   C  C   . GLU A 1 23  ? 4.896   14.384  -7.030  1.00 30.72 ? 9   GLU A C   1 
ATOM   38   O  O   . GLU A 1 23  ? 3.871   13.782  -7.360  1.00 30.87 ? 9   GLU A O   1 
ATOM   39   C  CB  . GLU A 1 23  ? 6.881   14.850  -8.520  1.00 32.37 ? 9   GLU A CB  1 
ATOM   40   C  CG  . GLU A 1 23  ? 7.507   15.681  -9.632  1.00 33.86 ? 9   GLU A CG  1 
ATOM   41   C  CD  . GLU A 1 23  ? 8.881   15.224  -10.015 1.00 34.08 ? 9   GLU A CD  1 
ATOM   42   O  OE1 . GLU A 1 23  ? 9.705   14.919  -9.122  1.00 38.89 ? 9   GLU A OE1 1 
ATOM   43   O  OE2 . GLU A 1 23  ? 9.161   15.176  -11.231 1.00 38.83 ? 9   GLU A OE2 1 
ATOM   44   N  N   . ILE A 1 24  ? 5.448   14.259  -5.829  1.00 29.72 ? 10  ILE A N   1 
ATOM   45   C  CA  . ILE A 1 24  ? 4.838   13.423  -4.761  1.00 28.24 ? 10  ILE A CA  1 
ATOM   46   C  C   . ILE A 1 24  ? 3.412   13.883  -4.411  1.00 28.04 ? 10  ILE A C   1 
ATOM   47   O  O   . ILE A 1 24  ? 2.463   13.097  -4.449  1.00 25.08 ? 10  ILE A O   1 
ATOM   48   C  CB  . ILE A 1 24  ? 5.746   13.378  -3.506  1.00 29.04 ? 10  ILE A CB  1 
ATOM   49   C  CG1 . ILE A 1 24  ? 7.112   12.776  -3.855  1.00 27.89 ? 10  ILE A CG1 1 
ATOM   50   C  CG2 . ILE A 1 24  ? 5.057   12.619  -2.321  1.00 27.53 ? 10  ILE A CG2 1 
ATOM   51   C  CD1 . ILE A 1 24  ? 8.173   12.988  -2.780  1.00 28.45 ? 10  ILE A CD1 1 
ATOM   52   N  N   . GLN A 1 25  ? 3.242   15.170  -4.067  1.00 27.05 ? 11  GLN A N   1 
ATOM   53   C  CA  . GLN A 1 25  ? 1.923   15.695  -3.732  1.00 28.02 ? 11  GLN A CA  1 
ATOM   54   C  C   . GLN A 1 25  ? 0.904   15.587  -4.856  1.00 27.49 ? 11  GLN A C   1 
ATOM   55   O  O   . GLN A 1 25  ? -0.201  15.199  -4.646  1.00 27.46 ? 11  GLN A O   1 
ATOM   56   C  CB  . GLN A 1 25  ? 2.030   17.166  -3.292  1.00 28.16 ? 11  GLN A CB  1 
ATOM   57   C  CG  . GLN A 1 25  ? 2.752   17.324  -2.012  1.00 30.17 ? 11  GLN A CG  1 
ATOM   58   N  N   . THR A 1 26  ? 1.300   15.932  -6.066  1.00 28.05 ? 12  THR A N   1 
ATOM   59   C  CA  . THR A 1 26  ? 0.400   15.827  -7.198  1.00 28.94 ? 12  THR A CA  1 
ATOM   60   C  C   . THR A 1 26  ? -0.106  14.385  -7.402  1.00 27.04 ? 12  THR A C   1 
ATOM   61   O  O   . THR A 1 26  ? -1.291  14.120  -7.587  1.00 25.31 ? 12  THR A O   1 
ATOM   62   C  CB  . THR A 1 26  ? 1.126   16.318  -8.445  1.00 29.83 ? 12  THR A CB  1 
ATOM   63   O  OG1 . THR A 1 26  ? 1.394   17.735  -8.285  1.00 34.47 ? 12  THR A OG1 1 
ATOM   64   C  CG2 . THR A 1 26  ? 0.296   16.056  -9.666  1.00 31.44 ? 12  THR A CG2 1 
ATOM   65   N  N   . LEU A 1 27  ? 0.816   13.447  -7.336  1.00 26.61 ? 13  LEU A N   1 
ATOM   66   C  CA  . LEU A 1 27  ? 0.448   12.041  -7.491  1.00 25.36 ? 13  LEU A CA  1 
ATOM   67   C  C   . LEU A 1 27  ? -0.502  11.563  -6.387  1.00 24.21 ? 13  LEU A C   1 
ATOM   68   O  O   . LEU A 1 27  ? -1.515  10.938  -6.667  1.00 24.24 ? 13  LEU A O   1 
ATOM   69   C  CB  . LEU A 1 27  ? 1.723   11.173  -7.552  1.00 25.17 ? 13  LEU A CB  1 
ATOM   70   C  CG  . LEU A 1 27  ? 1.428   9.670   -7.656  1.00 26.30 ? 13  LEU A CG  1 
ATOM   71   C  CD1 . LEU A 1 27  ? 0.531   9.387   -8.864  1.00 30.01 ? 13  LEU A CD1 1 
ATOM   72   C  CD2 . LEU A 1 27  ? 2.695   8.861   -7.768  1.00 26.31 ? 13  LEU A CD2 1 
ATOM   73   N  N   . PHE A 1 28  ? -0.196  11.834  -5.114  1.00 24.72 ? 14  PHE A N   1 
ATOM   74   C  CA  . PHE A 1 28  ? -1.100  11.388  -4.058  1.00 23.92 ? 14  PHE A CA  1 
ATOM   75   C  C   . PHE A 1 28  ? -2.465  12.058  -4.039  1.00 24.39 ? 14  PHE A C   1 
ATOM   76   O  O   . PHE A 1 28  ? -3.449  11.445  -3.664  1.00 23.18 ? 14  PHE A O   1 
ATOM   77   C  CB  . PHE A 1 28  ? -0.438  11.455  -2.682  1.00 23.41 ? 14  PHE A CB  1 
ATOM   78   C  CG  . PHE A 1 28  ? 0.550   10.363  -2.459  1.00 21.50 ? 14  PHE A CG  1 
ATOM   79   C  CD1 . PHE A 1 28  ? 0.144   9.014   -2.542  1.00 21.06 ? 14  PHE A CD1 1 
ATOM   80   C  CD2 . PHE A 1 28  ? 1.866   10.652  -2.171  1.00 21.15 ? 14  PHE A CD2 1 
ATOM   81   C  CE1 . PHE A 1 28  ? 1.101   7.985   -2.346  1.00 20.15 ? 14  PHE A CE1 1 
ATOM   82   C  CE2 . PHE A 1 28  ? 2.803   9.621   -1.952  1.00 21.60 ? 14  PHE A CE2 1 
ATOM   83   C  CZ  . PHE A 1 28  ? 2.399   8.307   -2.069  1.00 19.27 ? 14  PHE A CZ  1 
ATOM   84   N  N   . LYS A 1 29  ? -2.538  13.323  -4.455  1.00 26.33 ? 15  LYS A N   1 
ATOM   85   C  CA  . LYS A 1 29  ? -3.843  13.938  -4.658  1.00 26.56 ? 15  LYS A CA  1 
ATOM   86   C  C   . LYS A 1 29  ? -4.690  13.128  -5.655  1.00 26.83 ? 15  LYS A C   1 
ATOM   87   O  O   . LYS A 1 29  ? -5.845  12.859  -5.395  1.00 27.37 ? 15  LYS A O   1 
ATOM   88   C  CB  . LYS A 1 29  ? -3.684  15.413  -5.109  1.00 27.00 ? 15  LYS A CB  1 
ATOM   89   N  N   . ARG A 1 30  ? -4.105  12.727  -6.777  1.00 27.76 ? 16  ARG A N   1 
ATOM   90   C  CA  . ARG A 1 30  ? -4.803  11.900  -7.749  1.00 28.58 ? 16  ARG A CA  1 
ATOM   91   C  C   . ARG A 1 30  ? -5.247  10.563  -7.089  1.00 28.19 ? 16  ARG A C   1 
ATOM   92   O  O   . ARG A 1 30  ? -6.427  10.169  -7.145  1.00 27.18 ? 16  ARG A O   1 
ATOM   93   C  CB  . ARG A 1 30  ? -3.916  11.624  -8.985  1.00 28.85 ? 16  ARG A CB  1 
ATOM   94   C  CG  . ARG A 1 30  ? -3.682  12.819  -9.969  1.00 31.30 ? 16  ARG A CG  1 
ATOM   95   C  CD  . ARG A 1 30  ? -2.862  12.408  -11.216 1.00 31.92 ? 16  ARG A CD  1 
ATOM   96   N  NE  . ARG A 1 30  ? -1.500  11.986  -10.866 1.00 37.40 ? 16  ARG A NE  1 
ATOM   97   N  N   . LEU A 1 31  ? -4.298  9.885   -6.430  1.00 27.88 ? 17  LEU A N   1 
ATOM   98   C  CA  . LEU A 1 31  ? -4.579  8.553   -5.872  1.00 27.39 ? 17  LEU A CA  1 
ATOM   99   C  C   . LEU A 1 31  ? -5.596  8.583   -4.734  1.00 27.37 ? 17  LEU A C   1 
ATOM   100  O  O   . LEU A 1 31  ? -6.442  7.697   -4.609  1.00 26.37 ? 17  LEU A O   1 
ATOM   101  C  CB  . LEU A 1 31  ? -3.282  7.889   -5.386  1.00 26.73 ? 17  LEU A CB  1 
ATOM   102  C  CG  . LEU A 1 31  ? -2.216  7.636   -6.469  1.00 25.56 ? 17  LEU A CG  1 
ATOM   103  C  CD1 . LEU A 1 31  ? -0.948  6.948   -5.880  1.00 24.84 ? 17  LEU A CD1 1 
ATOM   104  C  CD2 . LEU A 1 31  ? -2.801  6.812   -7.588  1.00 25.09 ? 17  LEU A CD2 1 
ATOM   105  N  N   . ARG A 1 32  ? -5.512  9.592   -3.880  1.00 28.00 ? 18  ARG A N   1 
ATOM   106  C  CA  . ARG A 1 32  ? -6.421  9.642   -2.740  1.00 27.80 ? 18  ARG A CA  1 
ATOM   107  C  C   . ARG A 1 32  ? -7.798  10.130  -3.156  1.00 28.10 ? 18  ARG A C   1 
ATOM   108  O  O   . ARG A 1 32  ? -8.742  9.974   -2.415  1.00 26.59 ? 18  ARG A O   1 
ATOM   109  C  CB  . ARG A 1 32  ? -5.797  10.463  -1.605  1.00 28.60 ? 18  ARG A CB  1 
ATOM   110  C  CG  . ARG A 1 32  ? -4.546  9.720   -1.036  1.00 29.81 ? 18  ARG A CG  1 
ATOM   111  C  CD  . ARG A 1 32  ? -3.997  10.381  0.188   1.00 31.62 ? 18  ARG A CD  1 
ATOM   112  N  NE  . ARG A 1 32  ? -4.973  10.339  1.267   1.00 32.72 ? 18  ARG A NE  1 
ATOM   113  C  CZ  . ARG A 1 32  ? -4.994  11.173  2.303   1.00 34.73 ? 18  ARG A CZ  1 
ATOM   114  N  NH1 . ARG A 1 32  ? -4.079  12.132  2.429   1.00 34.99 ? 18  ARG A NH1 1 
ATOM   115  N  NH2 . ARG A 1 32  ? -5.944  11.055  3.214   1.00 35.71 ? 18  ARG A NH2 1 
ATOM   116  N  N   . ALA A 1 33  ? -7.908  10.694  -4.356  1.00 29.28 ? 19  ALA A N   1 
ATOM   117  C  CA  . ALA A 1 33  ? -9.218  11.069  -4.922  1.00 29.18 ? 19  ALA A CA  1 
ATOM   118  C  C   . ALA A 1 33  ? -10.029 9.868   -5.443  1.00 29.27 ? 19  ALA A C   1 
ATOM   119  O  O   . ALA A 1 33  ? -11.243 9.960   -5.616  1.00 29.50 ? 19  ALA A O   1 
ATOM   120  C  CB  . ALA A 1 33  ? -9.031  12.166  -6.030  1.00 29.74 ? 19  ALA A CB  1 
ATOM   121  N  N   . VAL A 1 34  ? -9.377  8.719   -5.678  1.00 29.43 ? 20  VAL A N   1 
ATOM   122  C  CA  . VAL A 1 34  ? -10.090 7.486   -6.018  1.00 28.94 ? 20  VAL A CA  1 
ATOM   123  C  C   . VAL A 1 34  ? -10.942 6.959   -4.839  1.00 29.87 ? 20  VAL A C   1 
ATOM   124  O  O   . VAL A 1 34  ? -10.395 6.667   -3.755  1.00 28.92 ? 20  VAL A O   1 
ATOM   125  C  CB  . VAL A 1 34  ? -9.108  6.370   -6.417  1.00 28.95 ? 20  VAL A CB  1 
ATOM   126  C  CG1 . VAL A 1 34  ? -9.882  5.114   -6.832  1.00 28.85 ? 20  VAL A CG1 1 
ATOM   127  C  CG2 . VAL A 1 34  ? -8.170  6.862   -7.499  1.00 30.25 ? 20  VAL A CG2 1 
ATOM   128  N  N   . PRO A 1 35  ? -12.276 6.802   -5.036  1.00 29.68 ? 21  PRO A N   1 
ATOM   129  C  CA  . PRO A 1 35  ? -13.124 6.504   -3.884  1.00 28.93 ? 21  PRO A CA  1 
ATOM   130  C  C   . PRO A 1 35  ? -12.727 5.264   -3.080  1.00 27.97 ? 21  PRO A C   1 
ATOM   131  O  O   . PRO A 1 35  ? -12.821 5.289   -1.841  1.00 28.72 ? 21  PRO A O   1 
ATOM   132  C  CB  . PRO A 1 35  ? -14.509 6.349   -4.507  1.00 29.11 ? 21  PRO A CB  1 
ATOM   133  C  CG  . PRO A 1 35  ? -14.441 7.215   -5.706  1.00 29.66 ? 21  PRO A CG  1 
ATOM   134  C  CD  . PRO A 1 35  ? -13.094 6.931   -6.259  1.00 30.40 ? 21  PRO A CD  1 
ATOM   135  N  N   . THR A 1 36  ? -12.284 4.207   -3.762  1.00 26.05 ? 22  THR A N   1 
ATOM   136  C  CA  . THR A 1 36  ? -11.792 3.021   -3.085  1.00 25.20 ? 22  THR A CA  1 
ATOM   137  C  C   . THR A 1 36  ? -10.522 3.265   -2.255  1.00 23.00 ? 22  THR A C   1 
ATOM   138  O  O   . THR A 1 36  ? -10.278 2.513   -1.317  1.00 23.44 ? 22  THR A O   1 
ATOM   139  C  CB  . THR A 1 36  ? -11.624 1.795   -4.047  1.00 23.72 ? 22  THR A CB  1 
ATOM   140  O  OG1 . THR A 1 36  ? -10.872 2.172   -5.183  1.00 26.19 ? 22  THR A OG1 1 
ATOM   141  C  CG2 . THR A 1 36  ? -12.982 1.281   -4.524  1.00 28.44 ? 22  THR A CG2 1 
ATOM   142  N  N   . ASN A 1 37  ? -9.796  4.357   -2.513  1.00 21.68 ? 23  ASN A N   1 
ATOM   143  C  CA  . ASN A 1 37  ? -8.598  4.736   -1.706  1.00 21.77 ? 23  ASN A CA  1 
ATOM   144  C  C   . ASN A 1 37  ? -8.940  5.647   -0.526  1.00 22.59 ? 23  ASN A C   1 
ATOM   145  O  O   . ASN A 1 37  ? -8.060  6.050   0.256   1.00 22.69 ? 23  ASN A O   1 
ATOM   146  C  CB  . ASN A 1 37  ? -7.515  5.376   -2.578  1.00 22.08 ? 23  ASN A CB  1 
ATOM   147  C  CG  . ASN A 1 37  ? -6.839  4.390   -3.481  1.00 20.30 ? 23  ASN A CG  1 
ATOM   148  O  OD1 . ASN A 1 37  ? -6.888  3.189   -3.236  1.00 18.98 ? 23  ASN A OD1 1 
ATOM   149  N  ND2 . ASN A 1 37  ? -6.229  4.888   -4.563  1.00 19.74 ? 23  ASN A ND2 1 
ATOM   150  N  N   . LYS A 1 38  ? -10.241 5.920   -0.376  1.00 23.25 ? 24  LYS A N   1 
ATOM   151  C  CA  . LYS A 1 38  ? -10.741 6.761   0.689   1.00 23.96 ? 24  LYS A CA  1 
ATOM   152  C  C   . LYS A 1 38  ? -11.197 6.000   1.905   1.00 23.29 ? 24  LYS A C   1 
ATOM   153  O  O   . LYS A 1 38  ? -11.726 6.616   2.840   1.00 24.16 ? 24  LYS A O   1 
ATOM   154  C  CB  . LYS A 1 38  ? -11.898 7.626   0.171   1.00 23.32 ? 24  LYS A CB  1 
ATOM   155  C  CG  . LYS A 1 38  ? -11.447 8.618   -0.831  1.00 25.99 ? 24  LYS A CG  1 
ATOM   156  C  CD  . LYS A 1 38  ? -12.583 9.564   -1.234  1.00 28.08 ? 24  LYS A CD  1 
ATOM   157  C  CE  . LYS A 1 38  ? -12.156 10.381  -2.445  1.00 29.17 ? 24  LYS A CE  1 
ATOM   158  N  NZ  . LYS A 1 38  ? -13.225 11.330  -2.811  1.00 34.38 ? 24  LYS A NZ  1 
ATOM   159  N  N   . ALA A 1 39  ? -11.020 4.675   1.917   1.00 22.51 ? 25  ALA A N   1 
ATOM   160  C  CA  . ALA A 1 39  ? -11.354 3.844   3.078   1.00 21.99 ? 25  ALA A CA  1 
ATOM   161  C  C   . ALA A 1 39  ? -10.118 2.980   3.430   1.00 20.67 ? 25  ALA A C   1 
ATOM   162  O  O   . ALA A 1 39  ? -9.582  2.306   2.559   1.00 20.92 ? 25  ALA A O   1 
ATOM   163  C  CB  . ALA A 1 39  ? -12.504 2.972   2.751   1.00 22.11 ? 25  ALA A CB  1 
ATOM   164  N  N   . CYS A 1 40  ? -9.703  2.954   4.695   1.00 20.16 ? 26  CYS A N   1 
ATOM   165  C  CA  . CYS A 1 40  ? -8.549  2.124   5.113   1.00 18.41 ? 26  CYS A CA  1 
ATOM   166  C  C   . CYS A 1 40  ? -8.674  0.684   4.658   1.00 18.68 ? 26  CYS A C   1 
ATOM   167  O  O   . CYS A 1 40  ? -9.711  0.054   4.815   1.00 19.08 ? 26  CYS A O   1 
ATOM   168  C  CB  . CYS A 1 40  ? -8.334  2.188   6.633   1.00 18.32 ? 26  CYS A CB  1 
ATOM   169  S  SG  . CYS A 1 40  ? -7.107  1.029   7.260   1.00 17.36 ? 26  CYS A SG  1 
ATOM   170  N  N   . PHE A 1 41  ? -7.595  0.162   4.088   1.00 18.95 ? 27  PHE A N   1 
ATOM   171  C  CA  . PHE A 1 41  ? -7.530  -1.203  3.557   1.00 18.07 ? 27  PHE A CA  1 
ATOM   172  C  C   . PHE A 1 41  ? -7.842  -2.272  4.599   1.00 19.17 ? 27  PHE A C   1 
ATOM   173  O  O   . PHE A 1 41  ? -8.507  -3.274  4.291   1.00 17.33 ? 27  PHE A O   1 
ATOM   174  C  CB  . PHE A 1 41  ? -6.167  -1.454  2.897   1.00 17.84 ? 27  PHE A CB  1 
ATOM   175  C  CG  . PHE A 1 41  ? -6.009  -2.827  2.319   1.00 14.56 ? 27  PHE A CG  1 
ATOM   176  C  CD1 . PHE A 1 41  ? -6.827  -3.269  1.258   1.00 17.83 ? 27  PHE A CD1 1 
ATOM   177  C  CD2 . PHE A 1 41  ? -5.003  -3.675  2.799   1.00 14.26 ? 27  PHE A CD2 1 
ATOM   178  C  CE1 . PHE A 1 41  ? -6.683  -4.548  0.776   1.00 17.01 ? 27  PHE A CE1 1 
ATOM   179  C  CE2 . PHE A 1 41  ? -4.815  -4.941  2.298   1.00 18.64 ? 27  PHE A CE2 1 
ATOM   180  C  CZ  . PHE A 1 41  ? -5.637  -5.389  1.281   1.00 17.75 ? 27  PHE A CZ  1 
ATOM   181  N  N   . ASP A 1 42  ? -7.468  -2.010  5.848   1.00 18.61 ? 28  ASP A N   1 
ATOM   182  C  CA  . ASP A 1 42  ? -7.673  -2.988  6.906   1.00 19.60 ? 28  ASP A CA  1 
ATOM   183  C  C   . ASP A 1 42  ? -8.982  -2.818  7.661   1.00 20.94 ? 28  ASP A C   1 
ATOM   184  O  O   . ASP A 1 42  ? -9.655  -3.796  7.926   1.00 22.67 ? 28  ASP A O   1 
ATOM   185  C  CB  . ASP A 1 42  ? -6.523  -2.934  7.883   1.00 19.74 ? 28  ASP A CB  1 
ATOM   186  C  CG  . ASP A 1 42  ? -5.280  -3.568  7.336   1.00 19.32 ? 28  ASP A CG  1 
ATOM   187  O  OD1 . ASP A 1 42  ? -5.331  -4.229  6.263   1.00 19.25 ? 28  ASP A OD1 1 
ATOM   188  O  OD2 . ASP A 1 42  ? -4.270  -3.456  8.036   1.00 22.74 ? 28  ASP A OD2 1 
ATOM   189  N  N   . CYS A 1 43  ? -9.346  -1.599  7.993   1.00 21.01 ? 29  CYS A N   1 
ATOM   190  C  CA  . CYS A 1 43  ? -10.517 -1.368  8.874   1.00 22.43 ? 29  CYS A CA  1 
ATOM   191  C  C   . CYS A 1 43  ? -11.626 -0.500  8.263   1.00 23.04 ? 29  CYS A C   1 
ATOM   192  O  O   . CYS A 1 43  ? -12.700 -0.333  8.870   1.00 23.80 ? 29  CYS A O   1 
ATOM   193  C  CB  . CYS A 1 43  ? -10.045 -0.730  10.194  1.00 21.95 ? 29  CYS A CB  1 
ATOM   194  S  SG  . CYS A 1 43  ? -9.770  1.031   10.122  1.00 21.97 ? 29  CYS A SG  1 
ATOM   195  N  N   . GLY A 1 44  ? -11.413 0.056   7.080   1.00 22.77 ? 30  GLY A N   1 
ATOM   196  C  CA  . GLY A 1 44  ? -12.421 0.872   6.421   1.00 23.23 ? 30  GLY A CA  1 
ATOM   197  C  C   . GLY A 1 44  ? -12.555 2.326   6.845   1.00 23.84 ? 30  GLY A C   1 
ATOM   198  O  O   . GLY A 1 44  ? -13.345 3.065   6.280   1.00 23.93 ? 30  GLY A O   1 
ATOM   199  N  N   . ALA A 1 45  ? -11.772 2.755   7.829   1.00 23.54 ? 31  ALA A N   1 
ATOM   200  C  CA  . ALA A 1 45  ? -11.798 4.131   8.301   1.00 24.30 ? 31  ALA A CA  1 
ATOM   201  C  C   . ALA A 1 45  ? -11.531 5.160   7.203   1.00 24.73 ? 31  ALA A C   1 
ATOM   202  O  O   . ALA A 1 45  ? -10.781 4.918   6.245   1.00 22.32 ? 31  ALA A O   1 
ATOM   203  C  CB  . ALA A 1 45  ? -10.838 4.324   9.463   1.00 24.54 ? 31  ALA A CB  1 
ATOM   204  N  N   . LYS A 1 46  ? -12.182 6.313   7.326   1.00 24.96 ? 32  LYS A N   1 
ATOM   205  C  CA  . LYS A 1 46  ? -12.153 7.300   6.241   1.00 26.77 ? 32  LYS A CA  1 
ATOM   206  C  C   . LYS A 1 46  ? -10.819 8.003   6.106   1.00 27.63 ? 32  LYS A C   1 
ATOM   207  O  O   . LYS A 1 46  ? -10.073 8.188   7.078   1.00 28.05 ? 32  LYS A O   1 
ATOM   208  C  CB  . LYS A 1 46  ? -13.290 8.350   6.347   1.00 27.35 ? 32  LYS A CB  1 
ATOM   209  C  CG  . LYS A 1 46  ? -12.869 9.672   7.000   1.00 29.71 ? 32  LYS A CG  1 
ATOM   210  N  N   . ASN A 1 47  ? -10.514 8.345   4.858   1.00 28.53 ? 33  ASN A N   1 
ATOM   211  C  CA  . ASN A 1 47  ? -9.404  9.207   4.532   1.00 28.92 ? 33  ASN A CA  1 
ATOM   212  C  C   . ASN A 1 47  ? -8.052  8.720   5.081   1.00 27.76 ? 33  ASN A C   1 
ATOM   213  O  O   . ASN A 1 47  ? -7.370  9.432   5.767   1.00 28.30 ? 33  ASN A O   1 
ATOM   214  C  CB  . ASN A 1 47  ? -9.782  10.637  4.927   1.00 29.64 ? 33  ASN A CB  1 
ATOM   215  C  CG  . ASN A 1 47  ? -11.036 11.115  4.171   1.00 33.08 ? 33  ASN A CG  1 
ATOM   216  O  OD1 . ASN A 1 47  ? -11.159 10.894  2.950   1.00 36.84 ? 33  ASN A OD1 1 
ATOM   217  N  ND2 . ASN A 1 47  ? -11.962 11.752  4.883   1.00 37.17 ? 33  ASN A ND2 1 
ATOM   218  N  N   . PRO A 1 48  ? -7.670  7.472   4.733   1.00 25.33 ? 34  PRO A N   1 
ATOM   219  C  CA  . PRO A 1 48  ? -6.342  6.917   5.062   1.00 23.75 ? 34  PRO A CA  1 
ATOM   220  C  C   . PRO A 1 48  ? -5.192  7.662   4.396   1.00 23.51 ? 34  PRO A C   1 
ATOM   221  O  O   . PRO A 1 48  ? -5.128  7.735   3.140   1.00 25.04 ? 34  PRO A O   1 
ATOM   222  C  CB  . PRO A 1 48  ? -6.425  5.484   4.540   1.00 22.71 ? 34  PRO A CB  1 
ATOM   223  C  CG  . PRO A 1 48  ? -7.435  5.512   3.457   1.00 22.19 ? 34  PRO A CG  1 
ATOM   224  C  CD  . PRO A 1 48  ? -8.467  6.525   3.935   1.00 25.20 ? 34  PRO A CD  1 
ATOM   225  N  N   . SER A 1 49  ? -4.261  8.180   5.208   1.00 21.18 ? 35  SER A N   1 
ATOM   226  C  CA  . SER A 1 49  ? -3.152  8.981   4.714   1.00 20.92 ? 35  SER A CA  1 
ATOM   227  C  C   . SER A 1 49  ? -1.818  8.256   4.810   1.00 19.47 ? 35  SER A C   1 
ATOM   228  O  O   . SER A 1 49  ? -0.821  8.759   4.303   1.00 20.15 ? 35  SER A O   1 
ATOM   229  C  CB  . SER A 1 49  ? -3.037  10.317  5.450   1.00 20.67 ? 35  SER A CB  1 
ATOM   230  O  OG  . SER A 1 49  ? -2.724  10.086  6.804   1.00 22.49 ? 35  SER A OG  1 
ATOM   231  N  N   . TRP A 1 50  ? -1.810  7.067   5.415   1.00 18.24 ? 36  TRP A N   1 
ATOM   232  C  CA  . TRP A 1 50  ? -0.625  6.225   5.465   1.00 17.84 ? 36  TRP A CA  1 
ATOM   233  C  C   . TRP A 1 50  ? -0.652  5.165   4.341   1.00 16.92 ? 36  TRP A C   1 
ATOM   234  O  O   . TRP A 1 50  ? -1.739  4.811   3.816   1.00 19.03 ? 36  TRP A O   1 
ATOM   235  C  CB  . TRP A 1 50  ? -0.505  5.572   6.854   1.00 18.18 ? 36  TRP A CB  1 
ATOM   236  C  CG  . TRP A 1 50  ? -0.182  6.584   7.919   1.00 19.87 ? 36  TRP A CG  1 
ATOM   237  C  CD1 . TRP A 1 50  ? -1.047  7.378   8.570   1.00 21.73 ? 36  TRP A CD1 1 
ATOM   238  C  CD2 . TRP A 1 50  ? 1.119   6.936   8.382   1.00 22.83 ? 36  TRP A CD2 1 
ATOM   239  N  NE1 . TRP A 1 50  ? -0.377  8.206   9.436   1.00 24.48 ? 36  TRP A NE1 1 
ATOM   240  C  CE2 . TRP A 1 50  ? 0.958   7.970   9.329   1.00 24.16 ? 36  TRP A CE2 1 
ATOM   241  C  CE3 . TRP A 1 50  ? 2.406   6.472   8.100   1.00 23.03 ? 36  TRP A CE3 1 
ATOM   242  C  CZ2 . TRP A 1 50  ? 2.040   8.542   10.001  1.00 23.33 ? 36  TRP A CZ2 1 
ATOM   243  C  CZ3 . TRP A 1 50  ? 3.485   7.062   8.767   1.00 23.43 ? 36  TRP A CZ3 1 
ATOM   244  C  CH2 . TRP A 1 50  ? 3.290   8.062   9.690   1.00 20.94 ? 36  TRP A CH2 1 
ATOM   245  N  N   . ALA A 1 51  ? 0.531   4.733   3.952   1.00 14.95 ? 37  ALA A N   1 
ATOM   246  C  CA  . ALA A 1 51  ? 0.725   3.700   2.942   1.00 14.89 ? 37  ALA A CA  1 
ATOM   247  C  C   . ALA A 1 51  ? 1.533   2.533   3.495   1.00 14.77 ? 37  ALA A C   1 
ATOM   248  O  O   . ALA A 1 51  ? 2.518   2.720   4.235   1.00 14.28 ? 37  ALA A O   1 
ATOM   249  C  CB  . ALA A 1 51  ? 1.453   4.263   1.715   1.00 15.73 ? 37  ALA A CB  1 
ATOM   250  N  N   . SER A 1 52  ? 1.097   1.327   3.129   1.00 13.71 ? 38  SER A N   1 
ATOM   251  C  CA  . SER A 1 52  ? 2.021   0.181   3.077   1.00 14.04 ? 38  SER A CA  1 
ATOM   252  C  C   . SER A 1 52  ? 2.467   0.034   1.644   1.00 14.31 ? 38  SER A C   1 
ATOM   253  O  O   . SER A 1 52  ? 1.709   -0.481  0.785   1.00 13.49 ? 38  SER A O   1 
ATOM   254  C  CB  . SER A 1 52  ? 1.402   -1.121  3.583   1.00 13.52 ? 38  SER A CB  1 
ATOM   255  O  OG  . SER A 1 52  ? 2.286   -2.198  3.366   1.00 14.90 ? 38  SER A OG  1 
ATOM   256  N  N   . ILE A 1 53  ? 3.696   0.433   1.387   1.00 13.50 ? 39  ILE A N   1 
ATOM   257  C  CA  . ILE A 1 53  ? 4.276   0.412   0.034   1.00 13.59 ? 39  ILE A CA  1 
ATOM   258  C  C   . ILE A 1 53  ? 4.312   -1.029  -0.507  1.00 14.74 ? 39  ILE A C   1 
ATOM   259  O  O   . ILE A 1 53  ? 4.002   -1.273  -1.670  1.00 13.38 ? 39  ILE A O   1 
ATOM   260  C  CB  . ILE A 1 53  ? 5.659   1.013   0.063   1.00 14.55 ? 39  ILE A CB  1 
ATOM   261  C  CG1 . ILE A 1 53  ? 5.570   2.491   0.543   1.00 16.31 ? 39  ILE A CG1 1 
ATOM   262  C  CG2 . ILE A 1 53  ? 6.315   0.840   -1.304  1.00 15.98 ? 39  ILE A CG2 1 
ATOM   263  C  CD1 . ILE A 1 53  ? 6.890   3.133   0.882   1.00 16.70 ? 39  ILE A CD1 1 
ATOM   264  N  N   . THR A 1 54  ? 4.561   -1.969  0.422   1.00 15.13 ? 40  THR A N   1 
ATOM   265  C  CA  . THR A 1 54  ? 4.641   -3.396  0.128   1.00 14.63 ? 40  THR A CA  1 
ATOM   266  C  C   . THR A 1 54  ? 3.438   -3.928  -0.665  1.00 14.35 ? 40  THR A C   1 
ATOM   267  O  O   . THR A 1 54  ? 3.606   -4.767  -1.541  1.00 15.28 ? 40  THR A O   1 
ATOM   268  C  CB  . THR A 1 54  ? 4.737   -4.140  1.452   1.00 15.57 ? 40  THR A CB  1 
ATOM   269  O  OG1 . THR A 1 54  ? 5.815   -3.554  2.220   1.00 15.85 ? 40  THR A OG1 1 
ATOM   270  C  CG2 . THR A 1 54  ? 4.967   -5.640  1.226   1.00 16.04 ? 40  THR A CG2 1 
ATOM   271  N  N   . TYR A 1 55  ? 2.231   -3.450  -0.315  1.00 13.26 ? 41  TYR A N   1 
ATOM   272  C  CA  . TYR A 1 55  ? 0.966   -3.873  -0.929  1.00 13.91 ? 41  TYR A CA  1 
ATOM   273  C  C   . TYR A 1 55  ? 0.328   -2.785  -1.758  1.00 14.83 ? 41  TYR A C   1 
ATOM   274  O  O   . TYR A 1 55  ? -0.726  -3.020  -2.380  1.00 14.93 ? 41  TYR A O   1 
ATOM   275  C  CB  . TYR A 1 55  ? -0.025  -4.430  0.156   1.00 14.32 ? 41  TYR A CB  1 
ATOM   276  C  CG  . TYR A 1 55  ? 0.690   -5.471  1.001   1.00 14.61 ? 41  TYR A CG  1 
ATOM   277  C  CD1 . TYR A 1 55  ? 0.886   -6.805  0.528   1.00 14.70 ? 41  TYR A CD1 1 
ATOM   278  C  CD2 . TYR A 1 55  ? 1.260   -5.131  2.252   1.00 16.23 ? 41  TYR A CD2 1 
ATOM   279  C  CE1 . TYR A 1 55  ? 1.609   -7.715  1.259   1.00 15.54 ? 41  TYR A CE1 1 
ATOM   280  C  CE2 . TYR A 1 55  ? 1.984   -6.056  2.982   1.00 16.13 ? 41  TYR A CE2 1 
ATOM   281  C  CZ  . TYR A 1 55  ? 2.143   -7.351  2.509   1.00 14.79 ? 41  TYR A CZ  1 
ATOM   282  O  OH  . TYR A 1 55  ? 2.860   -8.275  3.236   1.00 16.23 ? 41  TYR A OH  1 
ATOM   283  N  N   . GLY A 1 56  ? 0.942   -1.601  -1.803  1.00 14.91 ? 42  GLY A N   1 
ATOM   284  C  CA  . GLY A 1 56  ? 0.376   -0.460  -2.551  1.00 14.72 ? 42  GLY A CA  1 
ATOM   285  C  C   . GLY A 1 56  ? -0.980  -0.025  -1.976  1.00 14.97 ? 42  GLY A C   1 
ATOM   286  O  O   . GLY A 1 56  ? -1.908  0.355   -2.707  1.00 15.71 ? 42  GLY A O   1 
ATOM   287  N  N   . VAL A 1 57  ? -1.114  -0.099  -0.657  1.00 14.50 ? 43  VAL A N   1 
ATOM   288  C  CA  . VAL A 1 57  ? -2.385  0.214   -0.019  1.00 13.72 ? 43  VAL A CA  1 
ATOM   289  C  C   . VAL A 1 57  ? -2.341  1.437   0.932   1.00 15.60 ? 43  VAL A C   1 
ATOM   290  O  O   . VAL A 1 57  ? -1.305  1.808   1.465   1.00 15.19 ? 43  VAL A O   1 
ATOM   291  C  CB  . VAL A 1 57  ? -2.969  -0.984  0.721   1.00 14.28 ? 43  VAL A CB  1 
ATOM   292  C  CG1 . VAL A 1 57  ? -3.286  -2.164  -0.260  1.00 13.53 ? 43  VAL A CG1 1 
ATOM   293  C  CG2 . VAL A 1 57  ? -2.047  -1.418  1.937   1.00 12.12 ? 43  VAL A CG2 1 
ATOM   294  N  N   . PHE A 1 58  ? -3.510  2.028   1.121   1.00 15.72 ? 44  PHE A N   1 
ATOM   295  C  CA  . PHE A 1 58  ? -3.699  3.172   2.016   1.00 15.25 ? 44  PHE A CA  1 
ATOM   296  C  C   . PHE A 1 58  ? -4.364  2.702   3.311   1.00 15.38 ? 44  PHE A C   1 
ATOM   297  O  O   . PHE A 1 58  ? -5.365  1.978   3.300   1.00 15.74 ? 44  PHE A O   1 
ATOM   298  C  CB  . PHE A 1 58  ? -4.581  4.227   1.304   1.00 16.05 ? 44  PHE A CB  1 
ATOM   299  C  CG  . PHE A 1 58  ? -3.943  4.807   0.093   1.00 15.13 ? 44  PHE A CG  1 
ATOM   300  C  CD1 . PHE A 1 58  ? -3.191  5.961   0.174   1.00 14.72 ? 44  PHE A CD1 1 
ATOM   301  C  CD2 . PHE A 1 58  ? -4.090  4.182   -1.128  1.00 16.22 ? 44  PHE A CD2 1 
ATOM   302  C  CE1 . PHE A 1 58  ? -2.573  6.485   -0.977  1.00 17.96 ? 44  PHE A CE1 1 
ATOM   303  C  CE2 . PHE A 1 58  ? -3.482  4.683   -2.251  1.00 19.25 ? 44  PHE A CE2 1 
ATOM   304  C  CZ  . PHE A 1 58  ? -2.713  5.843   -2.186  1.00 16.96 ? 44  PHE A CZ  1 
ATOM   305  N  N   . LEU A 1 59  ? -3.768  3.116   4.421   1.00 16.00 ? 45  LEU A N   1 
ATOM   306  C  CA  . LEU A 1 59  ? -4.131  2.731   5.774   1.00 15.18 ? 45  LEU A CA  1 
ATOM   307  C  C   . LEU A 1 59  ? -4.406  3.978   6.638   1.00 16.36 ? 45  LEU A C   1 
ATOM   308  O  O   . LEU A 1 59  ? -3.826  5.020   6.405   1.00 15.73 ? 45  LEU A O   1 
ATOM   309  C  CB  . LEU A 1 59  ? -2.944  1.960   6.394   1.00 15.88 ? 45  LEU A CB  1 
ATOM   310  C  CG  . LEU A 1 59  ? -2.556  0.649   5.699   1.00 15.91 ? 45  LEU A CG  1 
ATOM   311  C  CD1 . LEU A 1 59  ? -1.202  0.237   6.220   1.00 15.15 ? 45  LEU A CD1 1 
ATOM   312  C  CD2 . LEU A 1 59  ? -3.614  -0.450  5.869   1.00 15.26 ? 45  LEU A CD2 1 
ATOM   313  N  N   . CYS A 1 60  ? -5.324  3.862   7.601   1.00 16.67 ? 46  CYS A N   1 
ATOM   314  C  CA  . CYS A 1 60  ? -5.527  4.915   8.575   1.00 18.13 ? 46  CYS A CA  1 
ATOM   315  C  C   . CYS A 1 60  ? -4.340  4.914   9.561   1.00 17.99 ? 46  CYS A C   1 
ATOM   316  O  O   . CYS A 1 60  ? -3.537  3.993   9.608   1.00 16.21 ? 46  CYS A O   1 
ATOM   317  C  CB  . CYS A 1 60  ? -6.833  4.734   9.338   1.00 18.02 ? 46  CYS A CB  1 
ATOM   318  S  SG  . CYS A 1 60  ? -6.833  3.390   10.500  1.00 20.65 ? 46  CYS A SG  1 
ATOM   319  N  N   . ILE A 1 61  ? -4.278  5.962   10.362  1.00 18.67 ? 47  ILE A N   1 
ATOM   320  C  CA  . ILE A 1 61  ? -3.160  6.099   11.317  1.00 19.47 ? 47  ILE A CA  1 
ATOM   321  C  C   . ILE A 1 61  ? -3.092  4.944   12.330  1.00 18.78 ? 47  ILE A C   1 
ATOM   322  O  O   . ILE A 1 61  ? -2.000  4.432   12.642  1.00 18.92 ? 47  ILE A O   1 
ATOM   323  C  CB  . ILE A 1 61  ? -3.246  7.498   11.992  1.00 19.58 ? 47  ILE A CB  1 
ATOM   324  C  CG1 . ILE A 1 61  ? -2.159  7.652   13.062  1.00 21.05 ? 47  ILE A CG1 1 
ATOM   325  C  CG2 . ILE A 1 61  ? -4.618  7.720   12.582  1.00 20.67 ? 47  ILE A CG2 1 
ATOM   326  C  CD1 . ILE A 1 61  ? -1.518  8.992   12.985  1.00 25.28 ? 47  ILE A CD1 1 
ATOM   327  N  N   . ASP A 1 62  ? -4.255  4.485   12.850  1.00 19.62 ? 48  ASP A N   1 
ATOM   328  C  CA  . ASP A 1 62  ? -4.255  3.343   13.779  1.00 19.21 ? 48  ASP A CA  1 
ATOM   329  C  C   . ASP A 1 62  ? -3.656  2.103   13.136  1.00 19.02 ? 48  ASP A C   1 
ATOM   330  O  O   . ASP A 1 62  ? -2.781  1.442   13.684  1.00 17.98 ? 48  ASP A O   1 
ATOM   331  C  CB  . ASP A 1 62  ? -5.677  3.013   14.246  1.00 20.38 ? 48  ASP A CB  1 
ATOM   332  C  CG  . ASP A 1 62  ? -6.153  3.908   15.340  1.00 22.75 ? 48  ASP A CG  1 
ATOM   333  O  OD1 . ASP A 1 62  ? -5.370  4.267   16.220  1.00 26.01 ? 48  ASP A OD1 1 
ATOM   334  O  OD2 . ASP A 1 62  ? -7.364  4.213   15.355  1.00 26.39 ? 48  ASP A OD2 1 
ATOM   335  N  N   . CYS A 1 63  ? -4.112  1.785   11.936  1.00 18.70 ? 49  CYS A N   1 
ATOM   336  C  CA  . CYS A 1 63  ? -3.620  0.602   11.260  1.00 17.75 ? 49  CYS A CA  1 
ATOM   337  C  C   . CYS A 1 63  ? -2.193  0.719   10.886  1.00 17.83 ? 49  CYS A C   1 
ATOM   338  O  O   . CYS A 1 63  ? -1.512  -0.288  10.873  1.00 15.86 ? 49  CYS A O   1 
ATOM   339  C  CB  . CYS A 1 63  ? -4.473  0.269   10.022  1.00 19.27 ? 49  CYS A CB  1 
ATOM   340  S  SG  . CYS A 1 63  ? -6.119  -0.324  10.499  1.00 20.38 ? 49  CYS A SG  1 
ATOM   341  N  N   . SER A 1 64  ? -1.708  1.943   10.590  1.00 17.38 ? 50  SER A N   1 
ATOM   342  C  CA  . SER A 1 64  ? -0.294  2.145   10.334  1.00 17.40 ? 50  SER A CA  1 
ATOM   343  C  C   . SER A 1 64  ? 0.522   1.648   11.523  1.00 17.07 ? 50  SER A C   1 
ATOM   344  O  O   . SER A 1 64  ? 1.531   0.985   11.354  1.00 17.50 ? 50  SER A O   1 
ATOM   345  C  CB  . SER A 1 64  ? 0.071   3.573   10.014  1.00 17.57 ? 50  SER A CB  1 
ATOM   346  O  OG  . SER A 1 64  ? 0.039   4.446   11.130  1.00 17.64 ? 50  SER A OG  1 
ATOM   347  N  N   . GLY A 1 65  ? 0.054   1.941   12.719  1.00 16.04 ? 51  GLY A N   1 
ATOM   348  C  CA  . GLY A 1 65  ? 0.689   1.436   13.936  1.00 15.88 ? 51  GLY A CA  1 
ATOM   349  C  C   . GLY A 1 65  ? 0.675   -0.085  14.055  1.00 16.05 ? 51  GLY A C   1 
ATOM   350  O  O   . GLY A 1 65  ? 1.688   -0.694  14.411  1.00 16.78 ? 51  GLY A O   1 
ATOM   351  N  N   . VAL A 1 66  ? -0.466  -0.702  13.779  1.00 15.86 ? 52  VAL A N   1 
ATOM   352  C  CA  . VAL A 1 66  ? -0.554  -2.167  13.727  1.00 16.15 ? 52  VAL A CA  1 
ATOM   353  C  C   . VAL A 1 66  ? 0.483   -2.747  12.773  1.00 15.82 ? 52  VAL A C   1 
ATOM   354  O  O   . VAL A 1 66  ? 1.221   -3.711  13.127  1.00 15.51 ? 52  VAL A O   1 
ATOM   355  C  CB  . VAL A 1 66  ? -1.968  -2.638  13.314  1.00 16.54 ? 52  VAL A CB  1 
ATOM   356  C  CG1 . VAL A 1 66  ? -1.958  -4.151  13.122  1.00 16.70 ? 52  VAL A CG1 1 
ATOM   357  C  CG2 . VAL A 1 66  ? -3.040  -2.209  14.374  1.00 16.44 ? 52  VAL A CG2 1 
ATOM   358  N  N   . HIS A 1 67  ? 0.606   -2.152  11.578  1.00 15.71 ? 53  HIS A N   1 
ATOM   359  C  CA  . HIS A 1 67  ? 1.605   -2.600  10.590  1.00 16.21 ? 53  HIS A CA  1 
ATOM   360  C  C   . HIS A 1 67  ? 3.053   -2.487  11.050  1.00 17.07 ? 53  HIS A C   1 
ATOM   361  O  O   . HIS A 1 67  ? 3.877   -3.321  10.667  1.00 18.55 ? 53  HIS A O   1 
ATOM   362  C  CB  . HIS A 1 67  ? 1.431   -1.873  9.288   1.00 16.04 ? 53  HIS A CB  1 
ATOM   363  C  CG  . HIS A 1 67  ? 0.349   -2.447  8.428   1.00 15.47 ? 53  HIS A CG  1 
ATOM   364  N  ND1 . HIS A 1 67  ? 0.566   -2.857  7.124   1.00 14.20 ? 53  HIS A ND1 1 
ATOM   365  C  CD2 . HIS A 1 67  ? -0.970  -2.636  8.673   1.00 17.06 ? 53  HIS A CD2 1 
ATOM   366  C  CE1 . HIS A 1 67  ? -0.562  -3.324  6.625   1.00 13.66 ? 53  HIS A CE1 1 
ATOM   367  N  NE2 . HIS A 1 67  ? -1.519  -3.165  7.523   1.00 14.76 ? 53  HIS A NE2 1 
ATOM   368  N  N   . ARG A 1 68  ? 3.356   -1.469  11.858  1.00 17.65 ? 54  ARG A N   1 
ATOM   369  C  CA  . ARG A 1 68  ? 4.696   -1.385  12.472  1.00 18.51 ? 54  ARG A CA  1 
ATOM   370  C  C   . ARG A 1 68  ? 5.089   -2.623  13.281  1.00 19.35 ? 54  ARG A C   1 
ATOM   371  O  O   . ARG A 1 68  ? 6.256   -2.992  13.312  1.00 19.53 ? 54  ARG A O   1 
ATOM   372  C  CB  . ARG A 1 68  ? 4.840   -0.135  13.304  1.00 17.52 ? 54  ARG A CB  1 
ATOM   373  C  CG  . ARG A 1 68  ? 4.927   1.156   12.440  1.00 18.37 ? 54  ARG A CG  1 
ATOM   374  C  CD  . ARG A 1 68  ? 5.000   2.400   13.281  1.00 20.90 ? 54  ARG A CD  1 
ATOM   375  N  NE  . ARG A 1 68  ? 4.778   3.599   12.505  1.00 19.35 ? 54  ARG A NE  1 
ATOM   376  C  CZ  . ARG A 1 68  ? 5.637   4.172   11.659  1.00 23.50 ? 54  ARG A CZ  1 
ATOM   377  N  NH1 . ARG A 1 68  ? 6.851   3.676   11.480  1.00 25.02 ? 54  ARG A NH1 1 
ATOM   378  N  NH2 . ARG A 1 68  ? 5.293   5.274   10.989  1.00 21.23 ? 54  ARG A NH2 1 
ATOM   379  N  N   . SER A 1 69  ? 4.115   -3.244  13.946  1.00 19.94 ? 55  SER A N   1 
ATOM   380  C  CA  . SER A 1 69  ? 4.367   -4.458  14.704  1.00 20.83 ? 55  SER A CA  1 
ATOM   381  C  C   . SER A 1 69  ? 4.606   -5.672  13.840  1.00 21.49 ? 55  SER A C   1 
ATOM   382  O  O   . SER A 1 69  ? 5.246   -6.610  14.282  1.00 21.84 ? 55  SER A O   1 
ATOM   383  C  CB  . SER A 1 69  ? 3.251   -4.715  15.733  1.00 21.22 ? 55  SER A CB  1 
ATOM   384  O  OG  . SER A 1 69  ? 3.537   -3.977  16.887  1.00 21.16 ? 55  SER A OG  1 
ATOM   385  N  N   . LEU A 1 70  ? 4.141   -5.650  12.588  1.00 21.22 ? 56  LEU A N   1 
ATOM   386  C  CA  . LEU A 1 70  ? 4.407   -6.717  11.634  1.00 21.66 ? 56  LEU A CA  1 
ATOM   387  C  C   . LEU A 1 70  ? 5.905   -6.753  11.236  1.00 22.50 ? 56  LEU A C   1 
ATOM   388  O  O   . LEU A 1 70  ? 6.447   -7.806  10.957  1.00 23.18 ? 56  LEU A O   1 
ATOM   389  C  CB  . LEU A 1 70  ? 3.527   -6.567  10.372  1.00 21.70 ? 56  LEU A CB  1 
ATOM   390  C  CG  . LEU A 1 70  ? 2.014   -6.621  10.563  1.00 19.19 ? 56  LEU A CG  1 
ATOM   391  C  CD1 . LEU A 1 70  ? 1.330   -6.235  9.217   1.00 17.92 ? 56  LEU A CD1 1 
ATOM   392  C  CD2 . LEU A 1 70  ? 1.509   -7.984  11.023  1.00 22.37 ? 56  LEU A CD2 1 
ATOM   393  N  N   . GLY A 1 71  ? 6.564   -5.609  11.239  1.00 23.45 ? 57  GLY A N   1 
ATOM   394  C  CA  . GLY A 1 71  ? 7.966   -5.529  10.817  1.00 24.38 ? 57  GLY A CA  1 
ATOM   395  C  C   . GLY A 1 71  ? 8.133   -5.245  9.340   1.00 25.47 ? 57  GLY A C   1 
ATOM   396  O  O   . GLY A 1 71  ? 7.275   -5.591  8.520   1.00 24.35 ? 57  GLY A O   1 
ATOM   397  N  N   . VAL A 1 72  ? 9.246   -4.604  8.996   1.00 26.68 ? 58  VAL A N   1 
ATOM   398  C  CA  . VAL A 1 72  ? 9.451   -4.054  7.645   1.00 27.48 ? 58  VAL A CA  1 
ATOM   399  C  C   . VAL A 1 72  ? 9.426   -5.102  6.569   1.00 28.64 ? 58  VAL A C   1 
ATOM   400  O  O   . VAL A 1 72  ? 9.071   -4.823  5.435   1.00 27.67 ? 58  VAL A O   1 
ATOM   401  C  CB  . VAL A 1 72  ? 10.801  -3.288  7.576   1.00 28.43 ? 58  VAL A CB  1 
ATOM   402  C  CG1 . VAL A 1 72  ? 11.980  -4.294  7.666   1.00 28.71 ? 58  VAL A CG1 1 
ATOM   403  C  CG2 . VAL A 1 72  ? 10.901  -2.396  6.318   1.00 29.47 ? 58  VAL A CG2 1 
ATOM   404  N  N   . HIS A 1 73  ? 9.782   -6.333  6.909   1.00 29.17 ? 59  HIS A N   1 
ATOM   405  C  CA  A HIS A 1 73  ? 9.776   -7.368  5.898   0.50 29.61 ? 59  HIS A CA  1 
ATOM   406  C  CA  B HIS A 1 73  ? 9.778   -7.431  5.952   0.50 29.94 ? 59  HIS A CA  1 
ATOM   407  C  C   . HIS A 1 73  ? 8.370   -7.828  5.560   1.00 28.79 ? 59  HIS A C   1 
ATOM   408  O  O   . HIS A 1 73  ? 8.151   -8.285  4.468   1.00 31.02 ? 59  HIS A O   1 
ATOM   409  C  CB  A HIS A 1 73  ? 10.713  -8.501  6.300   0.50 30.34 ? 59  HIS A CB  1 
ATOM   410  C  CB  B HIS A 1 73  ? 10.509  -8.659  6.514   0.50 30.97 ? 59  HIS A CB  1 
ATOM   411  C  CG  A HIS A 1 73  ? 12.094  -8.015  6.587   0.50 31.27 ? 59  HIS A CG  1 
ATOM   412  C  CG  B HIS A 1 73  ? 10.542  -9.814  5.564   0.50 32.99 ? 59  HIS A CG  1 
ATOM   413  N  ND1 A HIS A 1 73  ? 13.037  -7.834  5.598   0.50 32.12 ? 59  HIS A ND1 1 
ATOM   414  N  ND1 B HIS A 1 73  ? 11.189  -9.753  4.348   0.50 36.30 ? 59  HIS A ND1 1 
ATOM   415  C  CD2 A HIS A 1 73  ? 12.667  -7.591  7.736   0.50 32.92 ? 59  HIS A CD2 1 
ATOM   416  C  CD2 B HIS A 1 73  ? 9.975   -11.039 5.630   0.50 35.25 ? 59  HIS A CD2 1 
ATOM   417  C  CE1 A HIS A 1 73  ? 14.144  -7.357  6.137   0.50 33.15 ? 59  HIS A CE1 1 
ATOM   418  C  CE1 B HIS A 1 73  ? 11.033  -10.899 3.713   0.50 36.74 ? 59  HIS A CE1 1 
ATOM   419  N  NE2 A HIS A 1 73  ? 13.949  -7.206  7.432   0.50 32.99 ? 59  HIS A NE2 1 
ATOM   420  N  NE2 B HIS A 1 73  ? 10.306  -11.698 4.472   0.50 36.92 ? 59  HIS A NE2 1 
ATOM   421  N  N   . LEU A 1 74  ? 7.404   -7.669  6.475   1.00 25.84 ? 60  LEU A N   1 
ATOM   422  C  CA  . LEU A 1 74  ? 6.010   -7.945  6.114   1.00 23.09 ? 60  LEU A CA  1 
ATOM   423  C  C   . LEU A 1 74  ? 5.280   -6.687  5.594   1.00 20.87 ? 60  LEU A C   1 
ATOM   424  O  O   . LEU A 1 74  ? 4.404   -6.783  4.735   1.00 19.97 ? 60  LEU A O   1 
ATOM   425  C  CB  . LEU A 1 74  ? 5.228   -8.577  7.276   1.00 24.10 ? 60  LEU A CB  1 
ATOM   426  C  CG  . LEU A 1 74  ? 5.403   -10.091 7.598   1.00 25.35 ? 60  LEU A CG  1 
ATOM   427  C  CD1 . LEU A 1 74  ? 4.459   -10.461 8.730   1.00 26.51 ? 60  LEU A CD1 1 
ATOM   428  C  CD2 . LEU A 1 74  ? 5.165   -11.021 6.394   1.00 26.21 ? 60  LEU A CD2 1 
ATOM   429  N  N   . SER A 1 75  ? 5.602   -5.520  6.142   1.00 18.00 ? 61  SER A N   1 
ATOM   430  C  CA  . SER A 1 75  ? 4.942   -4.264  5.714   1.00 17.34 ? 61  SER A CA  1 
ATOM   431  C  C   . SER A 1 75  ? 5.827   -3.011  5.873   1.00 17.21 ? 61  SER A C   1 
ATOM   432  O  O   . SER A 1 75  ? 6.235   -2.692  6.985   1.00 17.71 ? 61  SER A O   1 
ATOM   433  C  CB  . SER A 1 75  ? 3.633   -4.078  6.491   1.00 15.67 ? 61  SER A CB  1 
ATOM   434  O  OG  . SER A 1 75  ? 2.946   -2.904  6.009   1.00 16.00 ? 61  SER A OG  1 
ATOM   435  N  N   . PHE A 1 76  ? 6.124   -2.334  4.776   1.00 16.28 ? 62  PHE A N   1 
ATOM   436  C  CA  . PHE A 1 76  ? 6.930   -1.137  4.761   1.00 16.67 ? 62  PHE A CA  1 
ATOM   437  C  C   . PHE A 1 76  ? 6.014   0.107   4.725   1.00 17.84 ? 62  PHE A C   1 
ATOM   438  O  O   . PHE A 1 76  ? 5.405   0.404   3.695   1.00 16.56 ? 62  PHE A O   1 
ATOM   439  C  CB  . PHE A 1 76  ? 7.894   -1.133  3.573   1.00 19.08 ? 62  PHE A CB  1 
ATOM   440  C  CG  . PHE A 1 76  ? 8.897   0.012   3.585   1.00 19.87 ? 62  PHE A CG  1 
ATOM   441  C  CD1 . PHE A 1 76  ? 9.609   0.313   4.724   1.00 28.03 ? 62  PHE A CD1 1 
ATOM   442  C  CD2 . PHE A 1 76  ? 9.155   0.722   2.460   1.00 25.34 ? 62  PHE A CD2 1 
ATOM   443  C  CE1 . PHE A 1 76  ? 10.566  1.371   4.715   1.00 28.36 ? 62  PHE A CE1 1 
ATOM   444  C  CE2 . PHE A 1 76  ? 10.111  1.768   2.459   1.00 26.97 ? 62  PHE A CE2 1 
ATOM   445  C  CZ  . PHE A 1 76  ? 10.776  2.076   3.568   1.00 26.48 ? 62  PHE A CZ  1 
ATOM   446  N  N   . ILE A 1 77  ? 5.948   0.797   5.865   1.00 16.68 ? 63  ILE A N   1 
ATOM   447  C  CA  . ILE A 1 77  ? 4.960   1.882   6.109   1.00 17.60 ? 63  ILE A CA  1 
ATOM   448  C  C   . ILE A 1 77  ? 5.629   3.252   5.860   1.00 18.14 ? 63  ILE A C   1 
ATOM   449  O  O   . ILE A 1 77  ? 6.784   3.495   6.301   1.00 17.73 ? 63  ILE A O   1 
ATOM   450  C  CB  . ILE A 1 77  ? 4.451   1.786   7.610   1.00 18.07 ? 63  ILE A CB  1 
ATOM   451  C  CG1 . ILE A 1 77  ? 3.585   0.530   7.824   1.00 20.45 ? 63  ILE A CG1 1 
ATOM   452  C  CG2 . ILE A 1 77  ? 3.680   3.073   8.124   1.00 19.02 ? 63  ILE A CG2 1 
ATOM   453  C  CD1 . ILE A 1 77  ? 2.257   0.578   7.088   1.00 20.18 ? 63  ILE A CD1 1 
ATOM   454  N  N   . ARG A 1 78  ? 4.912   4.153   5.210   1.00 19.03 ? 64  ARG A N   1 
ATOM   455  C  CA  . ARG A 1 78  ? 5.346   5.530   5.061   1.00 18.46 ? 64  ARG A CA  1 
ATOM   456  C  C   . ARG A 1 78  ? 4.137   6.437   4.883   1.00 18.48 ? 64  ARG A C   1 
ATOM   457  O  O   . ARG A 1 78  ? 3.155   6.049   4.301   1.00 17.51 ? 64  ARG A O   1 
ATOM   458  C  CB  . ARG A 1 78  ? 6.259   5.651   3.867   1.00 19.29 ? 64  ARG A CB  1 
ATOM   459  C  CG  . ARG A 1 78  ? 6.730   7.040   3.562   1.00 21.78 ? 64  ARG A CG  1 
ATOM   460  C  CD  . ARG A 1 78  ? 7.974   6.994   2.724   1.00 23.80 ? 64  ARG A CD  1 
ATOM   461  N  NE  . ARG A 1 78  ? 9.077   6.525   3.554   1.00 26.09 ? 64  ARG A NE  1 
ATOM   462  C  CZ  . ARG A 1 78  ? 10.200  5.954   3.114   1.00 26.68 ? 64  ARG A CZ  1 
ATOM   463  N  NH1 . ARG A 1 78  ? 10.420  5.768   1.833   1.00 27.79 ? 64  ARG A NH1 1 
ATOM   464  N  NH2 . ARG A 1 78  ? 11.112  5.573   3.992   1.00 28.31 ? 64  ARG A NH2 1 
ATOM   465  N  N   . SER A 1 79  ? 4.201   7.632   5.461   1.00 17.94 ? 65  SER A N   1 
ATOM   466  C  CA  . SER A 1 79  ? 3.099   8.581   5.305   1.00 18.58 ? 65  SER A CA  1 
ATOM   467  C  C   . SER A 1 79  ? 3.064   9.150   3.911   1.00 18.59 ? 65  SER A C   1 
ATOM   468  O  O   . SER A 1 79  ? 4.113   9.446   3.338   1.00 18.69 ? 65  SER A O   1 
ATOM   469  C  CB  . SER A 1 79  ? 3.221   9.753   6.287   1.00 18.49 ? 65  SER A CB  1 
ATOM   470  O  OG  . SER A 1 79  ? 2.205   10.695  5.970   1.00 18.55 ? 65  SER A OG  1 
ATOM   471  N  N   . THR A 1 80  ? 1.859   9.311   3.373   1.00 19.71 ? 66  THR A N   1 
ATOM   472  C  CA  . THR A 1 80  ? 1.689   9.926   2.052   1.00 21.72 ? 66  THR A CA  1 
ATOM   473  C  C   . THR A 1 80  ? 1.642   11.451  2.185   1.00 24.85 ? 66  THR A C   1 
ATOM   474  O  O   . THR A 1 80  ? 1.742   12.169  1.171   1.00 24.48 ? 66  THR A O   1 
ATOM   475  C  CB  . THR A 1 80  ? 0.423   9.413   1.287   1.00 22.31 ? 66  THR A CB  1 
ATOM   476  O  OG1 . THR A 1 80  ? -0.790  9.889   1.907   1.00 20.74 ? 66  THR A OG1 1 
ATOM   477  C  CG2 . THR A 1 80  ? 0.462   7.889   1.180   1.00 19.38 ? 66  THR A CG2 1 
ATOM   478  N  N   . GLU A 1 81  ? 1.564   11.926  3.424   1.00 26.27 ? 67  GLU A N   1 
ATOM   479  C  CA  . GLU A 1 81  ? 1.445   13.367  3.700   1.00 30.31 ? 67  GLU A CA  1 
ATOM   480  C  C   . GLU A 1 81  ? 2.644   13.983  4.400   1.00 31.95 ? 67  GLU A C   1 
ATOM   481  O  O   . GLU A 1 81  ? 3.037   15.100  4.089   1.00 33.74 ? 67  GLU A O   1 
ATOM   482  C  CB  . GLU A 1 81  ? 0.235   13.604  4.588   1.00 30.64 ? 67  GLU A CB  1 
ATOM   483  C  CG  . GLU A 1 81  ? -1.091  13.440  3.897   1.00 34.12 ? 67  GLU A CG  1 
ATOM   484  C  CD  . GLU A 1 81  ? -2.235  13.961  4.763   1.00 39.43 ? 67  GLU A CD  1 
ATOM   485  O  OE1 . GLU A 1 81  ? -1.946  14.535  5.838   1.00 42.31 ? 67  GLU A OE1 1 
ATOM   486  O  OE2 . GLU A 1 81  ? -3.419  13.803  4.379   1.00 43.63 ? 67  GLU A OE2 1 
ATOM   487  N  N   . LEU A 1 82  ? 3.182   13.289  5.385   1.00 33.25 ? 68  LEU A N   1 
ATOM   488  C  CA  . LEU A 1 82  ? 4.148   13.878  6.297   1.00 34.73 ? 68  LEU A CA  1 
ATOM   489  C  C   . LEU A 1 82  ? 5.558   13.638  5.821   1.00 36.35 ? 68  LEU A C   1 
ATOM   490  O  O   . LEU A 1 82  ? 6.468   14.327  6.247   1.00 37.46 ? 68  LEU A O   1 
ATOM   491  C  CB  . LEU A 1 82  ? 3.983   13.274  7.693   1.00 35.26 ? 68  LEU A CB  1 
ATOM   492  N  N   . ASP A 1 83  ? 5.732   12.656  4.941   1.00 36.85 ? 69  ASP A N   1 
ATOM   493  C  CA  . ASP A 1 83  ? 7.043   12.154  4.584   1.00 37.18 ? 69  ASP A CA  1 
ATOM   494  C  C   . ASP A 1 83  ? 7.286   12.380  3.113   1.00 36.47 ? 69  ASP A C   1 
ATOM   495  O  O   . ASP A 1 83  ? 6.481   11.996  2.273   1.00 37.29 ? 69  ASP A O   1 
ATOM   496  C  CB  . ASP A 1 83  ? 7.113   10.658  4.911   1.00 37.70 ? 69  ASP A CB  1 
ATOM   497  C  CG  . ASP A 1 83  ? 8.536   10.128  4.970   1.00 39.37 ? 69  ASP A CG  1 
ATOM   498  O  OD1 . ASP A 1 83  ? 9.408   10.635  4.216   1.00 40.73 ? 69  ASP A OD1 1 
ATOM   499  O  OD2 . ASP A 1 83  ? 8.777   9.191   5.788   1.00 40.63 ? 69  ASP A OD2 1 
ATOM   500  N  N   . SER A 1 84  ? 8.420   12.997  2.804   1.00 35.58 ? 70  SER A N   1 
ATOM   501  C  CA  . SER A 1 84  ? 8.786   13.312  1.434   1.00 33.53 ? 70  SER A CA  1 
ATOM   502  C  C   . SER A 1 84  ? 9.918   12.394  0.905   1.00 31.26 ? 70  SER A C   1 
ATOM   503  O  O   . SER A 1 84  ? 10.410  12.616  -0.196  1.00 32.25 ? 70  SER A O   1 
ATOM   504  C  CB  . SER A 1 84  ? 9.256   14.771  1.387   1.00 34.64 ? 70  SER A CB  1 
ATOM   505  O  OG  . SER A 1 84  ? 10.454  14.931  2.152   1.00 35.68 ? 70  SER A OG  1 
ATOM   506  N  N   A ASN A 1 85  ? 10.341  11.440  1.729   0.50 29.62 ? 71  ASN A N   1 
ATOM   507  N  N   B ASN A 1 85  ? 10.306  11.364  1.660   0.50 29.68 ? 71  ASN A N   1 
ATOM   508  C  CA  A ASN A 1 85  ? 11.275  10.409  1.327   0.50 27.97 ? 71  ASN A CA  1 
ATOM   509  C  CA  B ASN A 1 85  ? 11.399  10.459  1.250   0.50 28.07 ? 71  ASN A CA  1 
ATOM   510  C  C   A ASN A 1 85  ? 10.483  9.335   0.580   0.50 26.39 ? 71  ASN A C   1 
ATOM   511  C  C   B ASN A 1 85  ? 11.020  9.419   0.163   0.50 26.62 ? 71  ASN A C   1 
ATOM   512  O  O   A ASN A 1 85  ? 10.262  8.259   1.118   0.50 26.01 ? 71  ASN A O   1 
ATOM   513  O  O   B ASN A 1 85  ? 11.749  8.438   -0.038  0.50 26.32 ? 71  ASN A O   1 
ATOM   514  C  CB  A ASN A 1 85  ? 11.969  9.816   2.569   0.50 28.46 ? 71  ASN A CB  1 
ATOM   515  C  CB  B ASN A 1 85  ? 11.991  9.736   2.469   0.50 28.42 ? 71  ASN A CB  1 
ATOM   516  C  CG  A ASN A 1 85  ? 12.960  8.689   2.235   0.50 29.06 ? 71  ASN A CG  1 
ATOM   517  C  CG  B ASN A 1 85  ? 12.933  10.616  3.277   0.50 29.33 ? 71  ASN A CG  1 
ATOM   518  O  OD1 A ASN A 1 85  ? 13.395  8.541   1.100   0.50 30.61 ? 71  ASN A OD1 1 
ATOM   519  O  OD1 B ASN A 1 85  ? 14.049  10.916  2.842   0.50 30.37 ? 71  ASN A OD1 1 
ATOM   520  N  ND2 A ASN A 1 85  ? 13.310  7.891   3.244   0.50 31.08 ? 71  ASN A ND2 1 
ATOM   521  N  ND2 B ASN A 1 85  ? 12.479  11.049  4.443   0.50 26.58 ? 71  ASN A ND2 1 
ATOM   522  N  N   . TRP A 1 86  ? 9.963   9.687   -0.597  1.00 24.85 ? 72  TRP A N   1 
ATOM   523  C  CA  . TRP A 1 86  ? 9.444   8.725   -1.576  1.00 21.80 ? 72  TRP A CA  1 
ATOM   524  C  C   . TRP A 1 86  ? 10.365  8.654   -2.782  1.00 21.51 ? 72  TRP A C   1 
ATOM   525  O  O   . TRP A 1 86  ? 10.762  9.703   -3.307  1.00 21.40 ? 72  TRP A O   1 
ATOM   526  C  CB  . TRP A 1 86  ? 8.031   9.153   -2.046  1.00 20.47 ? 72  TRP A CB  1 
ATOM   527  C  CG  . TRP A 1 86  ? 7.009   8.919   -1.011  1.00 18.60 ? 72  TRP A CG  1 
ATOM   528  C  CD1 . TRP A 1 86  ? 6.689   9.732   0.020   1.00 19.27 ? 72  TRP A CD1 1 
ATOM   529  C  CD2 . TRP A 1 86  ? 6.182   7.752   -0.878  1.00 17.40 ? 72  TRP A CD2 1 
ATOM   530  N  NE1 . TRP A 1 86  ? 5.702   9.152   0.801   1.00 17.72 ? 72  TRP A NE1 1 
ATOM   531  C  CE2 . TRP A 1 86  ? 5.381   7.931   0.270   1.00 15.35 ? 72  TRP A CE2 1 
ATOM   532  C  CE3 . TRP A 1 86  ? 6.053   6.574   -1.611  1.00 16.65 ? 72  TRP A CE3 1 
ATOM   533  C  CZ2 . TRP A 1 86  ? 4.431   6.974   0.689   1.00 17.79 ? 72  TRP A CZ2 1 
ATOM   534  C  CZ3 . TRP A 1 86  ? 5.135   5.631   -1.209  1.00 18.00 ? 72  TRP A CZ3 1 
ATOM   535  C  CH2 . TRP A 1 86  ? 4.348   5.815   -0.050  1.00 18.41 ? 72  TRP A CH2 1 
ATOM   536  N  N   . ASN A 1 87  ? 10.732  7.455   -3.220  1.00 18.13 ? 73  ASN A N   1 
ATOM   537  C  CA  . ASN A 1 87  ? 11.432  7.309   -4.513  1.00 18.92 ? 73  ASN A CA  1 
ATOM   538  C  C   . ASN A 1 87  ? 10.416  6.883   -5.615  1.00 17.87 ? 73  ASN A C   1 
ATOM   539  O  O   . ASN A 1 87  ? 9.284   6.578   -5.286  1.00 15.17 ? 73  ASN A O   1 
ATOM   540  C  CB  . ASN A 1 87  ? 12.647  6.376   -4.418  1.00 19.32 ? 73  ASN A CB  1 
ATOM   541  C  CG  . ASN A 1 87  ? 12.297  4.970   -4.014  1.00 19.90 ? 73  ASN A CG  1 
ATOM   542  O  OD1 . ASN A 1 87  ? 11.378  4.354   -4.598  1.00 17.73 ? 73  ASN A OD1 1 
ATOM   543  N  ND2 . ASN A 1 87  ? 13.050  4.407   -3.015  1.00 19.48 ? 73  ASN A ND2 1 
ATOM   544  N  N   . TRP A 1 88  ? 10.825  6.890   -6.875  1.00 17.59 ? 74  TRP A N   1 
ATOM   545  C  CA  . TRP A 1 88  ? 9.911   6.617   -7.968  1.00 18.71 ? 74  TRP A CA  1 
ATOM   546  C  C   . TRP A 1 88  ? 9.328   5.225   -7.852  1.00 17.14 ? 74  TRP A C   1 
ATOM   547  O  O   . TRP A 1 88  ? 8.145   5.054   -8.075  1.00 16.51 ? 74  TRP A O   1 
ATOM   548  C  CB  . TRP A 1 88  ? 10.602  6.761   -9.341  1.00 20.74 ? 74  TRP A CB  1 
ATOM   549  C  CG  . TRP A 1 88  ? 10.844  8.193   -9.702  1.00 21.65 ? 74  TRP A CG  1 
ATOM   550  C  CD1 . TRP A 1 88  ? 12.062  8.822   -9.887  1.00 24.15 ? 74  TRP A CD1 1 
ATOM   551  C  CD2 . TRP A 1 88  ? 9.840   9.185   -9.921  1.00 23.14 ? 74  TRP A CD2 1 
ATOM   552  N  NE1 . TRP A 1 88  ? 11.853  10.149  -10.192 1.00 24.74 ? 74  TRP A NE1 1 
ATOM   553  C  CE2 . TRP A 1 88  ? 10.505  10.400  -10.209 1.00 24.10 ? 74  TRP A CE2 1 
ATOM   554  C  CE3 . TRP A 1 88  ? 8.438   9.176   -9.857  1.00 23.68 ? 74  TRP A CE3 1 
ATOM   555  C  CZ2 . TRP A 1 88  ? 9.813   11.579  -10.464 1.00 24.71 ? 74  TRP A CZ2 1 
ATOM   556  C  CZ3 . TRP A 1 88  ? 7.760   10.341  -10.109 1.00 24.41 ? 74  TRP A CZ3 1 
ATOM   557  C  CH2 . TRP A 1 88  ? 8.460   11.530  -10.437 1.00 24.53 ? 74  TRP A CH2 1 
ATOM   558  N  N   . PHE A 1 89  ? 10.152  4.234   -7.538  1.00 16.07 ? 75  PHE A N   1 
ATOM   559  C  CA  . PHE A 1 89  ? 9.650   2.853   -7.375  1.00 16.25 ? 75  PHE A CA  1 
ATOM   560  C  C   . PHE A 1 89  ? 8.523   2.799   -6.345  1.00 15.85 ? 75  PHE A C   1 
ATOM   561  O  O   . PHE A 1 89  ? 7.460   2.207   -6.577  1.00 14.08 ? 75  PHE A O   1 
ATOM   562  C  CB  . PHE A 1 89  ? 10.782  1.922   -6.958  1.00 16.54 ? 75  PHE A CB  1 
ATOM   563  C  CG  . PHE A 1 89  ? 10.306  0.564   -6.616  1.00 15.81 ? 75  PHE A CG  1 
ATOM   564  C  CD1 . PHE A 1 89  ? 9.733   -0.243  -7.604  1.00 14.58 ? 75  PHE A CD1 1 
ATOM   565  C  CD2 . PHE A 1 89  ? 10.336  0.109   -5.293  1.00 14.68 ? 75  PHE A CD2 1 
ATOM   566  C  CE1 . PHE A 1 89  ? 9.247   -1.487  -7.305  1.00 14.70 ? 75  PHE A CE1 1 
ATOM   567  C  CE2 . PHE A 1 89  ? 9.865   -1.166  -4.999  1.00 15.65 ? 75  PHE A CE2 1 
ATOM   568  C  CZ  . PHE A 1 89  ? 9.314   -1.943  -5.980  1.00 14.85 ? 75  PHE A CZ  1 
ATOM   569  N  N   . GLN A 1 90  ? 8.741   3.424   -5.183  1.00 15.21 ? 76  GLN A N   1 
ATOM   570  C  CA  . GLN A 1 90  ? 7.741   3.403   -4.152  1.00 14.76 ? 76  GLN A CA  1 
ATOM   571  C  C   . GLN A 1 90  ? 6.439   4.067   -4.601  1.00 13.98 ? 76  GLN A C   1 
ATOM   572  O  O   . GLN A 1 90  ? 5.343   3.556   -4.363  1.00 14.55 ? 76  GLN A O   1 
ATOM   573  C  CB  . GLN A 1 90  ? 8.278   4.053   -2.864  1.00 13.58 ? 76  GLN A CB  1 
ATOM   574  C  CG  . GLN A 1 90  ? 9.459   3.264   -2.275  1.00 13.74 ? 76  GLN A CG  1 
ATOM   575  C  CD  . GLN A 1 90  ? 10.287  4.064   -1.287  1.00 17.87 ? 76  GLN A CD  1 
ATOM   576  O  OE1 . GLN A 1 90  ? 10.190  5.278   -1.236  1.00 17.23 ? 76  GLN A OE1 1 
ATOM   577  N  NE2 . GLN A 1 90  ? 11.068  3.355   -0.451  1.00 18.89 ? 76  GLN A NE2 1 
ATOM   578  N  N   . LEU A 1 91  ? 6.559   5.203   -5.282  1.00 13.26 ? 77  LEU A N   1 
ATOM   579  C  CA  . LEU A 1 91  ? 5.376   5.896   -5.791  1.00 14.54 ? 77  LEU A CA  1 
ATOM   580  C  C   . LEU A 1 91  ? 4.636   5.007   -6.794  1.00 14.11 ? 77  LEU A C   1 
ATOM   581  O  O   . LEU A 1 91  ? 3.405   4.913   -6.770  1.00 15.52 ? 77  LEU A O   1 
ATOM   582  C  CB  . LEU A 1 91  ? 5.791   7.211   -6.467  1.00 14.55 ? 77  LEU A CB  1 
ATOM   583  C  CG  . LEU A 1 91  ? 6.344   8.310   -5.584  1.00 15.89 ? 77  LEU A CG  1 
ATOM   584  C  CD1 . LEU A 1 91  ? 6.834   9.512   -6.462  1.00 17.36 ? 77  LEU A CD1 1 
ATOM   585  C  CD2 . LEU A 1 91  ? 5.328   8.702   -4.552  1.00 16.95 ? 77  LEU A CD2 1 
ATOM   586  N  N   . ARG A 1 92  ? 5.382   4.378   -7.696  1.00 14.71 ? 78  ARG A N   1 
ATOM   587  C  CA  . ARG A 1 92  ? 4.742   3.514   -8.716  1.00 16.27 ? 78  ARG A CA  1 
ATOM   588  C  C   . ARG A 1 92  ? 4.037   2.292   -8.063  1.00 15.93 ? 78  ARG A C   1 
ATOM   589  O  O   . ARG A 1 92  ? 2.986   1.864   -8.577  1.00 16.09 ? 78  ARG A O   1 
ATOM   590  C  CB  . ARG A 1 92  ? 5.742   3.060   -9.802  1.00 17.69 ? 78  ARG A CB  1 
ATOM   591  C  CG  . ARG A 1 92  ? 6.406   4.175   -10.627 1.00 19.02 ? 78  ARG A CG  1 
ATOM   592  C  CD  . ARG A 1 92  ? 5.429   5.181   -11.164 1.00 24.11 ? 78  ARG A CD  1 
ATOM   593  N  NE  . ARG A 1 92  ? 6.128   6.257   -11.861 1.00 20.32 ? 78  ARG A NE  1 
ATOM   594  C  CZ  . ARG A 1 92  ? 5.655   7.479   -12.057 1.00 22.11 ? 78  ARG A CZ  1 
ATOM   595  N  NH1 . ARG A 1 92  ? 4.459   7.839   -11.658 1.00 21.84 ? 78  ARG A NH1 1 
ATOM   596  N  NH2 . ARG A 1 92  ? 6.405   8.356   -12.691 1.00 25.62 ? 78  ARG A NH2 1 
ATOM   597  N  N   . CYS A 1 93  ? 4.589   1.732   -6.969  1.00 16.02 ? 79  CYS A N   1 
ATOM   598  C  CA  . CYS A 1 93  ? 3.869   0.659   -6.193  1.00 15.08 ? 79  CYS A CA  1 
ATOM   599  C  C   . CYS A 1 93  ? 2.460   1.119   -5.777  1.00 15.38 ? 79  CYS A C   1 
ATOM   600  O  O   . CYS A 1 93  ? 1.506   0.339   -5.847  1.00 13.55 ? 79  CYS A O   1 
ATOM   601  C  CB  . CYS A 1 93  ? 4.719   0.165   -4.988  1.00 15.20 ? 79  CYS A CB  1 
ATOM   602  S  SG  . CYS A 1 93  ? 6.170   -0.745  -5.531  1.00 15.58 ? 79  CYS A SG  1 
ATOM   603  N  N   . MET A 1 94  ? 2.345   2.388   -5.344  1.00 13.93 ? 80  MET A N   1 
ATOM   604  C  CA  . MET A 1 94  ? 1.065   2.983   -4.980  1.00 15.11 ? 80  MET A CA  1 
ATOM   605  C  C   . MET A 1 94  ? 0.105   3.108   -6.174  1.00 16.21 ? 80  MET A C   1 
ATOM   606  O  O   . MET A 1 94  ? -1.112  2.865   -6.061  1.00 16.88 ? 80  MET A O   1 
ATOM   607  C  CB  . MET A 1 94  ? 1.285   4.323   -4.305  1.00 15.39 ? 80  MET A CB  1 
ATOM   608  C  CG  . MET A 1 94  ? 2.115   4.241   -3.026  1.00 16.09 ? 80  MET A CG  1 
ATOM   609  S  SD  . MET A 1 94  ? 1.717   2.935   -1.855  1.00 16.62 ? 80  MET A SD  1 
ATOM   610  C  CE  . MET A 1 94  ? 0.063   3.429   -1.328  1.00 17.44 ? 80  MET A CE  1 
ATOM   611  N  N   . GLN A 1 95  ? 0.665   3.452   -7.302  1.00 17.52 ? 81  GLN A N   1 
ATOM   612  C  CA  . GLN A 1 95  ? -0.097  3.639   -8.548  1.00 18.24 ? 81  GLN A CA  1 
ATOM   613  C  C   . GLN A 1 95  ? -0.586  2.352   -9.209  1.00 17.96 ? 81  GLN A C   1 
ATOM   614  O  O   . GLN A 1 95  ? -1.739  2.275   -9.661  1.00 17.65 ? 81  GLN A O   1 
ATOM   615  C  CB  . GLN A 1 95  ? 0.816   4.409   -9.494  1.00 19.46 ? 81  GLN A CB  1 
ATOM   616  C  CG  . GLN A 1 95  ? 0.160   5.280   -10.460 1.00 23.41 ? 81  GLN A CG  1 
ATOM   617  C  CD  . GLN A 1 95  ? 1.123   6.294   -11.040 1.00 22.99 ? 81  GLN A CD  1 
ATOM   618  O  OE1 . GLN A 1 95  ? 2.339   6.136   -10.980 1.00 20.15 ? 81  GLN A OE1 1 
ATOM   619  N  NE2 . GLN A 1 95  ? 0.568   7.341   -11.620 1.00 26.39 ? 81  GLN A NE2 1 
ATOM   620  N  N   . VAL A 1 96  ? 0.277   1.332   -9.270  1.00 16.84 ? 82  VAL A N   1 
ATOM   621  C  CA  . VAL A 1 96  ? -0.085  0.024   -9.834  1.00 16.71 ? 82  VAL A CA  1 
ATOM   622  C  C   . VAL A 1 96  ? -0.914  -0.772  -8.827  1.00 16.39 ? 82  VAL A C   1 
ATOM   623  O  O   . VAL A 1 96  ? -1.532  -1.776  -9.185  1.00 15.72 ? 82  VAL A O   1 
ATOM   624  C  CB  . VAL A 1 96  ? 1.118   -0.808  -10.275 1.00 16.01 ? 82  VAL A CB  1 
ATOM   625  C  CG1 . VAL A 1 96  ? 2.021   -0.028  -11.290 1.00 16.26 ? 82  VAL A CG1 1 
ATOM   626  C  CG2 . VAL A 1 96  ? 1.957   -1.315  -9.044  1.00 18.21 ? 82  VAL A CG2 1 
ATOM   627  N  N   . GLY A 1 97  ? -0.907  -0.328  -7.561  1.00 15.70 ? 83  GLY A N   1 
ATOM   628  C  CA  . GLY A 1 97  ? -1.613  -0.990  -6.504  1.00 15.73 ? 83  GLY A CA  1 
ATOM   629  C  C   . GLY A 1 97  ? -2.961  -0.343  -6.251  1.00 14.93 ? 83  GLY A C   1 
ATOM   630  O  O   . GLY A 1 97  ? -3.852  -0.377  -7.099  1.00 16.01 ? 83  GLY A O   1 
ATOM   631  N  N   . GLY A 1 98  ? -3.124  0.286   -5.111  1.00 15.97 ? 84  GLY A N   1 
ATOM   632  C  CA  . GLY A 1 98  ? -4.421  0.827   -4.727  1.00 15.91 ? 84  GLY A CA  1 
ATOM   633  C  C   . GLY A 1 98  ? -5.233  -0.185  -3.951  1.00 16.52 ? 84  GLY A C   1 
ATOM   634  O  O   . GLY A 1 98  ? -4.987  -1.392  -3.989  1.00 14.96 ? 84  GLY A O   1 
ATOM   635  N  N   . ASN A 1 99  ? -6.197  0.311   -3.203  1.00 16.78 ? 85  ASN A N   1 
ATOM   636  C  CA  . ASN A 1 99  ? -6.934  -0.570  -2.308  1.00 17.66 ? 85  ASN A CA  1 
ATOM   637  C  C   . ASN A 1 99  ? -7.861  -1.554  -3.059  1.00 18.25 ? 85  ASN A C   1 
ATOM   638  O  O   . ASN A 1 99  ? -8.039  -2.711  -2.654  1.00 18.40 ? 85  ASN A O   1 
ATOM   639  C  CB  . ASN A 1 99  ? -7.731  0.244   -1.302  1.00 18.82 ? 85  ASN A CB  1 
ATOM   640  C  CG  . ASN A 1 99  ? -6.856  0.843   -0.208  1.00 19.43 ? 85  ASN A CG  1 
ATOM   641  O  OD1 . ASN A 1 99  ? -5.622  0.710   -0.253  1.00 19.57 ? 85  ASN A OD1 1 
ATOM   642  N  ND2 . ASN A 1 99  ? -7.488  1.522   0.766   1.00 17.21 ? 85  ASN A ND2 1 
ATOM   643  N  N   . ALA A 1 100 ? -8.457  -1.073  -4.147  1.00 18.68 ? 86  ALA A N   1 
ATOM   644  C  CA  . ALA A 1 100 ? -9.375  -1.926  -4.921  1.00 18.33 ? 86  ALA A CA  1 
ATOM   645  C  C   . ALA A 1 100 ? -8.633  -3.161  -5.446  1.00 17.17 ? 86  ALA A C   1 
ATOM   646  O  O   . ALA A 1 100 ? -9.102  -4.306  -5.317  1.00 17.74 ? 86  ALA A O   1 
ATOM   647  C  CB  . ALA A 1 100 ? -9.987  -1.116  -6.104  1.00 19.55 ? 86  ALA A CB  1 
ATOM   648  N  N   . ASN A 1 101 ? -7.498  -2.915  -6.078  1.00 16.63 ? 87  ASN A N   1 
ATOM   649  C  CA  . ASN A 1 101 ? -6.663  -4.015  -6.622  1.00 15.49 ? 87  ASN A CA  1 
ATOM   650  C  C   . ASN A 1 101 ? -6.279  -5.011  -5.531  1.00 15.47 ? 87  ASN A C   1 
ATOM   651  O  O   . ASN A 1 101 ? -6.388  -6.206  -5.721  1.00 16.49 ? 87  ASN A O   1 
ATOM   652  C  CB  . ASN A 1 101 ? -5.423  -3.465  -7.304  1.00 14.96 ? 87  ASN A CB  1 
ATOM   653  C  CG  . ASN A 1 101 ? -5.677  -3.001  -8.721  1.00 19.17 ? 87  ASN A CG  1 
ATOM   654  O  OD1 . ASN A 1 101 ? -6.713  -3.366  -9.318  1.00 20.85 ? 87  ASN A OD1 1 
ATOM   655  N  ND2 . ASN A 1 101 ? -4.770  -2.145  -9.265  1.00 17.81 ? 87  ASN A ND2 1 
ATOM   656  N  N   . ALA A 1 102 ? -5.808  -4.516  -4.385  1.00 15.16 ? 88  ALA A N   1 
ATOM   657  C  CA  . ALA A 1 102 ? -5.434  -5.385  -3.240  1.00 14.10 ? 88  ALA A CA  1 
ATOM   658  C  C   . ALA A 1 102 ? -6.587  -6.205  -2.674  1.00 14.16 ? 88  ALA A C   1 
ATOM   659  O  O   . ALA A 1 102 ? -6.450  -7.395  -2.428  1.00 15.05 ? 88  ALA A O   1 
ATOM   660  C  CB  . ALA A 1 102 ? -4.837  -4.477  -2.081  1.00 14.55 ? 88  ALA A CB  1 
ATOM   661  N  N   . THR A 1 103 ? -7.720  -5.555  -2.467  1.00 15.57 ? 89  THR A N   1 
ATOM   662  C  CA  . THR A 1 103 ? -8.898  -6.189  -1.915  1.00 17.36 ? 89  THR A CA  1 
ATOM   663  C  C   . THR A 1 103 ? -9.334  -7.337  -2.812  1.00 16.96 ? 89  THR A C   1 
ATOM   664  O  O   . THR A 1 103 ? -9.557  -8.439  -2.349  1.00 18.19 ? 89  THR A O   1 
ATOM   665  C  CB  . THR A 1 103 ? -10.045 -5.171  -1.781  1.00 17.95 ? 89  THR A CB  1 
ATOM   666  O  OG1 . THR A 1 103 ? -9.690  -4.214  -0.770  1.00 20.16 ? 89  THR A OG1 1 
ATOM   667  C  CG2 . THR A 1 103 ? -11.351 -5.824  -1.369  1.00 19.60 ? 89  THR A CG2 1 
ATOM   668  N  N   . ALA A 1 104 ? -9.432  -7.079  -4.100  1.00 18.25 ? 90  ALA A N   1 
ATOM   669  C  CA  . ALA A 1 104 ? -9.719  -8.128  -5.079  1.00 17.67 ? 90  ALA A CA  1 
ATOM   670  C  C   . ALA A 1 104 ? -8.700  -9.258  -5.066  1.00 16.98 ? 90  ALA A C   1 
ATOM   671  O  O   . ALA A 1 104 ? -9.042  -10.416 -4.989  1.00 16.67 ? 90  ALA A O   1 
ATOM   672  C  CB  . ALA A 1 104 ? -9.787  -7.498  -6.443  1.00 18.69 ? 90  ALA A CB  1 
ATOM   673  N  N   . PHE A 1 105 ? -7.405  -8.940  -5.147  1.00 16.45 ? 91  PHE A N   1 
ATOM   674  C  CA  . PHE A 1 105 ? -6.392  -9.979  -5.131  1.00 16.47 ? 91  PHE A CA  1 
ATOM   675  C  C   . PHE A 1 105 ? -6.442  -10.842 -3.891  1.00 16.19 ? 91  PHE A C   1 
ATOM   676  O  O   . PHE A 1 105 ? -6.335  -12.093 -3.951  1.00 15.89 ? 91  PHE A O   1 
ATOM   677  C  CB  . PHE A 1 105 ? -4.966  -9.349  -5.272  1.00 16.95 ? 91  PHE A CB  1 
ATOM   678  C  CG  . PHE A 1 105 ? -3.876  -10.385 -5.509  1.00 17.93 ? 91  PHE A CG  1 
ATOM   679  C  CD1 . PHE A 1 105 ? -3.450  -10.691 -6.814  1.00 18.62 ? 91  PHE A CD1 1 
ATOM   680  C  CD2 . PHE A 1 105 ? -3.302  -11.088 -4.445  1.00 16.80 ? 91  PHE A CD2 1 
ATOM   681  C  CE1 . PHE A 1 105 ? -2.495  -11.623 -7.042  1.00 16.84 ? 91  PHE A CE1 1 
ATOM   682  C  CE2 . PHE A 1 105 ? -2.364  -12.060 -4.683  1.00 18.32 ? 91  PHE A CE2 1 
ATOM   683  C  CZ  . PHE A 1 105 ? -1.909  -12.289 -5.982  1.00 19.81 ? 91  PHE A CZ  1 
ATOM   684  N  N   . PHE A 1 106 ? -6.545  -10.221 -2.729  1.00 15.78 ? 92  PHE A N   1 
ATOM   685  C  CA  . PHE A 1 106 ? -6.537  -10.984 -1.515  1.00 16.50 ? 92  PHE A CA  1 
ATOM   686  C  C   . PHE A 1 106 ? -7.691  -12.013 -1.501  1.00 15.98 ? 92  PHE A C   1 
ATOM   687  O  O   . PHE A 1 106 ? -7.459  -13.165 -1.207  1.00 16.76 ? 92  PHE A O   1 
ATOM   688  C  CB  . PHE A 1 106 ? -6.601  -10.098 -0.288  1.00 16.72 ? 92  PHE A CB  1 
ATOM   689  C  CG  . PHE A 1 106 ? -5.232  -9.619  0.199   1.00 15.55 ? 92  PHE A CG  1 
ATOM   690  C  CD1 . PHE A 1 106 ? -4.367  -8.923  -0.640  1.00 16.51 ? 92  PHE A CD1 1 
ATOM   691  C  CD2 . PHE A 1 106 ? -4.849  -9.824  1.535   1.00 18.46 ? 92  PHE A CD2 1 
ATOM   692  C  CE1 . PHE A 1 106 ? -3.146  -8.486  -0.199  1.00 15.64 ? 92  PHE A CE1 1 
ATOM   693  C  CE2 . PHE A 1 106 ? -3.593  -9.359  1.992   1.00 18.54 ? 92  PHE A CE2 1 
ATOM   694  C  CZ  . PHE A 1 106 ? -2.761  -8.717  1.129   1.00 16.13 ? 92  PHE A CZ  1 
ATOM   695  N  N   . ARG A 1 107 ? -8.908  -11.565 -1.722  1.00 17.50 ? 93  ARG A N   1 
ATOM   696  C  CA  . ARG A 1 107 ? -10.072 -12.489 -1.690  1.00 17.91 ? 93  ARG A CA  1 
ATOM   697  C  C   . ARG A 1 107 ? -9.966  -13.578 -2.752  1.00 17.83 ? 93  ARG A C   1 
ATOM   698  O  O   . ARG A 1 107 ? -10.329 -14.732 -2.477  1.00 17.32 ? 93  ARG A O   1 
ATOM   699  C  CB  . ARG A 1 107 ? -11.433 -11.800 -1.774  1.00 19.02 ? 93  ARG A CB  1 
ATOM   700  C  CG  . ARG A 1 107 ? -11.725 -11.043 -3.006  1.00 19.69 ? 93  ARG A CG  1 
ATOM   701  C  CD  . ARG A 1 107 ? -13.164 -10.481 -2.945  1.00 24.38 ? 93  ARG A CD  1 
ATOM   702  N  NE  . ARG A 1 107 ? -13.442 -9.970  -4.273  1.00 25.07 ? 93  ARG A NE  1 
ATOM   703  C  CZ  . ARG A 1 107 ? -13.404 -8.688  -4.639  1.00 27.33 ? 93  ARG A CZ  1 
ATOM   704  N  NH1 . ARG A 1 107 ? -13.577 -8.400  -5.901  1.00 27.56 ? 93  ARG A NH1 1 
ATOM   705  N  NH2 . ARG A 1 107 ? -13.191 -7.693  -3.770  1.00 25.56 ? 93  ARG A NH2 1 
ATOM   706  N  N   . GLN A 1 108 ? -9.470  -13.195 -3.914  1.00 17.56 ? 94  GLN A N   1 
ATOM   707  C  CA  . GLN A 1 108 ? -9.317  -14.085 -5.067  1.00 18.31 ? 94  GLN A CA  1 
ATOM   708  C  C   . GLN A 1 108 ? -8.215  -15.111 -4.818  1.00 18.42 ? 94  GLN A C   1 
ATOM   709  O  O   . GLN A 1 108 ? -8.181  -16.138 -5.485  1.00 21.16 ? 94  GLN A O   1 
ATOM   710  C  CB  . GLN A 1 108 ? -9.047  -13.301 -6.375  1.00 17.36 ? 94  GLN A CB  1 
ATOM   711  C  CG  . GLN A 1 108 ? -10.245 -12.524 -6.928  1.00 18.45 ? 94  GLN A CG  1 
ATOM   712  C  CD  . GLN A 1 108 ? -9.915  -11.597 -8.071  1.00 17.16 ? 94  GLN A CD  1 
ATOM   713  O  OE1 . GLN A 1 108 ? -8.828  -11.660 -8.647  1.00 22.05 ? 94  GLN A OE1 1 
ATOM   714  N  NE2 . GLN A 1 108 ? -10.844 -10.731 -8.405  1.00 18.74 ? 94  GLN A NE2 1 
ATOM   715  N  N   . HIS A 1 109 ? -7.315  -14.864 -3.863  1.00 18.09 ? 95  HIS A N   1 
ATOM   716  C  CA  . HIS A 1 109 ? -6.289  -15.849 -3.482  1.00 18.73 ? 95  HIS A CA  1 
ATOM   717  C  C   . HIS A 1 109 ? -6.488  -16.393 -2.056  1.00 17.93 ? 95  HIS A C   1 
ATOM   718  O  O   . HIS A 1 109 ? -5.538  -16.857 -1.394  1.00 19.38 ? 95  HIS A O   1 
ATOM   719  C  CB  . HIS A 1 109 ? -4.882  -15.275 -3.779  1.00 18.90 ? 95  HIS A CB  1 
ATOM   720  C  CG  . HIS A 1 109 ? -4.727  -14.898 -5.216  1.00 18.62 ? 95  HIS A CG  1 
ATOM   721  N  ND1 . HIS A 1 109 ? -5.196  -13.710 -5.725  1.00 18.81 ? 95  HIS A ND1 1 
ATOM   722  C  CD2 . HIS A 1 109 ? -4.284  -15.610 -6.273  1.00 17.51 ? 95  HIS A CD2 1 
ATOM   723  C  CE1 . HIS A 1 109 ? -5.007  -13.697 -7.036  1.00 19.94 ? 95  HIS A CE1 1 
ATOM   724  N  NE2 . HIS A 1 109 ? -4.459  -14.838 -7.388  1.00 18.87 ? 95  HIS A NE2 1 
ATOM   725  N  N   . GLY A 1 110 ? -7.747  -16.368 -1.605  1.00 17.90 ? 96  GLY A N   1 
ATOM   726  C  CA  . GLY A 1 110 ? -8.196  -17.116 -0.429  1.00 18.53 ? 96  GLY A CA  1 
ATOM   727  C  C   . GLY A 1 110 ? -8.084  -16.428 0.911   1.00 19.66 ? 96  GLY A C   1 
ATOM   728  O  O   . GLY A 1 110 ? -8.213  -17.076 1.958   1.00 21.45 ? 96  GLY A O   1 
ATOM   729  N  N   . CYS A 1 111 ? -7.787  -15.139 0.897   1.00 19.89 ? 97  CYS A N   1 
ATOM   730  C  CA  . CYS A 1 111 ? -7.637  -14.381 2.140   1.00 20.08 ? 97  CYS A CA  1 
ATOM   731  C  C   . CYS A 1 111 ? -8.708  -13.292 2.314   1.00 21.17 ? 97  CYS A C   1 
ATOM   732  O  O   . CYS A 1 111 ? -8.713  -12.269 1.606   1.00 22.32 ? 97  CYS A O   1 
ATOM   733  C  CB  . CYS A 1 111 ? -6.235  -13.782 2.240   1.00 19.81 ? 97  CYS A CB  1 
ATOM   734  S  SG  . CYS A 1 111 ? -6.026  -12.936 3.891   1.00 21.82 ? 97  CYS A SG  1 
ATOM   735  N  N   . THR A 1 112 ? -9.619  -13.507 3.261   1.00 23.01 ? 98  THR A N   1 
ATOM   736  C  CA  . THR A 1 112 ? -10.543 -12.478 3.684   1.00 24.56 ? 98  THR A CA  1 
ATOM   737  C  C   . THR A 1 112 ? -10.447 -12.288 5.219   1.00 25.70 ? 98  THR A C   1 
ATOM   738  O  O   . THR A 1 112 ? -11.402 -11.855 5.851   1.00 25.67 ? 98  THR A O   1 
ATOM   739  C  CB  . THR A 1 112 ? -11.990 -12.786 3.254   1.00 24.99 ? 98  THR A CB  1 
ATOM   740  O  OG1 . THR A 1 112 ? -12.377 -14.077 3.725   1.00 23.80 ? 98  THR A OG1 1 
ATOM   741  C  CG2 . THR A 1 112 ? -12.135 -12.715 1.729   1.00 26.44 ? 98  THR A CG2 1 
ATOM   742  N  N   . ALA A 1 113 ? -9.300  -12.647 5.784   1.00 26.86 ? 99  ALA A N   1 
ATOM   743  C  CA  . ALA A 1 113 ? -9.045  -12.499 7.234   1.00 28.45 ? 99  ALA A CA  1 
ATOM   744  C  C   . ALA A 1 113 ? -8.957  -11.011 7.600   1.00 29.67 ? 99  ALA A C   1 
ATOM   745  O  O   . ALA A 1 113 ? -8.459  -10.185 6.824   1.00 29.57 ? 99  ALA A O   1 
ATOM   746  C  CB  . ALA A 1 113 ? -7.769  -13.253 7.640   1.00 28.30 ? 99  ALA A CB  1 
ATOM   747  N  N   . ASN A 1 114 ? -9.498  -10.649 8.751   1.00 30.83 ? 100 ASN A N   1 
ATOM   748  C  CA  . ASN A 1 114 ? -9.493  -9.248  9.178   1.00 32.26 ? 100 ASN A CA  1 
ATOM   749  C  C   . ASN A 1 114 ? -8.291  -8.990  10.061  1.00 32.26 ? 100 ASN A C   1 
ATOM   750  O  O   . ASN A 1 114 ? -7.729  -7.888  10.041  1.00 34.22 ? 100 ASN A O   1 
ATOM   751  C  CB  . ASN A 1 114 ? -10.767 -8.892  9.972   1.00 33.09 ? 100 ASN A CB  1 
ATOM   752  C  CG  . ASN A 1 114 ? -12.036 -8.995  9.145   1.00 34.77 ? 100 ASN A CG  1 
ATOM   753  O  OD1 . ASN A 1 114 ? -12.065 -8.655  7.968   1.00 38.53 ? 100 ASN A OD1 1 
ATOM   754  N  ND2 . ASN A 1 114 ? -13.111 -9.438  9.789   1.00 35.54 ? 100 ASN A ND2 1 
ATOM   755  N  N   . ASP A 1 115 ? -7.914  -10.000 10.838  1.00 31.40 ? 101 ASP A N   1 
ATOM   756  C  CA  . ASP A 1 115 ? -6.751  -9.959  11.706  1.00 30.76 ? 101 ASP A CA  1 
ATOM   757  C  C   . ASP A 1 115 ? -5.433  -9.741  10.936  1.00 29.51 ? 101 ASP A C   1 
ATOM   758  O  O   . ASP A 1 115 ? -5.072  -10.544 10.109  1.00 28.15 ? 101 ASP A O   1 
ATOM   759  C  CB  . ASP A 1 115 ? -6.658  -11.286 12.443  1.00 31.21 ? 101 ASP A CB  1 
ATOM   760  C  CG  . ASP A 1 115 ? -5.438  -11.385 13.277  1.00 33.56 ? 101 ASP A CG  1 
ATOM   761  O  OD1 . ASP A 1 115 ? -4.510  -12.124 12.899  1.00 34.51 ? 101 ASP A OD1 1 
ATOM   762  O  OD2 . ASP A 1 115 ? -5.385  -10.683 14.325  1.00 42.56 ? 101 ASP A OD2 1 
ATOM   763  N  N   . ALA A 1 116 ? -4.700  -8.687  11.282  1.00 28.07 ? 102 ALA A N   1 
ATOM   764  C  CA  . ALA A 1 116 ? -3.492  -8.284  10.529  1.00 26.78 ? 102 ALA A CA  1 
ATOM   765  C  C   . ALA A 1 116 ? -2.435  -9.356  10.483  1.00 26.26 ? 102 ALA A C   1 
ATOM   766  O  O   . ALA A 1 116 ? -1.809  -9.566  9.449   1.00 25.62 ? 102 ALA A O   1 
ATOM   767  C  CB  . ALA A 1 116 ? -2.914  -6.976  11.107  1.00 27.81 ? 102 ALA A CB  1 
ATOM   768  N  N   . ASN A 1 117 ? -2.183  -10.028 11.610  1.00 25.79 ? 103 ASN A N   1 
ATOM   769  C  CA  . ASN A 1 117 ? -1.157  -11.065 11.615  1.00 25.95 ? 103 ASN A CA  1 
ATOM   770  C  C   . ASN A 1 117 ? -1.505  -12.192 10.643  1.00 24.32 ? 103 ASN A C   1 
ATOM   771  O  O   . ASN A 1 117 ? -0.648  -12.674 9.906   1.00 25.01 ? 103 ASN A O   1 
ATOM   772  C  CB  . ASN A 1 117 ? -0.895  -11.598 13.047  1.00 27.07 ? 103 ASN A CB  1 
ATOM   773  C  CG  . ASN A 1 117 ? 0.281   -10.915 13.708  1.00 28.40 ? 103 ASN A CG  1 
ATOM   774  O  OD1 . ASN A 1 117 ? 1.263   -10.595 13.058  1.00 33.60 ? 103 ASN A OD1 1 
ATOM   775  N  ND2 . ASN A 1 117 ? 0.204   -10.718 15.020  1.00 35.27 ? 103 ASN A ND2 1 
ATOM   776  N  N   . THR A 1 118 ? -2.783  -12.564 10.617  1.00 23.68 ? 104 THR A N   1 
ATOM   777  C  CA  . THR A 1 118 ? -3.269  -13.653 9.754   1.00 23.23 ? 104 THR A CA  1 
ATOM   778  C  C   . THR A 1 118 ? -3.306  -13.163 8.304   1.00 21.96 ? 104 THR A C   1 
ATOM   779  O  O   . THR A 1 118 ? -2.858  -13.845 7.423   1.00 23.10 ? 104 THR A O   1 
ATOM   780  C  CB  . THR A 1 118 ? -4.683  -14.098 10.168  1.00 23.95 ? 104 THR A CB  1 
ATOM   781  O  OG1 . THR A 1 118 ? -4.635  -14.538 11.534  1.00 26.18 ? 104 THR A OG1 1 
ATOM   782  C  CG2 . THR A 1 118 ? -5.182  -15.270 9.275   1.00 24.72 ? 104 THR A CG2 1 
ATOM   783  N  N   . LYS A 1 119 ? -3.771  -11.942 8.109   1.00 20.98 ? 105 LYS A N   1 
ATOM   784  C  CA  . LYS A 1 119 ? -3.916  -11.387 6.777   1.00 19.83 ? 105 LYS A CA  1 
ATOM   785  C  C   . LYS A 1 119 ? -2.570  -11.233 6.047   1.00 19.69 ? 105 LYS A C   1 
ATOM   786  O  O   . LYS A 1 119 ? -2.441  -11.590 4.881   1.00 19.09 ? 105 LYS A O   1 
ATOM   787  C  CB  . LYS A 1 119 ? -4.678  -10.090 6.883   1.00 19.47 ? 105 LYS A CB  1 
ATOM   788  C  CG  . LYS A 1 119 ? -4.866  -9.330  5.585   1.00 20.36 ? 105 LYS A CG  1 
ATOM   789  C  CD  . LYS A 1 119 ? -5.802  -8.162  5.764   1.00 19.51 ? 105 LYS A CD  1 
ATOM   790  C  CE  . LYS A 1 119 ? -5.956  -7.348  4.515   1.00 19.85 ? 105 LYS A CE  1 
ATOM   791  N  NZ  . LYS A 1 119 ? -6.857  -6.212  4.830   1.00 18.38 ? 105 LYS A NZ  1 
ATOM   792  N  N   . TYR A 1 120 ? -1.558  -10.714 6.740   1.00 19.02 ? 106 TYR A N   1 
ATOM   793  C  CA  . TYR A 1 120 ? -0.309  -10.392 6.092   1.00 18.98 ? 106 TYR A CA  1 
ATOM   794  C  C   . TYR A 1 120 ? 0.680   -11.541 6.063   1.00 19.90 ? 106 TYR A C   1 
ATOM   795  O  O   . TYR A 1 120 ? 1.681   -11.444 5.405   1.00 20.09 ? 106 TYR A O   1 
ATOM   796  C  CB  . TYR A 1 120 ? 0.256   -9.075  6.659   1.00 18.63 ? 106 TYR A CB  1 
ATOM   797  C  CG  . TYR A 1 120 ? -0.622  -7.937  6.237   1.00 17.22 ? 106 TYR A CG  1 
ATOM   798  C  CD1 . TYR A 1 120 ? -0.551  -7.437  4.922   1.00 17.72 ? 106 TYR A CD1 1 
ATOM   799  C  CD2 . TYR A 1 120 ? -1.537  -7.372  7.098   1.00 15.90 ? 106 TYR A CD2 1 
ATOM   800  C  CE1 . TYR A 1 120 ? -1.409  -6.437  4.507   1.00 17.82 ? 106 TYR A CE1 1 
ATOM   801  C  CE2 . TYR A 1 120 ? -2.391  -6.389  6.683   1.00 18.18 ? 106 TYR A CE2 1 
ATOM   802  C  CZ  . TYR A 1 120 ? -2.294  -5.903  5.388   1.00 17.65 ? 106 TYR A CZ  1 
ATOM   803  O  OH  . TYR A 1 120 ? -3.116  -4.864  4.988   1.00 16.92 ? 106 TYR A OH  1 
ATOM   804  N  N   . ASN A 1 121 ? 0.395   -12.632 6.782   1.00 21.56 ? 107 ASN A N   1 
ATOM   805  C  CA  . ASN A 1 121 ? 1.161   -13.876 6.609   1.00 22.52 ? 107 ASN A CA  1 
ATOM   806  C  C   . ASN A 1 121 ? 0.475   -14.869 5.666   1.00 23.40 ? 107 ASN A C   1 
ATOM   807  O  O   . ASN A 1 121 ? 0.994   -15.965 5.422   1.00 24.44 ? 107 ASN A O   1 
ATOM   808  C  CB  . ASN A 1 121 ? 1.430   -14.515 7.972   1.00 24.42 ? 107 ASN A CB  1 
ATOM   809  C  CG  . ASN A 1 121 ? 2.413   -13.701 8.788   1.00 25.07 ? 107 ASN A CG  1 
ATOM   810  O  OD1 . ASN A 1 121 ? 3.617   -13.682 8.480   1.00 30.06 ? 107 ASN A OD1 1 
ATOM   811  N  ND2 . ASN A 1 121 ? 1.910   -12.972 9.768   1.00 23.98 ? 107 ASN A ND2 1 
ATOM   812  N  N   . SER A 1 122 ? -0.665  -14.469 5.103   1.00 22.60 ? 108 SER A N   1 
ATOM   813  C  CA  . SER A 1 122 ? -1.422  -15.307 4.161   1.00 21.94 ? 108 SER A CA  1 
ATOM   814  C  C   . SER A 1 122 ? -0.642  -15.575 2.879   1.00 21.90 ? 108 SER A C   1 
ATOM   815  O  O   . SER A 1 122 ? 0.284   -14.823 2.524   1.00 20.53 ? 108 SER A O   1 
ATOM   816  C  CB  . SER A 1 122 ? -2.779  -14.646 3.880   1.00 21.71 ? 108 SER A CB  1 
ATOM   817  O  OG  . SER A 1 122 ? -2.663  -13.547 3.028   1.00 22.50 ? 108 SER A OG  1 
ATOM   818  N  N   . ARG A 1 123 ? -0.975  -16.671 2.191   1.00 21.91 ? 109 ARG A N   1 
ATOM   819  C  CA  . ARG A 1 123 ? -0.406  -16.950 0.869   1.00 22.74 ? 109 ARG A CA  1 
ATOM   820  C  C   . ARG A 1 123 ? -0.710  -15.790 -0.085  1.00 20.13 ? 109 ARG A C   1 
ATOM   821  O  O   . ARG A 1 123 ? 0.148   -15.388 -0.885  1.00 20.28 ? 109 ARG A O   1 
ATOM   822  C  CB  . ARG A 1 123 ? -0.961  -18.280 0.295   1.00 23.83 ? 109 ARG A CB  1 
ATOM   823  C  CG  . ARG A 1 123 ? -1.084  -18.294 -1.212  1.00 25.91 ? 109 ARG A CG  1 
ATOM   824  C  CD  . ARG A 1 123 ? -1.810  -19.531 -1.800  1.00 27.53 ? 109 ARG A CD  1 
ATOM   825  N  NE  . ARG A 1 123 ? -3.125  -19.191 -2.327  1.00 30.38 ? 109 ARG A NE  1 
ATOM   826  C  CZ  . ARG A 1 123 ? -3.492  -19.202 -3.625  1.00 31.75 ? 109 ARG A CZ  1 
ATOM   827  N  NH1 . ARG A 1 123 ? -2.653  -19.549 -4.610  1.00 33.15 ? 109 ARG A NH1 1 
ATOM   828  N  NH2 . ARG A 1 123 ? -4.732  -18.858 -3.956  1.00 28.40 ? 109 ARG A NH2 1 
ATOM   829  N  N   . ALA A 1 124 ? -1.916  -15.260 0.008   1.00 18.83 ? 110 ALA A N   1 
ATOM   830  C  CA  . ALA A 1 124 ? -2.329  -14.119 -0.850  1.00 17.89 ? 110 ALA A CA  1 
ATOM   831  C  C   . ALA A 1 124 ? -1.377  -12.926 -0.632  1.00 16.44 ? 110 ALA A C   1 
ATOM   832  O  O   . ALA A 1 124 ? -0.946  -12.304 -1.578  1.00 16.07 ? 110 ALA A O   1 
ATOM   833  C  CB  . ALA A 1 124 ? -3.767  -13.722 -0.535  1.00 17.33 ? 110 ALA A CB  1 
ATOM   834  N  N   . ALA A 1 125 ? -1.070  -12.616 0.622   1.00 16.17 ? 111 ALA A N   1 
ATOM   835  C  CA  . ALA A 1 125 ? -0.200  -11.453 0.916   1.00 16.06 ? 111 ALA A CA  1 
ATOM   836  C  C   . ALA A 1 125 ? 1.182   -11.690 0.325   1.00 16.71 ? 111 ALA A C   1 
ATOM   837  O  O   . ALA A 1 125 ? 1.760   -10.817 -0.286  1.00 14.74 ? 111 ALA A O   1 
ATOM   838  C  CB  . ALA A 1 125 ? -0.133  -11.153 2.415   1.00 16.13 ? 111 ALA A CB  1 
ATOM   839  N  N   . GLN A 1 126 ? 1.668   -12.929 0.412   1.00 18.03 ? 112 GLN A N   1 
ATOM   840  C  CA  . GLN A 1 126 ? 2.984   -13.286 -0.104  1.00 20.07 ? 112 GLN A CA  1 
ATOM   841  C  C   . GLN A 1 126 ? 3.051   -13.137 -1.605  1.00 18.46 ? 112 GLN A C   1 
ATOM   842  O  O   . GLN A 1 126 ? 3.985   -12.585 -2.142  1.00 17.72 ? 112 GLN A O   1 
ATOM   843  C  CB  . GLN A 1 126 ? 3.330   -14.746 0.288   1.00 20.59 ? 112 GLN A CB  1 
ATOM   844  C  CG  . GLN A 1 126 ? 3.454   -14.980 1.769   1.00 25.36 ? 112 GLN A CG  1 
ATOM   845  C  CD  . GLN A 1 126 ? 3.561   -16.483 2.216   1.00 27.22 ? 112 GLN A CD  1 
ATOM   846  O  OE1 . GLN A 1 126 ? 3.567   -17.422 1.417   1.00 36.11 ? 112 GLN A OE1 1 
ATOM   847  N  NE2 . GLN A 1 126 ? 3.653   -16.668 3.519   1.00 36.67 ? 112 GLN A NE2 1 
ATOM   848  N  N   . MET A 1 127 ? 2.027   -13.620 -2.289  1.00 19.01 ? 113 MET A N   1 
ATOM   849  C  CA  A MET A 1 127 ? 1.958   -13.536 -3.737  0.50 18.85 ? 113 MET A CA  1 
ATOM   850  C  CA  B MET A 1 127 ? 1.971   -13.527 -3.735  0.50 18.77 ? 113 MET A CA  1 
ATOM   851  C  C   . MET A 1 127 ? 1.800   -12.076 -4.151  1.00 18.44 ? 113 MET A C   1 
ATOM   852  O  O   . MET A 1 127 ? 2.416   -11.636 -5.092  1.00 17.86 ? 113 MET A O   1 
ATOM   853  C  CB  A MET A 1 127 ? 0.794   -14.371 -4.273  0.50 18.84 ? 113 MET A CB  1 
ATOM   854  C  CB  B MET A 1 127 ? 0.831   -14.364 -4.284  0.50 18.74 ? 113 MET A CB  1 
ATOM   855  C  CG  A MET A 1 127 ? 0.898   -15.863 -3.986  0.50 19.71 ? 113 MET A CG  1 
ATOM   856  C  CG  B MET A 1 127 ? 0.973   -15.836 -4.015  0.50 19.57 ? 113 MET A CG  1 
ATOM   857  S  SD  A MET A 1 127 ? -0.661  -16.744 -4.262  0.50 21.17 ? 113 MET A SD  1 
ATOM   858  S  SD  B MET A 1 127 ? -0.170  -16.760 -5.047  0.50 20.74 ? 113 MET A SD  1 
ATOM   859  C  CE  A MET A 1 127 ? -1.047  -16.311 -5.967  0.50 17.57 ? 113 MET A CE  1 
ATOM   860  C  CE  B MET A 1 127 ? -1.705  -16.578 -4.139  0.50 17.53 ? 113 MET A CE  1 
ATOM   861  N  N   . TYR A 1 128 ? 0.990   -11.335 -3.400  1.00 18.08 ? 114 TYR A N   1 
ATOM   862  C  CA  . TYR A 1 128 ? 0.724   -9.930  -3.767  1.00 16.12 ? 114 TYR A CA  1 
ATOM   863  C  C   . TYR A 1 128 ? 1.948   -9.022  -3.632  1.00 15.99 ? 114 TYR A C   1 
ATOM   864  O  O   . TYR A 1 128 ? 2.163   -8.168  -4.472  1.00 16.27 ? 114 TYR A O   1 
ATOM   865  C  CB  . TYR A 1 128 ? -0.473  -9.371  -3.034  1.00 15.32 ? 114 TYR A CB  1 
ATOM   866  C  CG  . TYR A 1 128 ? -1.058  -8.128  -3.709  1.00 13.04 ? 114 TYR A CG  1 
ATOM   867  C  CD1 . TYR A 1 128 ? -1.536  -8.190  -5.018  1.00 14.69 ? 114 TYR A CD1 1 
ATOM   868  C  CD2 . TYR A 1 128 ? -1.161  -6.927  -3.048  1.00 13.30 ? 114 TYR A CD2 1 
ATOM   869  C  CE1 . TYR A 1 128 ? -2.076  -7.106  -5.637  1.00 16.19 ? 114 TYR A CE1 1 
ATOM   870  C  CE2 . TYR A 1 128 ? -1.714  -5.792  -3.676  1.00 14.30 ? 114 TYR A CE2 1 
ATOM   871  C  CZ  . TYR A 1 128 ? -2.164  -5.895  -4.997  1.00 14.32 ? 114 TYR A CZ  1 
ATOM   872  O  OH  . TYR A 1 128 ? -2.756  -4.851  -5.683  1.00 14.58 ? 114 TYR A OH  1 
ATOM   873  N  N   A ARG A 1 129 ? 2.767   -9.196  -2.598  0.50 16.21 ? 115 ARG A N   1 
ATOM   874  N  N   B ARG A 1 129 ? 2.747   -9.238  -2.583  0.50 16.54 ? 115 ARG A N   1 
ATOM   875  C  CA  A ARG A 1 129 ? 3.958   -8.330  -2.480  0.50 16.64 ? 115 ARG A CA  1 
ATOM   876  C  CA  B ARG A 1 129 ? 4.023   -8.513  -2.412  0.50 17.28 ? 115 ARG A CA  1 
ATOM   877  C  C   A ARG A 1 129 ? 4.899   -8.576  -3.664  0.50 16.68 ? 115 ARG A C   1 
ATOM   878  C  C   B ARG A 1 129 ? 4.832   -8.591  -3.666  0.50 17.01 ? 115 ARG A C   1 
ATOM   879  O  O   A ARG A 1 129 ? 5.564   -7.649  -4.139  0.50 15.96 ? 115 ARG A O   1 
ATOM   880  O  O   B ARG A 1 129 ? 5.364   -7.592  -4.158  0.50 16.34 ? 115 ARG A O   1 
ATOM   881  C  CB  A ARG A 1 129 ? 4.678   -8.507  -1.119  0.50 16.12 ? 115 ARG A CB  1 
ATOM   882  C  CB  B ARG A 1 129 ? 4.879   -9.158  -1.314  0.50 17.03 ? 115 ARG A CB  1 
ATOM   883  C  CG  A ARG A 1 129 ? 5.430   -9.827  -0.931  0.50 15.55 ? 115 ARG A CG  1 
ATOM   884  C  CG  B ARG A 1 129 ? 4.336   -8.982  0.039   0.50 19.31 ? 115 ARG A CG  1 
ATOM   885  C  CD  A ARG A 1 129 ? 5.979   -10.090 0.519   0.50 18.07 ? 115 ARG A CD  1 
ATOM   886  C  CD  B ARG A 1 129 ? 5.356   -9.312  1.072   0.50 20.20 ? 115 ARG A CD  1 
ATOM   887  N  NE  A ARG A 1 129 ? 4.847   -10.285 1.421   0.50 20.83 ? 115 ARG A NE  1 
ATOM   888  N  NE  B ARG A 1 129 ? 6.486   -8.417  1.044   0.50 23.86 ? 115 ARG A NE  1 
ATOM   889  C  CZ  A ARG A 1 129 ? 4.700   -11.151 2.421   0.50 16.78 ? 115 ARG A CZ  1 
ATOM   890  C  CZ  B ARG A 1 129 ? 7.524   -8.515  1.854   0.50 23.74 ? 115 ARG A CZ  1 
ATOM   891  N  NH1 A ARG A 1 129 ? 3.543   -11.105 3.058   0.50 11.34 ? 115 ARG A NH1 1 
ATOM   892  N  NH1 B ARG A 1 129 ? 8.491   -7.613  1.797   0.50 22.10 ? 115 ARG A NH1 1 
ATOM   893  N  NH2 A ARG A 1 129 ? 5.643   -12.051 2.798   0.50 18.15 ? 115 ARG A NH2 1 
ATOM   894  N  NH2 B ARG A 1 129 ? 7.578   -9.518  2.724   0.50 22.06 ? 115 ARG A NH2 1 
ATOM   895  N  N   . GLU A 1 130 ? 4.953   -9.823  -4.152  1.00 16.75 ? 116 GLU A N   1 
ATOM   896  C  CA  . GLU A 1 130 ? 5.733   -10.121 -5.366  1.00 18.87 ? 116 GLU A CA  1 
ATOM   897  C  C   . GLU A 1 130 ? 5.166   -9.414  -6.594  1.00 17.25 ? 116 GLU A C   1 
ATOM   898  O  O   . GLU A 1 130 ? 5.910   -8.828  -7.351  1.00 18.71 ? 116 GLU A O   1 
ATOM   899  C  CB  . GLU A 1 130 ? 5.824   -11.625 -5.622  1.00 19.21 ? 116 GLU A CB  1 
ATOM   900  C  CG  . GLU A 1 130 ? 6.692   -12.318 -4.614  1.00 25.18 ? 116 GLU A CG  1 
ATOM   901  C  CD  . GLU A 1 130 ? 6.753   -13.824 -4.814  1.00 35.76 ? 116 GLU A CD  1 
ATOM   902  O  OE1 . GLU A 1 130 ? 7.040   -14.245 -5.966  1.00 40.32 ? 116 GLU A OE1 1 
ATOM   903  O  OE2 . GLU A 1 130 ? 6.531   -14.557 -3.823  1.00 40.97 ? 116 GLU A OE2 1 
ATOM   904  N  N   . LYS A 1 131 ? 3.854   -9.508  -6.768  1.00 18.08 ? 117 LYS A N   1 
ATOM   905  C  CA  . LYS A 1 131 ? 3.115   -8.861  -7.859  1.00 17.30 ? 117 LYS A CA  1 
ATOM   906  C  C   . LYS A 1 131 ? 3.353   -7.367  -7.831  1.00 16.29 ? 117 LYS A C   1 
ATOM   907  O  O   . LYS A 1 131 ? 3.699   -6.777  -8.822  1.00 16.61 ? 117 LYS A O   1 
ATOM   908  C  CB  . LYS A 1 131 ? 1.612   -9.180  -7.783  1.00 18.20 ? 117 LYS A CB  1 
ATOM   909  C  CG  . LYS A 1 131 ? 0.884   -8.675  -8.981  1.00 19.51 ? 117 LYS A CG  1 
ATOM   910  C  CD  . LYS A 1 131 ? -0.491  -9.230  -9.139  1.00 24.67 ? 117 LYS A CD  1 
ATOM   911  C  CE  . LYS A 1 131 ? -1.032  -8.790  -10.516 1.00 27.03 ? 117 LYS A CE  1 
ATOM   912  N  NZ  . LYS A 1 131 ? -2.499  -8.936  -10.564 1.00 32.49 ? 117 LYS A NZ  1 
ATOM   913  N  N   . ILE A 1 132 ? 3.177   -6.738  -6.663  1.00 15.61 ? 118 ILE A N   1 
ATOM   914  C  CA  . ILE A 1 132 ? 3.452   -5.315  -6.552  1.00 15.17 ? 118 ILE A CA  1 
ATOM   915  C  C   . ILE A 1 132 ? 4.889   -4.927  -6.969  1.00 15.28 ? 118 ILE A C   1 
ATOM   916  O  O   . ILE A 1 132 ? 5.074   -3.909  -7.667  1.00 15.03 ? 118 ILE A O   1 
ATOM   917  C  CB  . ILE A 1 132 ? 3.120   -4.780  -5.169  1.00 14.19 ? 118 ILE A CB  1 
ATOM   918  C  CG1 . ILE A 1 132 ? 1.597   -4.832  -4.942  1.00 14.04 ? 118 ILE A CG1 1 
ATOM   919  C  CG2 . ILE A 1 132 ? 3.664   -3.345  -4.983  1.00 13.13 ? 118 ILE A CG2 1 
ATOM   920  C  CD1 . ILE A 1 132 ? 0.751   -3.748  -5.799  1.00 14.63 ? 118 ILE A CD1 1 
ATOM   921  N  N   . ARG A 1 133 ? 5.900   -5.654  -6.499  1.00 15.54 ? 119 ARG A N   1 
ATOM   922  C  CA  . ARG A 1 133 ? 7.283   -5.385  -6.910  1.00 18.31 ? 119 ARG A CA  1 
ATOM   923  C  C   . ARG A 1 133 ? 7.428   -5.466  -8.428  1.00 17.90 ? 119 ARG A C   1 
ATOM   924  O  O   . ARG A 1 133 ? 8.078   -4.629  -9.036  1.00 18.32 ? 119 ARG A O   1 
ATOM   925  C  CB  . ARG A 1 133 ? 8.276   -6.378  -6.260  1.00 19.20 ? 119 ARG A CB  1 
ATOM   926  C  CG  . ARG A 1 133 ? 8.567   -6.096  -4.804  1.00 23.11 ? 119 ARG A CG  1 
ATOM   927  C  CD  . ARG A 1 133 ? 9.867   -6.807  -4.324  1.00 25.40 ? 119 ARG A CD  1 
ATOM   928  N  NE  . ARG A 1 133 ? 9.845   -8.229  -4.562  1.00 27.37 ? 119 ARG A NE  1 
ATOM   929  C  CZ  . ARG A 1 133 ? 9.411   -9.166  -3.720  1.00 30.51 ? 119 ARG A CZ  1 
ATOM   930  N  NH1 . ARG A 1 133 ? 8.933   -8.887  -2.512  1.00 32.32 ? 119 ARG A NH1 1 
ATOM   931  N  NH2 . ARG A 1 133 ? 9.458   -10.420 -4.123  1.00 34.52 ? 119 ARG A NH2 1 
ATOM   932  N  N   . GLN A 1 134 ? 6.827   -6.491  -9.018  1.00 17.99 ? 120 GLN A N   1 
ATOM   933  C  CA  . GLN A 1 134 ? 6.936   -6.702  -10.479 1.00 18.17 ? 120 GLN A CA  1 
ATOM   934  C  C   . GLN A 1 134 ? 6.299   -5.562  -11.261 1.00 16.71 ? 120 GLN A C   1 
ATOM   935  O  O   . GLN A 1 134 ? 6.930   -4.981  -12.118 1.00 17.84 ? 120 GLN A O   1 
ATOM   936  C  CB  . GLN A 1 134 ? 6.320   -8.029  -10.867 1.00 17.92 ? 120 GLN A CB  1 
ATOM   937  C  CG  . GLN A 1 134 ? 7.147   -9.260  -10.473 1.00 21.86 ? 120 GLN A CG  1 
ATOM   938  N  N   . LEU A 1 135 ? 5.052   -5.252  -10.937 1.00 16.54 ? 121 LEU A N   1 
ATOM   939  C  CA  . LEU A 1 135 ? 4.295   -4.209  -11.585 1.00 16.28 ? 121 LEU A CA  1 
ATOM   940  C  C   . LEU A 1 135 ? 4.920   -2.851  -11.356 1.00 17.51 ? 121 LEU A C   1 
ATOM   941  O  O   . LEU A 1 135 ? 4.991   -2.032  -12.264 1.00 17.02 ? 121 LEU A O   1 
ATOM   942  C  CB  . LEU A 1 135 ? 2.845   -4.186  -11.051 1.00 16.33 ? 121 LEU A CB  1 
ATOM   943  C  CG  . LEU A 1 135 ? 1.956   -5.367  -11.411 1.00 18.58 ? 121 LEU A CG  1 
ATOM   944  C  CD1 . LEU A 1 135 ? 0.569   -5.173  -10.969 1.00 19.32 ? 121 LEU A CD1 1 
ATOM   945  C  CD2 . LEU A 1 135 ? 1.981   -5.513  -12.912 1.00 19.93 ? 121 LEU A CD2 1 
ATOM   946  N  N   . GLY A 1 136 ? 5.337   -2.592  -10.111 1.00 16.95 ? 122 GLY A N   1 
ATOM   947  C  CA  . GLY A 1 136 ? 6.024   -1.362  -9.760  1.00 18.00 ? 122 GLY A CA  1 
ATOM   948  C  C   . GLY A 1 136 ? 7.319   -1.166  -10.524 1.00 18.13 ? 122 GLY A C   1 
ATOM   949  O  O   . GLY A 1 136 ? 7.576   -0.062  -10.997 1.00 18.35 ? 122 GLY A O   1 
ATOM   950  N  N   . SER A 1 137 ? 8.091   -2.250  -10.684 1.00 19.09 ? 123 SER A N   1 
ATOM   951  C  CA  A SER A 1 137 ? 9.310   -2.237  -11.484 0.50 19.08 ? 123 SER A CA  1 
ATOM   952  C  CA  B SER A 1 137 ? 9.309   -2.187  -11.479 0.50 19.45 ? 123 SER A CA  1 
ATOM   953  C  C   . SER A 1 137 ? 9.010   -1.943  -12.969 1.00 19.75 ? 123 SER A C   1 
ATOM   954  O  O   . SER A 1 137 ? 9.627   -1.042  -13.583 1.00 18.14 ? 123 SER A O   1 
ATOM   955  C  CB  A SER A 1 137 ? 10.050  -3.562  -11.329 0.50 19.69 ? 123 SER A CB  1 
ATOM   956  C  CB  B SER A 1 137 ? 10.177  -3.420  -11.306 0.50 20.08 ? 123 SER A CB  1 
ATOM   957  O  OG  A SER A 1 137 ? 10.501  -3.712  -9.998  0.50 18.87 ? 123 SER A OG  1 
ATOM   958  O  OG  B SER A 1 137 ? 11.413  -3.202  -11.965 0.50 21.22 ? 123 SER A OG  1 
ATOM   959  N  N   . ALA A 1 138 ? 8.064   -2.697  -13.517 1.00 18.92 ? 124 ALA A N   1 
ATOM   960  C  CA  . ALA A 1 138 ? 7.580   -2.515  -14.892 1.00 20.08 ? 124 ALA A CA  1 
ATOM   961  C  C   . ALA A 1 138 ? 7.054   -1.089  -15.187 1.00 18.99 ? 124 ALA A C   1 
ATOM   962  O  O   . ALA A 1 138 ? 7.062   -0.623  -16.353 1.00 21.55 ? 124 ALA A O   1 
ATOM   963  C  CB  . ALA A 1 138 ? 6.501   -3.584  -15.226 1.00 18.54 ? 124 ALA A CB  1 
ATOM   964  N  N   . ALA A 1 139 ? 6.622   -0.384  -14.151 1.00 18.40 ? 125 ALA A N   1 
ATOM   965  C  CA  . ALA A 1 139 ? 6.036   0.941   -14.275 1.00 19.01 ? 125 ALA A CA  1 
ATOM   966  C  C   . ALA A 1 139 ? 7.098   2.025   -14.458 1.00 19.44 ? 125 ALA A C   1 
ATOM   967  O  O   . ALA A 1 139 ? 6.797   3.116   -14.889 1.00 19.87 ? 125 ALA A O   1 
ATOM   968  C  CB  . ALA A 1 139 ? 5.153   1.241   -13.099 1.00 17.70 ? 125 ALA A CB  1 
ATOM   969  N  N   . LEU A 1 140 ? 8.352   1.717   -14.115 1.00 21.24 ? 126 LEU A N   1 
ATOM   970  C  CA  . LEU A 1 140 ? 9.429   2.705   -14.212 1.00 22.15 ? 126 LEU A CA  1 
ATOM   971  C  C   . LEU A 1 140 ? 9.834   3.004   -15.671 1.00 24.93 ? 126 LEU A C   1 
ATOM   972  O  O   . LEU A 1 140 ? 9.803   2.118   -16.529 1.00 26.76 ? 126 LEU A O   1 
ATOM   973  C  CB  . LEU A 1 140 ? 10.654  2.244   -13.419 1.00 22.32 ? 126 LEU A CB  1 
ATOM   974  C  CG  . LEU A 1 140 ? 10.412  2.022   -11.901 1.00 19.55 ? 126 LEU A CG  1 
ATOM   975  C  CD1 . LEU A 1 140 ? 11.587  1.260   -11.200 1.00 20.78 ? 126 LEU A CD1 1 
ATOM   976  C  CD2 . LEU A 1 140 ? 10.141  3.349   -11.217 1.00 19.89 ? 126 LEU A CD2 1 
ATOM   977  N  N   . ALA A 1 141 ? 10.233  4.255   -15.909 1.00 27.26 ? 127 ALA A N   1 
ATOM   978  C  CA  . ALA A 1 141 ? 10.610  4.756   -17.239 1.00 28.32 ? 127 ALA A CA  1 
ATOM   979  C  C   . ALA A 1 141 ? 11.900  4.101   -17.704 1.00 30.19 ? 127 ALA A C   1 
ATOM   980  O  O   . ALA A 1 141 ? 12.606  3.505   -16.885 1.00 31.79 ? 127 ALA A O   1 
ATOM   981  C  CB  . ALA A 1 141 ? 10.779  6.234   -17.192 1.00 29.11 ? 127 ALA A CB  1 
HETATM 982  ZN ZN  . ZN  B 2 .   ? -7.511  1.266   9.540   1.00 22.85 ? 201 ZN  A ZN  1 
HETATM 983  X  UNK . UNX C 3 .   ? 10.262  6.290   -13.434 0.01 2.00  ? 202 UNX A UNK 1 
HETATM 984  X  UNK . UNX D 3 .   ? -0.345  -3.766  17.713  0.01 2.00  ? 203 UNX A UNK 1 
HETATM 985  X  UNK . UNX E 3 .   ? -5.155  8.460   8.296   0.01 2.58  ? 204 UNX A UNK 1 
HETATM 986  O  O   . HOH F 4 .   ? 5.934   -5.309  -2.596  1.00 14.56 ? 301 HOH A O   1 
HETATM 987  O  O   . HOH F 4 .   ? -4.273  -16.630 1.064   1.00 21.22 ? 302 HOH A O   1 
HETATM 988  O  O   . HOH F 4 .   ? 1.690   -1.913  16.944  1.00 18.24 ? 303 HOH A O   1 
HETATM 989  O  O   . HOH F 4 .   ? -9.315  -15.838 5.065   1.00 25.29 ? 304 HOH A O   1 
HETATM 990  O  O   . HOH F 4 .   ? 6.407   -2.749  9.658   1.00 26.34 ? 305 HOH A O   1 
HETATM 991  O  O   . HOH F 4 .   ? -6.141  -7.145  -8.239  1.00 25.44 ? 306 HOH A O   1 
HETATM 992  O  O   . HOH F 4 .   ? 14.908  6.413   -1.521  1.00 19.87 ? 307 HOH A O   1 
HETATM 993  O  O   . HOH F 4 .   ? -11.660 -16.393 2.150   1.00 23.50 ? 308 HOH A O   1 
HETATM 994  O  O   . HOH F 4 .   ? -11.463 -16.362 -0.702  1.00 18.18 ? 309 HOH A O   1 
HETATM 995  O  O   . HOH F 4 .   ? 4.802   -5.560  18.390  1.00 26.09 ? 310 HOH A O   1 
HETATM 996  O  O   . HOH F 4 .   ? -8.308  1.837   -5.167  1.00 20.51 ? 311 HOH A O   1 
HETATM 997  O  O   . HOH F 4 .   ? -2.279  -16.415 7.506   1.00 33.68 ? 312 HOH A O   1 
HETATM 998  O  O   . HOH F 4 .   ? 8.828   -6.255  -13.667 1.00 24.39 ? 313 HOH A O   1 
HETATM 999  O  O   . HOH F 4 .   ? -3.760  3.721   -6.122  1.00 24.72 ? 314 HOH A O   1 
HETATM 1000 O  O   . HOH F 4 .   ? -6.114  -16.032 5.528   1.00 30.04 ? 315 HOH A O   1 
HETATM 1001 O  O   . HOH F 4 .   ? -14.382 -7.623  -1.274  1.00 28.82 ? 316 HOH A O   1 
HETATM 1002 O  O   . HOH F 4 .   ? -8.942  -5.997  2.763   1.00 33.79 ? 317 HOH A O   1 
HETATM 1003 O  O   . HOH F 4 .   ? -4.422  -3.112  10.668  1.00 22.42 ? 318 HOH A O   1 
HETATM 1004 O  O   . HOH F 4 .   ? 8.305   -4.282  1.124   1.00 29.13 ? 319 HOH A O   1 
HETATM 1005 O  O   . HOH F 4 .   ? -2.060  -4.454  -8.328  1.00 22.56 ? 320 HOH A O   1 
HETATM 1006 O  O   . HOH F 4 .   ? -11.860 -4.626  -5.232  1.00 28.97 ? 321 HOH A O   1 
HETATM 1007 O  O   . HOH F 4 .   ? -2.763  -18.586 3.531   1.00 31.94 ? 322 HOH A O   1 
HETATM 1008 O  O   . HOH F 4 .   ? 2.690   -13.123 -7.308  1.00 25.89 ? 323 HOH A O   1 
HETATM 1009 O  O   . HOH F 4 .   ? 3.541   -11.700 11.882  1.00 29.28 ? 324 HOH A O   1 
HETATM 1010 O  O   . HOH F 4 .   ? 5.533   -10.089 12.541  1.00 36.27 ? 325 HOH A O   1 
HETATM 1011 O  O   . HOH F 4 .   ? -0.068  10.898  7.229   1.00 23.90 ? 326 HOH A O   1 
HETATM 1012 O  O   . HOH F 4 .   ? 7.101   5.793   -15.400 1.00 25.32 ? 327 HOH A O   1 
HETATM 1013 O  O   . HOH F 4 .   ? -11.655 0.477   -0.441  1.00 26.42 ? 328 HOH A O   1 
HETATM 1014 O  O   . HOH F 4 .   ? 17.370  5.826   -0.295  1.00 25.36 ? 329 HOH A O   1 
HETATM 1015 O  O   . HOH F 4 .   ? -2.685  -2.590  -4.221  1.00 13.64 ? 330 HOH A O   1 
HETATM 1016 O  O   . HOH F 4 .   ? -7.405  8.444   1.500   1.00 30.82 ? 331 HOH A O   1 
HETATM 1017 O  O   . HOH F 4 .   ? 6.517   8.241   7.036   1.00 22.31 ? 332 HOH A O   1 
HETATM 1018 O  O   . HOH F 4 .   ? -6.304  -19.862 -1.524  1.00 25.97 ? 333 HOH A O   1 
HETATM 1019 O  O   . HOH F 4 .   ? 2.539   5.325   12.162  1.00 22.88 ? 334 HOH A O   1 
HETATM 1020 O  O   . HOH F 4 .   ? -3.883  -15.673 -10.108 1.00 33.10 ? 335 HOH A O   1 
HETATM 1021 O  O   . HOH F 4 .   ? 7.370   -2.928  -3.159  1.00 22.88 ? 336 HOH A O   1 
HETATM 1022 O  O   . HOH F 4 .   ? -6.619  -0.332  -6.892  1.00 18.48 ? 337 HOH A O   1 
HETATM 1023 O  O   . HOH F 4 .   ? 8.026   -6.538  -1.231  1.00 28.12 ? 338 HOH A O   1 
HETATM 1024 O  O   . HOH F 4 .   ? -0.762  4.254   15.032  1.00 24.69 ? 339 HOH A O   1 
HETATM 1025 O  O   . HOH F 4 .   ? 7.342   6.552   9.197   1.00 37.51 ? 340 HOH A O   1 
HETATM 1026 O  O   . HOH F 4 .   ? 4.239   13.126  1.611   1.00 42.27 ? 341 HOH A O   1 
# 
loop_
_pdbx_poly_seq_scheme.asym_id 
_pdbx_poly_seq_scheme.entity_id 
_pdbx_poly_seq_scheme.seq_id 
_pdbx_poly_seq_scheme.mon_id 
_pdbx_poly_seq_scheme.ndb_seq_num 
_pdbx_poly_seq_scheme.pdb_seq_num 
_pdbx_poly_seq_scheme.auth_seq_num 
_pdbx_poly_seq_scheme.pdb_mon_id 
_pdbx_poly_seq_scheme.auth_mon_id 
_pdbx_poly_seq_scheme.pdb_strand_id 
_pdbx_poly_seq_scheme.pdb_ins_code 
_pdbx_poly_seq_scheme.hetero 
A 1 1   MET 1   -13 ?   ?   ?   A . n 
A 1 2   HIS 2   -12 ?   ?   ?   A . n 
A 1 3   HIS 3   -11 ?   ?   ?   A . n 
A 1 4   HIS 4   -10 ?   ?   ?   A . n 
A 1 5   HIS 5   -9  ?   ?   ?   A . n 
A 1 6   HIS 6   -8  ?   ?   ?   A . n 
A 1 7   HIS 7   -7  ?   ?   ?   A . n 
A 1 8   SER 8   -6  ?   ?   ?   A . n 
A 1 9   SER 9   -5  ?   ?   ?   A . n 
A 1 10  GLY 10  -4  ?   ?   ?   A . n 
A 1 11  LEU 11  -3  ?   ?   ?   A . n 
A 1 12  VAL 12  -2  ?   ?   ?   A . n 
A 1 13  PRO 13  -1  ?   ?   ?   A . n 
A 1 14  ARG 14  0   ?   ?   ?   A . n 
A 1 15  GLY 15  1   ?   ?   ?   A . n 
A 1 16  SER 16  2   ?   ?   ?   A . n 
A 1 17  ALA 17  3   ?   ?   ?   A . n 
A 1 18  GLU 18  4   4   GLU GLU A . n 
A 1 19  PRO 19  5   5   PRO PRO A . n 
A 1 20  ASN 20  6   6   ASN ASN A . n 
A 1 21  LYS 21  7   7   LYS LYS A . n 
A 1 22  THR 22  8   8   THR THR A . n 
A 1 23  GLU 23  9   9   GLU GLU A . n 
A 1 24  ILE 24  10  10  ILE ILE A . n 
A 1 25  GLN 25  11  11  GLN GLN A . n 
A 1 26  THR 26  12  12  THR THR A . n 
A 1 27  LEU 27  13  13  LEU LEU A . n 
A 1 28  PHE 28  14  14  PHE PHE A . n 
A 1 29  LYS 29  15  15  LYS LYS A . n 
A 1 30  ARG 30  16  16  ARG ARG A . n 
A 1 31  LEU 31  17  17  LEU LEU A . n 
A 1 32  ARG 32  18  18  ARG ARG A . n 
A 1 33  ALA 33  19  19  ALA ALA A . n 
A 1 34  VAL 34  20  20  VAL VAL A . n 
A 1 35  PRO 35  21  21  PRO PRO A . n 
A 1 36  THR 36  22  22  THR THR A . n 
A 1 37  ASN 37  23  23  ASN ASN A . n 
A 1 38  LYS 38  24  24  LYS LYS A . n 
A 1 39  ALA 39  25  25  ALA ALA A . n 
A 1 40  CYS 40  26  26  CYS CYS A . n 
A 1 41  PHE 41  27  27  PHE PHE A . n 
A 1 42  ASP 42  28  28  ASP ASP A . n 
A 1 43  CYS 43  29  29  CYS CYS A . n 
A 1 44  GLY 44  30  30  GLY GLY A . n 
A 1 45  ALA 45  31  31  ALA ALA A . n 
A 1 46  LYS 46  32  32  LYS LYS A . n 
A 1 47  ASN 47  33  33  ASN ASN A . n 
A 1 48  PRO 48  34  34  PRO PRO A . n 
A 1 49  SER 49  35  35  SER SER A . n 
A 1 50  TRP 50  36  36  TRP TRP A . n 
A 1 51  ALA 51  37  37  ALA ALA A . n 
A 1 52  SER 52  38  38  SER SER A . n 
A 1 53  ILE 53  39  39  ILE ILE A . n 
A 1 54  THR 54  40  40  THR THR A . n 
A 1 55  TYR 55  41  41  TYR TYR A . n 
A 1 56  GLY 56  42  42  GLY GLY A . n 
A 1 57  VAL 57  43  43  VAL VAL A . n 
A 1 58  PHE 58  44  44  PHE PHE A . n 
A 1 59  LEU 59  45  45  LEU LEU A . n 
A 1 60  CYS 60  46  46  CYS CYS A . n 
A 1 61  ILE 61  47  47  ILE ILE A . n 
A 1 62  ASP 62  48  48  ASP ASP A . n 
A 1 63  CYS 63  49  49  CYS CYS A . n 
A 1 64  SER 64  50  50  SER SER A . n 
A 1 65  GLY 65  51  51  GLY GLY A . n 
A 1 66  VAL 66  52  52  VAL VAL A . n 
A 1 67  HIS 67  53  53  HIS HIS A . n 
A 1 68  ARG 68  54  54  ARG ARG A . n 
A 1 69  SER 69  55  55  SER SER A . n 
A 1 70  LEU 70  56  56  LEU LEU A . n 
A 1 71  GLY 71  57  57  GLY GLY A . n 
A 1 72  VAL 72  58  58  VAL VAL A . n 
A 1 73  HIS 73  59  59  HIS HIS A . n 
A 1 74  LEU 74  60  60  LEU LEU A . n 
A 1 75  SER 75  61  61  SER SER A . n 
A 1 76  PHE 76  62  62  PHE PHE A . n 
A 1 77  ILE 77  63  63  ILE ILE A . n 
A 1 78  ARG 78  64  64  ARG ARG A . n 
A 1 79  SER 79  65  65  SER SER A . n 
A 1 80  THR 80  66  66  THR THR A . n 
A 1 81  GLU 81  67  67  GLU GLU A . n 
A 1 82  LEU 82  68  68  LEU LEU A . n 
A 1 83  ASP 83  69  69  ASP ASP A . n 
A 1 84  SER 84  70  70  SER SER A . n 
A 1 85  ASN 85  71  71  ASN ASN A . n 
A 1 86  TRP 86  72  72  TRP TRP A . n 
A 1 87  ASN 87  73  73  ASN ASN A . n 
A 1 88  TRP 88  74  74  TRP TRP A . n 
A 1 89  PHE 89  75  75  PHE PHE A . n 
A 1 90  GLN 90  76  76  GLN GLN A . n 
A 1 91  LEU 91  77  77  LEU LEU A . n 
A 1 92  ARG 92  78  78  ARG ARG A . n 
A 1 93  CYS 93  79  79  CYS CYS A . n 
A 1 94  MET 94  80  80  MET MET A . n 
A 1 95  GLN 95  81  81  GLN GLN A . n 
A 1 96  VAL 96  82  82  VAL VAL A . n 
A 1 97  GLY 97  83  83  GLY GLY A . n 
A 1 98  GLY 98  84  84  GLY GLY A . n 
A 1 99  ASN 99  85  85  ASN ASN A . n 
A 1 100 ALA 100 86  86  ALA ALA A . n 
A 1 101 ASN 101 87  87  ASN ASN A . n 
A 1 102 ALA 102 88  88  ALA ALA A . n 
A 1 103 THR 103 89  89  THR THR A . n 
A 1 104 ALA 104 90  90  ALA ALA A . n 
A 1 105 PHE 105 91  91  PHE PHE A . n 
A 1 106 PHE 106 92  92  PHE PHE A . n 
A 1 107 ARG 107 93  93  ARG ARG A . n 
A 1 108 GLN 108 94  94  GLN GLN A . n 
A 1 109 HIS 109 95  95  HIS HIS A . n 
A 1 110 GLY 110 96  96  GLY GLY A . n 
A 1 111 CYS 111 97  97  CYS CYS A . n 
A 1 112 THR 112 98  98  THR THR A . n 
A 1 113 ALA 113 99  99  ALA ALA A . n 
A 1 114 ASN 114 100 100 ASN ASN A . n 
A 1 115 ASP 115 101 101 ASP ASP A . n 
A 1 116 ALA 116 102 102 ALA ALA A . n 
A 1 117 ASN 117 103 103 ASN ASN A . n 
A 1 118 THR 118 104 104 THR THR A . n 
A 1 119 LYS 119 105 105 LYS LYS A . n 
A 1 120 TYR 120 106 106 TYR TYR A . n 
A 1 121 ASN 121 107 107 ASN ASN A . n 
A 1 122 SER 122 108 108 SER SER A . n 
A 1 123 ARG 123 109 109 ARG ARG A . n 
A 1 124 ALA 124 110 110 ALA ALA A . n 
A 1 125 ALA 125 111 111 ALA ALA A . n 
A 1 126 GLN 126 112 112 GLN GLN A . n 
A 1 127 MET 127 113 113 MET MET A . n 
A 1 128 TYR 128 114 114 TYR TYR A . n 
A 1 129 ARG 129 115 115 ARG ARG A . n 
A 1 130 GLU 130 116 116 GLU GLU A . n 
A 1 131 LYS 131 117 117 LYS LYS A . n 
A 1 132 ILE 132 118 118 ILE ILE A . n 
A 1 133 ARG 133 119 119 ARG ARG A . n 
A 1 134 GLN 134 120 120 GLN GLN A . n 
A 1 135 LEU 135 121 121 LEU LEU A . n 
A 1 136 GLY 136 122 122 GLY GLY A . n 
A 1 137 SER 137 123 123 SER SER A . n 
A 1 138 ALA 138 124 124 ALA ALA A . n 
A 1 139 ALA 139 125 125 ALA ALA A . n 
A 1 140 LEU 140 126 126 LEU LEU A . n 
A 1 141 ALA 141 127 127 ALA ALA A . n 
A 1 142 ARG 142 128 ?   ?   ?   A . n 
A 1 143 HIS 143 129 ?   ?   ?   A . n 
A 1 144 GLY 144 130 ?   ?   ?   A . n 
# 
_pdbx_SG_project.id                    1 
_pdbx_SG_project.project_name          ? 
_pdbx_SG_project.full_name_of_center   'Structural Genomics Consortium' 
_pdbx_SG_project.initial_of_center     SGC 
# 
loop_
_pdbx_nonpoly_scheme.asym_id 
_pdbx_nonpoly_scheme.entity_id 
_pdbx_nonpoly_scheme.mon_id 
_pdbx_nonpoly_scheme.ndb_seq_num 
_pdbx_nonpoly_scheme.pdb_seq_num 
_pdbx_nonpoly_scheme.auth_seq_num 
_pdbx_nonpoly_scheme.pdb_mon_id 
_pdbx_nonpoly_scheme.auth_mon_id 
_pdbx_nonpoly_scheme.pdb_strand_id 
_pdbx_nonpoly_scheme.pdb_ins_code 
B 2 ZN  1  201 201 ZN  ZN  A . 
C 3 UNX 1  202 1   UNX UNX A . 
D 3 UNX 1  203 2   UNX UNX A . 
E 3 UNX 1  204 3   UNX UNX A . 
F 4 HOH 1  301 301 HOH HOH A . 
F 4 HOH 2  302 302 HOH HOH A . 
F 4 HOH 3  303 303 HOH HOH A . 
F 4 HOH 4  304 304 HOH HOH A . 
F 4 HOH 5  305 305 HOH HOH A . 
F 4 HOH 6  306 306 HOH HOH A . 
F 4 HOH 7  307 307 HOH HOH A . 
F 4 HOH 8  308 308 HOH HOH A . 
F 4 HOH 9  309 309 HOH HOH A . 
F 4 HOH 10 310 310 HOH HOH A . 
F 4 HOH 11 311 311 HOH HOH A . 
F 4 HOH 12 312 312 HOH HOH A . 
F 4 HOH 13 313 313 HOH HOH A . 
F 4 HOH 14 314 314 HOH HOH A . 
F 4 HOH 15 315 315 HOH HOH A . 
F 4 HOH 16 316 316 HOH HOH A . 
F 4 HOH 17 317 317 HOH HOH A . 
F 4 HOH 18 318 318 HOH HOH A . 
F 4 HOH 19 319 319 HOH HOH A . 
F 4 HOH 20 320 320 HOH HOH A . 
F 4 HOH 21 321 321 HOH HOH A . 
F 4 HOH 22 322 322 HOH HOH A . 
F 4 HOH 23 323 323 HOH HOH A . 
F 4 HOH 24 324 324 HOH HOH A . 
F 4 HOH 25 325 325 HOH HOH A . 
F 4 HOH 26 326 326 HOH HOH A . 
F 4 HOH 27 327 327 HOH HOH A . 
F 4 HOH 28 328 328 HOH HOH A . 
F 4 HOH 29 329 329 HOH HOH A . 
F 4 HOH 30 330 330 HOH HOH A . 
F 4 HOH 31 331 331 HOH HOH A . 
F 4 HOH 32 332 332 HOH HOH A . 
F 4 HOH 33 333 333 HOH HOH A . 
F 4 HOH 34 334 334 HOH HOH A . 
F 4 HOH 35 335 335 HOH HOH A . 
F 4 HOH 36 336 336 HOH HOH A . 
F 4 HOH 37 337 337 HOH HOH A . 
F 4 HOH 38 338 338 HOH HOH A . 
F 4 HOH 39 339 339 HOH HOH A . 
F 4 HOH 40 340 340 HOH HOH A . 
F 4 HOH 41 341 341 HOH HOH A . 
# 
_pdbx_struct_assembly.id                   1 
_pdbx_struct_assembly.details              author_defined_assembly 
_pdbx_struct_assembly.method_details       ? 
_pdbx_struct_assembly.oligomeric_details   monomeric 
_pdbx_struct_assembly.oligomeric_count     1 
# 
_pdbx_struct_assembly_gen.assembly_id       1 
_pdbx_struct_assembly_gen.oper_expression   1 
_pdbx_struct_assembly_gen.asym_id_list      A,B,C,D,E,F 
# 
_pdbx_struct_oper_list.id                   1 
_pdbx_struct_oper_list.type                 'identity operation' 
_pdbx_struct_oper_list.name                 1_555 
_pdbx_struct_oper_list.symmetry_operation   x,y,z 
_pdbx_struct_oper_list.matrix[1][1]         1.0000000000 
_pdbx_struct_oper_list.matrix[1][2]         0.0000000000 
_pdbx_struct_oper_list.matrix[1][3]         0.0000000000 
_pdbx_struct_oper_list.vector[1]            0.0000000000 
_pdbx_struct_oper_list.matrix[2][1]         0.0000000000 
_pdbx_struct_oper_list.matrix[2][2]         1.0000000000 
_pdbx_struct_oper_list.matrix[2][3]         0.0000000000 
_pdbx_struct_oper_list.vector[2]            0.0000000000 
_pdbx_struct_oper_list.matrix[3][1]         0.0000000000 
_pdbx_struct_oper_list.matrix[3][2]         0.0000000000 
_pdbx_struct_oper_list.matrix[3][3]         1.0000000000 
_pdbx_struct_oper_list.vector[3]            0.0000000000 
# 
loop_
_pdbx_struct_conn_angle.id 
_pdbx_struct_conn_angle.ptnr1_label_atom_id 
_pdbx_struct_conn_angle.ptnr1_label_alt_id 
_pdbx_struct_conn_angle.ptnr1_label_asym_id 
_pdbx_struct_conn_angle.ptnr1_label_comp_id 
_pdbx_struct_conn_angle.ptnr1_label_seq_id 
_pdbx_struct_conn_angle.ptnr1_auth_atom_id 
_pdbx_struct_conn_angle.ptnr1_auth_asym_id 
_pdbx_struct_conn_angle.ptnr1_auth_comp_id 
_pdbx_struct_conn_angle.ptnr1_auth_seq_id 
_pdbx_struct_conn_angle.ptnr1_PDB_ins_code 
_pdbx_struct_conn_angle.ptnr1_symmetry 
_pdbx_struct_conn_angle.ptnr2_label_atom_id 
_pdbx_struct_conn_angle.ptnr2_label_alt_id 
_pdbx_struct_conn_angle.ptnr2_label_asym_id 
_pdbx_struct_conn_angle.ptnr2_label_comp_id 
_pdbx_struct_conn_angle.ptnr2_label_seq_id 
_pdbx_struct_conn_angle.ptnr2_auth_atom_id 
_pdbx_struct_conn_angle.ptnr2_auth_asym_id 
_pdbx_struct_conn_angle.ptnr2_auth_comp_id 
_pdbx_struct_conn_angle.ptnr2_auth_seq_id 
_pdbx_struct_conn_angle.ptnr2_PDB_ins_code 
_pdbx_struct_conn_angle.ptnr2_symmetry 
_pdbx_struct_conn_angle.ptnr3_label_atom_id 
_pdbx_struct_conn_angle.ptnr3_label_alt_id 
_pdbx_struct_conn_angle.ptnr3_label_asym_id 
_pdbx_struct_conn_angle.ptnr3_label_comp_id 
_pdbx_struct_conn_angle.ptnr3_label_seq_id 
_pdbx_struct_conn_angle.ptnr3_auth_atom_id 
_pdbx_struct_conn_angle.ptnr3_auth_asym_id 
_pdbx_struct_conn_angle.ptnr3_auth_comp_id 
_pdbx_struct_conn_angle.ptnr3_auth_seq_id 
_pdbx_struct_conn_angle.ptnr3_PDB_ins_code 
_pdbx_struct_conn_angle.ptnr3_symmetry 
_pdbx_struct_conn_angle.value 
_pdbx_struct_conn_angle.value_esd 
1 SG ? A CYS 40 ? A CYS 26 ? 1_555 ZN ? B ZN . ? A ZN 201 ? 1_555 SG ? A CYS 43 ? A CYS 29 ? 1_555 113.6 ? 
2 SG ? A CYS 40 ? A CYS 26 ? 1_555 ZN ? B ZN . ? A ZN 201 ? 1_555 SG ? A CYS 60 ? A CYS 46 ? 1_555 115.4 ? 
3 SG ? A CYS 43 ? A CYS 29 ? 1_555 ZN ? B ZN . ? A ZN 201 ? 1_555 SG ? A CYS 60 ? A CYS 46 ? 1_555 105.0 ? 
4 SG ? A CYS 40 ? A CYS 26 ? 1_555 ZN ? B ZN . ? A ZN 201 ? 1_555 SG ? A CYS 63 ? A CYS 49 ? 1_555 103.3 ? 
5 SG ? A CYS 43 ? A CYS 29 ? 1_555 ZN ? B ZN . ? A ZN 201 ? 1_555 SG ? A CYS 63 ? A CYS 49 ? 1_555 114.0 ? 
6 SG ? A CYS 60 ? A CYS 46 ? 1_555 ZN ? B ZN . ? A ZN 201 ? 1_555 SG ? A CYS 63 ? A CYS 49 ? 1_555 105.6 ? 
# 
loop_
_pdbx_audit_revision_history.ordinal 
_pdbx_audit_revision_history.data_content_type 
_pdbx_audit_revision_history.major_revision 
_pdbx_audit_revision_history.minor_revision 
_pdbx_audit_revision_history.revision_date 
1 'Structure model' 1 0 2007-03-27 
2 'Structure model' 1 1 2008-05-01 
3 'Structure model' 1 2 2011-07-13 
4 'Structure model' 1 3 2017-10-18 
5 'Structure model' 1 4 2018-01-24 
6 'Structure model' 1 5 2023-08-30 
# 
_pdbx_audit_revision_details.ordinal             1 
_pdbx_audit_revision_details.revision_ordinal    1 
_pdbx_audit_revision_details.data_content_type   'Structure model' 
_pdbx_audit_revision_details.provider            repository 
_pdbx_audit_revision_details.type                'Initial release' 
_pdbx_audit_revision_details.description         ? 
_pdbx_audit_revision_details.details             ? 
# 
loop_
_pdbx_audit_revision_group.ordinal 
_pdbx_audit_revision_group.revision_ordinal 
_pdbx_audit_revision_group.data_content_type 
_pdbx_audit_revision_group.group 
1 2 'Structure model' 'Version format compliance' 
2 3 'Structure model' 'Version format compliance' 
3 4 'Structure model' 'Refinement description'    
4 5 'Structure model' 'Database references'       
5 5 'Structure model' 'Structure summary'         
6 6 'Structure model' 'Data collection'           
7 6 'Structure model' 'Database references'       
8 6 'Structure model' 'Derived calculations'      
9 6 'Structure model' 'Refinement description'    
# 
loop_
_pdbx_audit_revision_category.ordinal 
_pdbx_audit_revision_category.revision_ordinal 
_pdbx_audit_revision_category.data_content_type 
_pdbx_audit_revision_category.category 
1  4 'Structure model' software                      
2  5 'Structure model' audit_author                  
3  5 'Structure model' citation_author               
4  6 'Structure model' chem_comp_atom                
5  6 'Structure model' chem_comp_bond                
6  6 'Structure model' database_2                    
7  6 'Structure model' pdbx_initial_refinement_model 
8  6 'Structure model' pdbx_struct_conn_angle        
9  6 'Structure model' struct_conn                   
10 6 'Structure model' struct_ref_seq_dif            
11 6 'Structure model' struct_site                   
# 
loop_
_pdbx_audit_revision_item.ordinal 
_pdbx_audit_revision_item.revision_ordinal 
_pdbx_audit_revision_item.data_content_type 
_pdbx_audit_revision_item.item 
1  4 'Structure model' '_software.classification'                   
2  4 'Structure model' '_software.contact_author'                   
3  4 'Structure model' '_software.contact_author_email'             
4  4 'Structure model' '_software.date'                             
5  4 'Structure model' '_software.language'                         
6  4 'Structure model' '_software.location'                         
7  4 'Structure model' '_software.name'                             
8  4 'Structure model' '_software.type'                             
9  4 'Structure model' '_software.version'                          
10 5 'Structure model' '_audit_author.name'                         
11 5 'Structure model' '_citation_author.name'                      
12 6 'Structure model' '_database_2.pdbx_DOI'                       
13 6 'Structure model' '_database_2.pdbx_database_accession'        
14 6 'Structure model' '_pdbx_struct_conn_angle.ptnr1_auth_seq_id'  
15 6 'Structure model' '_pdbx_struct_conn_angle.ptnr1_label_seq_id' 
16 6 'Structure model' '_pdbx_struct_conn_angle.ptnr3_auth_seq_id'  
17 6 'Structure model' '_pdbx_struct_conn_angle.ptnr3_label_seq_id' 
18 6 'Structure model' '_pdbx_struct_conn_angle.value'              
19 6 'Structure model' '_struct_conn.pdbx_dist_value'               
20 6 'Structure model' '_struct_conn.ptnr1_auth_comp_id'            
21 6 'Structure model' '_struct_conn.ptnr1_auth_seq_id'             
22 6 'Structure model' '_struct_conn.ptnr1_label_asym_id'           
23 6 'Structure model' '_struct_conn.ptnr1_label_atom_id'           
24 6 'Structure model' '_struct_conn.ptnr1_label_comp_id'           
25 6 'Structure model' '_struct_conn.ptnr1_label_seq_id'            
26 6 'Structure model' '_struct_conn.ptnr2_auth_comp_id'            
27 6 'Structure model' '_struct_conn.ptnr2_auth_seq_id'             
28 6 'Structure model' '_struct_conn.ptnr2_label_asym_id'           
29 6 'Structure model' '_struct_conn.ptnr2_label_atom_id'           
30 6 'Structure model' '_struct_conn.ptnr2_label_comp_id'           
31 6 'Structure model' '_struct_conn.ptnr2_label_seq_id'            
32 6 'Structure model' '_struct_ref_seq_dif.details'                
33 6 'Structure model' '_struct_site.pdbx_auth_asym_id'             
34 6 'Structure model' '_struct_site.pdbx_auth_comp_id'             
35 6 'Structure model' '_struct_site.pdbx_auth_seq_id'              
# 
_pdbx_phasing_MR.entry_id                     2P57 
_pdbx_phasing_MR.method_rotation              ? 
_pdbx_phasing_MR.method_translation           ? 
_pdbx_phasing_MR.model_details                ? 
_pdbx_phasing_MR.R_factor                     ? 
_pdbx_phasing_MR.R_rigid_body                 ? 
_pdbx_phasing_MR.correlation_coeff_Fo_to_Fc   ? 
_pdbx_phasing_MR.correlation_coeff_Io_to_Ic   ? 
_pdbx_phasing_MR.d_res_high_rotation          2.000 
_pdbx_phasing_MR.d_res_low_rotation           22.710 
_pdbx_phasing_MR.d_res_high_translation       2.000 
_pdbx_phasing_MR.d_res_low_translation        22.710 
_pdbx_phasing_MR.packing                      ? 
_pdbx_phasing_MR.reflns_percent_rotation      ? 
_pdbx_phasing_MR.reflns_percent_translation   ? 
_pdbx_phasing_MR.sigma_F_rotation             ? 
_pdbx_phasing_MR.sigma_F_translation          ? 
_pdbx_phasing_MR.sigma_I_rotation             ? 
_pdbx_phasing_MR.sigma_I_translation          ? 
# 
_phasing.method   mr 
# 
loop_
_software.name 
_software.version 
_software.date 
_software.type 
_software.contact_author 
_software.contact_author_email 
_software.classification 
_software.location 
_software.language 
_software.citation_id 
_software.pdbx_ordinal 
DENZO       .               ?              package 'Zbyszek Otwinowski' zbyszek@mix.swmed.edu    'data reduction'  
http://www.lnls.br/infra/linhasluz/denzo-hkl.htm ?       ? 1 
SCALEPACK   .               ?              package 'Zbyszek Otwinowski' zbyszek@mix.swmed.edu    'data scaling'    
http://www.lnls.br/infra/linhasluz/denzo-hkl.htm ?       ? 2 
MOLREP      .               ?              program 'A. Vagin'           alexei@ysbl.york.ac.uk   phasing           
http://www.ccp4.ac.uk/dist/html/molrep.html      Fortran ? 3 
REFMAC      refmac_5.2.0019 24/04/2001     program 'Murshudov, G.N.'    ccp4@dl.ac.uk            refinement        
http://www.ccp4.ac.uk/main.html                  Fortran ? 4 
PDB_EXTRACT 1.701           'Nov. 1, 2005' package PDB                  sw-help@rcsb.rutgers.edu 'data extraction' 
http://pdb.rutgers.edu/software/                 C++     ? 5 
ARP/wARP    .               ?              ?       ?                    ?                        'model building'  ? ?       ? 6 
Coot        .               ?              ?       ?                    ?                        'model building'  ? ?       ? 7 
MolProbity  .               ?              ?       ?                    ?                        'model building'  ? ?       ? 8 
# 
_pdbx_database_remark.id     300 
_pdbx_database_remark.text   
;BIOMOLECULE: 1
THIS ENTRY CONTAINS THE CRYSTALLOGRAPHIC ASYMMETRIC UNIT
WHICH CONSISTS OF 1 CHAIN(S). AUTHORS STATE THAT THE 
BIOLOGICAL UNIT IS UNKNOWN.
;
# 
loop_
_pdbx_validate_rmsd_angle.id 
_pdbx_validate_rmsd_angle.PDB_model_num 
_pdbx_validate_rmsd_angle.auth_atom_id_1 
_pdbx_validate_rmsd_angle.auth_asym_id_1 
_pdbx_validate_rmsd_angle.auth_comp_id_1 
_pdbx_validate_rmsd_angle.auth_seq_id_1 
_pdbx_validate_rmsd_angle.PDB_ins_code_1 
_pdbx_validate_rmsd_angle.label_alt_id_1 
_pdbx_validate_rmsd_angle.auth_atom_id_2 
_pdbx_validate_rmsd_angle.auth_asym_id_2 
_pdbx_validate_rmsd_angle.auth_comp_id_2 
_pdbx_validate_rmsd_angle.auth_seq_id_2 
_pdbx_validate_rmsd_angle.PDB_ins_code_2 
_pdbx_validate_rmsd_angle.label_alt_id_2 
_pdbx_validate_rmsd_angle.auth_atom_id_3 
_pdbx_validate_rmsd_angle.auth_asym_id_3 
_pdbx_validate_rmsd_angle.auth_comp_id_3 
_pdbx_validate_rmsd_angle.auth_seq_id_3 
_pdbx_validate_rmsd_angle.PDB_ins_code_3 
_pdbx_validate_rmsd_angle.label_alt_id_3 
_pdbx_validate_rmsd_angle.angle_value 
_pdbx_validate_rmsd_angle.angle_target_value 
_pdbx_validate_rmsd_angle.angle_deviation 
_pdbx_validate_rmsd_angle.angle_standard_deviation 
_pdbx_validate_rmsd_angle.linker_flag 
1 1 NE A ARG 115 ? A CZ A ARG 115 ? A NH1 A ARG 115 ? A 115.82 120.30 -4.48 0.50 N 
2 1 NE A ARG 115 ? A CZ A ARG 115 ? A NH2 A ARG 115 ? A 124.34 120.30 4.04  0.50 N 
# 
_pdbx_validate_torsion.id              1 
_pdbx_validate_torsion.PDB_model_num   1 
_pdbx_validate_torsion.auth_comp_id    ASN 
_pdbx_validate_torsion.auth_asym_id    A 
_pdbx_validate_torsion.auth_seq_id     71 
_pdbx_validate_torsion.PDB_ins_code    ? 
_pdbx_validate_torsion.label_alt_id    B 
_pdbx_validate_torsion.phi             -76.84 
_pdbx_validate_torsion.psi             21.49 
# 
loop_
_pdbx_unobs_or_zero_occ_atoms.id 
_pdbx_unobs_or_zero_occ_atoms.PDB_model_num 
_pdbx_unobs_or_zero_occ_atoms.polymer_flag 
_pdbx_unobs_or_zero_occ_atoms.occupancy_flag 
_pdbx_unobs_or_zero_occ_atoms.auth_asym_id 
_pdbx_unobs_or_zero_occ_atoms.auth_comp_id 
_pdbx_unobs_or_zero_occ_atoms.auth_seq_id 
_pdbx_unobs_or_zero_occ_atoms.PDB_ins_code 
_pdbx_unobs_or_zero_occ_atoms.auth_atom_id 
_pdbx_unobs_or_zero_occ_atoms.label_alt_id 
_pdbx_unobs_or_zero_occ_atoms.label_asym_id 
_pdbx_unobs_or_zero_occ_atoms.label_comp_id 
_pdbx_unobs_or_zero_occ_atoms.label_seq_id 
_pdbx_unobs_or_zero_occ_atoms.label_atom_id 
1  1 Y 1 A GLU 4   ? CD  ? A GLU 18  CD  
2  1 Y 1 A GLU 4   ? OE1 ? A GLU 18  OE1 
3  1 Y 1 A GLU 4   ? OE2 ? A GLU 18  OE2 
4  1 Y 1 A LYS 7   ? CD  ? A LYS 21  CD  
5  1 Y 1 A LYS 7   ? CE  ? A LYS 21  CE  
6  1 Y 1 A LYS 7   ? NZ  ? A LYS 21  NZ  
7  1 Y 1 A GLN 11  ? CD  ? A GLN 25  CD  
8  1 Y 1 A GLN 11  ? OE1 ? A GLN 25  OE1 
9  1 Y 1 A GLN 11  ? NE2 ? A GLN 25  NE2 
10 1 Y 1 A LYS 15  ? CG  ? A LYS 29  CG  
11 1 Y 1 A LYS 15  ? CD  ? A LYS 29  CD  
12 1 Y 1 A LYS 15  ? CE  ? A LYS 29  CE  
13 1 Y 1 A LYS 15  ? NZ  ? A LYS 29  NZ  
14 1 Y 1 A ARG 16  ? CZ  ? A ARG 30  CZ  
15 1 Y 1 A ARG 16  ? NH1 ? A ARG 30  NH1 
16 1 Y 1 A ARG 16  ? NH2 ? A ARG 30  NH2 
17 1 Y 1 A LYS 32  ? CD  ? A LYS 46  CD  
18 1 Y 1 A LYS 32  ? CE  ? A LYS 46  CE  
19 1 Y 1 A LYS 32  ? NZ  ? A LYS 46  NZ  
20 1 Y 1 A LEU 68  ? CG  ? A LEU 82  CG  
21 1 Y 1 A LEU 68  ? CD1 ? A LEU 82  CD1 
22 1 Y 1 A LEU 68  ? CD2 ? A LEU 82  CD2 
23 1 Y 1 A GLN 120 ? CD  ? A GLN 134 CD  
24 1 Y 1 A GLN 120 ? OE1 ? A GLN 134 OE1 
25 1 Y 1 A GLN 120 ? NE2 ? A GLN 134 NE2 
# 
loop_
_pdbx_unobs_or_zero_occ_residues.id 
_pdbx_unobs_or_zero_occ_residues.PDB_model_num 
_pdbx_unobs_or_zero_occ_residues.polymer_flag 
_pdbx_unobs_or_zero_occ_residues.occupancy_flag 
_pdbx_unobs_or_zero_occ_residues.auth_asym_id 
_pdbx_unobs_or_zero_occ_residues.auth_comp_id 
_pdbx_unobs_or_zero_occ_residues.auth_seq_id 
_pdbx_unobs_or_zero_occ_residues.PDB_ins_code 
_pdbx_unobs_or_zero_occ_residues.label_asym_id 
_pdbx_unobs_or_zero_occ_residues.label_comp_id 
_pdbx_unobs_or_zero_occ_residues.label_seq_id 
1  1 Y 1 A MET -13 ? A MET 1   
2  1 Y 1 A HIS -12 ? A HIS 2   
3  1 Y 1 A HIS -11 ? A HIS 3   
4  1 Y 1 A HIS -10 ? A HIS 4   
5  1 Y 1 A HIS -9  ? A HIS 5   
6  1 Y 1 A HIS -8  ? A HIS 6   
7  1 Y 1 A HIS -7  ? A HIS 7   
8  1 Y 1 A SER -6  ? A SER 8   
9  1 Y 1 A SER -5  ? A SER 9   
10 1 Y 1 A GLY -4  ? A GLY 10  
11 1 Y 1 A LEU -3  ? A LEU 11  
12 1 Y 1 A VAL -2  ? A VAL 12  
13 1 Y 1 A PRO -1  ? A PRO 13  
14 1 Y 1 A ARG 0   ? A ARG 14  
15 1 Y 1 A GLY 1   ? A GLY 15  
16 1 Y 1 A SER 2   ? A SER 16  
17 1 Y 1 A ALA 3   ? A ALA 17  
18 1 Y 1 A ARG 128 ? A ARG 142 
19 1 Y 1 A HIS 129 ? A HIS 143 
20 1 Y 1 A GLY 130 ? A GLY 144 
# 
loop_
_chem_comp_atom.comp_id 
_chem_comp_atom.atom_id 
_chem_comp_atom.type_symbol 
_chem_comp_atom.pdbx_aromatic_flag 
_chem_comp_atom.pdbx_stereo_config 
_chem_comp_atom.pdbx_ordinal 
ALA N    N  N N 1   
ALA CA   C  N S 2   
ALA C    C  N N 3   
ALA O    O  N N 4   
ALA CB   C  N N 5   
ALA OXT  O  N N 6   
ALA H    H  N N 7   
ALA H2   H  N N 8   
ALA HA   H  N N 9   
ALA HB1  H  N N 10  
ALA HB2  H  N N 11  
ALA HB3  H  N N 12  
ALA HXT  H  N N 13  
ARG N    N  N N 14  
ARG CA   C  N S 15  
ARG C    C  N N 16  
ARG O    O  N N 17  
ARG CB   C  N N 18  
ARG CG   C  N N 19  
ARG CD   C  N N 20  
ARG NE   N  N N 21  
ARG CZ   C  N N 22  
ARG NH1  N  N N 23  
ARG NH2  N  N N 24  
ARG OXT  O  N N 25  
ARG H    H  N N 26  
ARG H2   H  N N 27  
ARG HA   H  N N 28  
ARG HB2  H  N N 29  
ARG HB3  H  N N 30  
ARG HG2  H  N N 31  
ARG HG3  H  N N 32  
ARG HD2  H  N N 33  
ARG HD3  H  N N 34  
ARG HE   H  N N 35  
ARG HH11 H  N N 36  
ARG HH12 H  N N 37  
ARG HH21 H  N N 38  
ARG HH22 H  N N 39  
ARG HXT  H  N N 40  
ASN N    N  N N 41  
ASN CA   C  N S 42  
ASN C    C  N N 43  
ASN O    O  N N 44  
ASN CB   C  N N 45  
ASN CG   C  N N 46  
ASN OD1  O  N N 47  
ASN ND2  N  N N 48  
ASN OXT  O  N N 49  
ASN H    H  N N 50  
ASN H2   H  N N 51  
ASN HA   H  N N 52  
ASN HB2  H  N N 53  
ASN HB3  H  N N 54  
ASN HD21 H  N N 55  
ASN HD22 H  N N 56  
ASN HXT  H  N N 57  
ASP N    N  N N 58  
ASP CA   C  N S 59  
ASP C    C  N N 60  
ASP O    O  N N 61  
ASP CB   C  N N 62  
ASP CG   C  N N 63  
ASP OD1  O  N N 64  
ASP OD2  O  N N 65  
ASP OXT  O  N N 66  
ASP H    H  N N 67  
ASP H2   H  N N 68  
ASP HA   H  N N 69  
ASP HB2  H  N N 70  
ASP HB3  H  N N 71  
ASP HD2  H  N N 72  
ASP HXT  H  N N 73  
CYS N    N  N N 74  
CYS CA   C  N R 75  
CYS C    C  N N 76  
CYS O    O  N N 77  
CYS CB   C  N N 78  
CYS SG   S  N N 79  
CYS OXT  O  N N 80  
CYS H    H  N N 81  
CYS H2   H  N N 82  
CYS HA   H  N N 83  
CYS HB2  H  N N 84  
CYS HB3  H  N N 85  
CYS HG   H  N N 86  
CYS HXT  H  N N 87  
GLN N    N  N N 88  
GLN CA   C  N S 89  
GLN C    C  N N 90  
GLN O    O  N N 91  
GLN CB   C  N N 92  
GLN CG   C  N N 93  
GLN CD   C  N N 94  
GLN OE1  O  N N 95  
GLN NE2  N  N N 96  
GLN OXT  O  N N 97  
GLN H    H  N N 98  
GLN H2   H  N N 99  
GLN HA   H  N N 100 
GLN HB2  H  N N 101 
GLN HB3  H  N N 102 
GLN HG2  H  N N 103 
GLN HG3  H  N N 104 
GLN HE21 H  N N 105 
GLN HE22 H  N N 106 
GLN HXT  H  N N 107 
GLU N    N  N N 108 
GLU CA   C  N S 109 
GLU C    C  N N 110 
GLU O    O  N N 111 
GLU CB   C  N N 112 
GLU CG   C  N N 113 
GLU CD   C  N N 114 
GLU OE1  O  N N 115 
GLU OE2  O  N N 116 
GLU OXT  O  N N 117 
GLU H    H  N N 118 
GLU H2   H  N N 119 
GLU HA   H  N N 120 
GLU HB2  H  N N 121 
GLU HB3  H  N N 122 
GLU HG2  H  N N 123 
GLU HG3  H  N N 124 
GLU HE2  H  N N 125 
GLU HXT  H  N N 126 
GLY N    N  N N 127 
GLY CA   C  N N 128 
GLY C    C  N N 129 
GLY O    O  N N 130 
GLY OXT  O  N N 131 
GLY H    H  N N 132 
GLY H2   H  N N 133 
GLY HA2  H  N N 134 
GLY HA3  H  N N 135 
GLY HXT  H  N N 136 
HIS N    N  N N 137 
HIS CA   C  N S 138 
HIS C    C  N N 139 
HIS O    O  N N 140 
HIS CB   C  N N 141 
HIS CG   C  Y N 142 
HIS ND1  N  Y N 143 
HIS CD2  C  Y N 144 
HIS CE1  C  Y N 145 
HIS NE2  N  Y N 146 
HIS OXT  O  N N 147 
HIS H    H  N N 148 
HIS H2   H  N N 149 
HIS HA   H  N N 150 
HIS HB2  H  N N 151 
HIS HB3  H  N N 152 
HIS HD1  H  N N 153 
HIS HD2  H  N N 154 
HIS HE1  H  N N 155 
HIS HE2  H  N N 156 
HIS HXT  H  N N 157 
HOH O    O  N N 158 
HOH H1   H  N N 159 
HOH H2   H  N N 160 
ILE N    N  N N 161 
ILE CA   C  N S 162 
ILE C    C  N N 163 
ILE O    O  N N 164 
ILE CB   C  N S 165 
ILE CG1  C  N N 166 
ILE CG2  C  N N 167 
ILE CD1  C  N N 168 
ILE OXT  O  N N 169 
ILE H    H  N N 170 
ILE H2   H  N N 171 
ILE HA   H  N N 172 
ILE HB   H  N N 173 
ILE HG12 H  N N 174 
ILE HG13 H  N N 175 
ILE HG21 H  N N 176 
ILE HG22 H  N N 177 
ILE HG23 H  N N 178 
ILE HD11 H  N N 179 
ILE HD12 H  N N 180 
ILE HD13 H  N N 181 
ILE HXT  H  N N 182 
LEU N    N  N N 183 
LEU CA   C  N S 184 
LEU C    C  N N 185 
LEU O    O  N N 186 
LEU CB   C  N N 187 
LEU CG   C  N N 188 
LEU CD1  C  N N 189 
LEU CD2  C  N N 190 
LEU OXT  O  N N 191 
LEU H    H  N N 192 
LEU H2   H  N N 193 
LEU HA   H  N N 194 
LEU HB2  H  N N 195 
LEU HB3  H  N N 196 
LEU HG   H  N N 197 
LEU HD11 H  N N 198 
LEU HD12 H  N N 199 
LEU HD13 H  N N 200 
LEU HD21 H  N N 201 
LEU HD22 H  N N 202 
LEU HD23 H  N N 203 
LEU HXT  H  N N 204 
LYS N    N  N N 205 
LYS CA   C  N S 206 
LYS C    C  N N 207 
LYS O    O  N N 208 
LYS CB   C  N N 209 
LYS CG   C  N N 210 
LYS CD   C  N N 211 
LYS CE   C  N N 212 
LYS NZ   N  N N 213 
LYS OXT  O  N N 214 
LYS H    H  N N 215 
LYS H2   H  N N 216 
LYS HA   H  N N 217 
LYS HB2  H  N N 218 
LYS HB3  H  N N 219 
LYS HG2  H  N N 220 
LYS HG3  H  N N 221 
LYS HD2  H  N N 222 
LYS HD3  H  N N 223 
LYS HE2  H  N N 224 
LYS HE3  H  N N 225 
LYS HZ1  H  N N 226 
LYS HZ2  H  N N 227 
LYS HZ3  H  N N 228 
LYS HXT  H  N N 229 
MET N    N  N N 230 
MET CA   C  N S 231 
MET C    C  N N 232 
MET O    O  N N 233 
MET CB   C  N N 234 
MET CG   C  N N 235 
MET SD   S  N N 236 
MET CE   C  N N 237 
MET OXT  O  N N 238 
MET H    H  N N 239 
MET H2   H  N N 240 
MET HA   H  N N 241 
MET HB2  H  N N 242 
MET HB3  H  N N 243 
MET HG2  H  N N 244 
MET HG3  H  N N 245 
MET HE1  H  N N 246 
MET HE2  H  N N 247 
MET HE3  H  N N 248 
MET HXT  H  N N 249 
PHE N    N  N N 250 
PHE CA   C  N S 251 
PHE C    C  N N 252 
PHE O    O  N N 253 
PHE CB   C  N N 254 
PHE CG   C  Y N 255 
PHE CD1  C  Y N 256 
PHE CD2  C  Y N 257 
PHE CE1  C  Y N 258 
PHE CE2  C  Y N 259 
PHE CZ   C  Y N 260 
PHE OXT  O  N N 261 
PHE H    H  N N 262 
PHE H2   H  N N 263 
PHE HA   H  N N 264 
PHE HB2  H  N N 265 
PHE HB3  H  N N 266 
PHE HD1  H  N N 267 
PHE HD2  H  N N 268 
PHE HE1  H  N N 269 
PHE HE2  H  N N 270 
PHE HZ   H  N N 271 
PHE HXT  H  N N 272 
PRO N    N  N N 273 
PRO CA   C  N S 274 
PRO C    C  N N 275 
PRO O    O  N N 276 
PRO CB   C  N N 277 
PRO CG   C  N N 278 
PRO CD   C  N N 279 
PRO OXT  O  N N 280 
PRO H    H  N N 281 
PRO HA   H  N N 282 
PRO HB2  H  N N 283 
PRO HB3  H  N N 284 
PRO HG2  H  N N 285 
PRO HG3  H  N N 286 
PRO HD2  H  N N 287 
PRO HD3  H  N N 288 
PRO HXT  H  N N 289 
SER N    N  N N 290 
SER CA   C  N S 291 
SER C    C  N N 292 
SER O    O  N N 293 
SER CB   C  N N 294 
SER OG   O  N N 295 
SER OXT  O  N N 296 
SER H    H  N N 297 
SER H2   H  N N 298 
SER HA   H  N N 299 
SER HB2  H  N N 300 
SER HB3  H  N N 301 
SER HG   H  N N 302 
SER HXT  H  N N 303 
THR N    N  N N 304 
THR CA   C  N S 305 
THR C    C  N N 306 
THR O    O  N N 307 
THR CB   C  N R 308 
THR OG1  O  N N 309 
THR CG2  C  N N 310 
THR OXT  O  N N 311 
THR H    H  N N 312 
THR H2   H  N N 313 
THR HA   H  N N 314 
THR HB   H  N N 315 
THR HG1  H  N N 316 
THR HG21 H  N N 317 
THR HG22 H  N N 318 
THR HG23 H  N N 319 
THR HXT  H  N N 320 
TRP N    N  N N 321 
TRP CA   C  N S 322 
TRP C    C  N N 323 
TRP O    O  N N 324 
TRP CB   C  N N 325 
TRP CG   C  Y N 326 
TRP CD1  C  Y N 327 
TRP CD2  C  Y N 328 
TRP NE1  N  Y N 329 
TRP CE2  C  Y N 330 
TRP CE3  C  Y N 331 
TRP CZ2  C  Y N 332 
TRP CZ3  C  Y N 333 
TRP CH2  C  Y N 334 
TRP OXT  O  N N 335 
TRP H    H  N N 336 
TRP H2   H  N N 337 
TRP HA   H  N N 338 
TRP HB2  H  N N 339 
TRP HB3  H  N N 340 
TRP HD1  H  N N 341 
TRP HE1  H  N N 342 
TRP HE3  H  N N 343 
TRP HZ2  H  N N 344 
TRP HZ3  H  N N 345 
TRP HH2  H  N N 346 
TRP HXT  H  N N 347 
TYR N    N  N N 348 
TYR CA   C  N S 349 
TYR C    C  N N 350 
TYR O    O  N N 351 
TYR CB   C  N N 352 
TYR CG   C  Y N 353 
TYR CD1  C  Y N 354 
TYR CD2  C  Y N 355 
TYR CE1  C  Y N 356 
TYR CE2  C  Y N 357 
TYR CZ   C  Y N 358 
TYR OH   O  N N 359 
TYR OXT  O  N N 360 
TYR H    H  N N 361 
TYR H2   H  N N 362 
TYR HA   H  N N 363 
TYR HB2  H  N N 364 
TYR HB3  H  N N 365 
TYR HD1  H  N N 366 
TYR HD2  H  N N 367 
TYR HE1  H  N N 368 
TYR HE2  H  N N 369 
TYR HH   H  N N 370 
TYR HXT  H  N N 371 
VAL N    N  N N 372 
VAL CA   C  N S 373 
VAL C    C  N N 374 
VAL O    O  N N 375 
VAL CB   C  N N 376 
VAL CG1  C  N N 377 
VAL CG2  C  N N 378 
VAL OXT  O  N N 379 
VAL H    H  N N 380 
VAL H2   H  N N 381 
VAL HA   H  N N 382 
VAL HB   H  N N 383 
VAL HG11 H  N N 384 
VAL HG12 H  N N 385 
VAL HG13 H  N N 386 
VAL HG21 H  N N 387 
VAL HG22 H  N N 388 
VAL HG23 H  N N 389 
VAL HXT  H  N N 390 
ZN  ZN   ZN N N 391 
# 
loop_
_chem_comp_bond.comp_id 
_chem_comp_bond.atom_id_1 
_chem_comp_bond.atom_id_2 
_chem_comp_bond.value_order 
_chem_comp_bond.pdbx_aromatic_flag 
_chem_comp_bond.pdbx_stereo_config 
_chem_comp_bond.pdbx_ordinal 
ALA N   CA   sing N N 1   
ALA N   H    sing N N 2   
ALA N   H2   sing N N 3   
ALA CA  C    sing N N 4   
ALA CA  CB   sing N N 5   
ALA CA  HA   sing N N 6   
ALA C   O    doub N N 7   
ALA C   OXT  sing N N 8   
ALA CB  HB1  sing N N 9   
ALA CB  HB2  sing N N 10  
ALA CB  HB3  sing N N 11  
ALA OXT HXT  sing N N 12  
ARG N   CA   sing N N 13  
ARG N   H    sing N N 14  
ARG N   H2   sing N N 15  
ARG CA  C    sing N N 16  
ARG CA  CB   sing N N 17  
ARG CA  HA   sing N N 18  
ARG C   O    doub N N 19  
ARG C   OXT  sing N N 20  
ARG CB  CG   sing N N 21  
ARG CB  HB2  sing N N 22  
ARG CB  HB3  sing N N 23  
ARG CG  CD   sing N N 24  
ARG CG  HG2  sing N N 25  
ARG CG  HG3  sing N N 26  
ARG CD  NE   sing N N 27  
ARG CD  HD2  sing N N 28  
ARG CD  HD3  sing N N 29  
ARG NE  CZ   sing N N 30  
ARG NE  HE   sing N N 31  
ARG CZ  NH1  sing N N 32  
ARG CZ  NH2  doub N N 33  
ARG NH1 HH11 sing N N 34  
ARG NH1 HH12 sing N N 35  
ARG NH2 HH21 sing N N 36  
ARG NH2 HH22 sing N N 37  
ARG OXT HXT  sing N N 38  
ASN N   CA   sing N N 39  
ASN N   H    sing N N 40  
ASN N   H2   sing N N 41  
ASN CA  C    sing N N 42  
ASN CA  CB   sing N N 43  
ASN CA  HA   sing N N 44  
ASN C   O    doub N N 45  
ASN C   OXT  sing N N 46  
ASN CB  CG   sing N N 47  
ASN CB  HB2  sing N N 48  
ASN CB  HB3  sing N N 49  
ASN CG  OD1  doub N N 50  
ASN CG  ND2  sing N N 51  
ASN ND2 HD21 sing N N 52  
ASN ND2 HD22 sing N N 53  
ASN OXT HXT  sing N N 54  
ASP N   CA   sing N N 55  
ASP N   H    sing N N 56  
ASP N   H2   sing N N 57  
ASP CA  C    sing N N 58  
ASP CA  CB   sing N N 59  
ASP CA  HA   sing N N 60  
ASP C   O    doub N N 61  
ASP C   OXT  sing N N 62  
ASP CB  CG   sing N N 63  
ASP CB  HB2  sing N N 64  
ASP CB  HB3  sing N N 65  
ASP CG  OD1  doub N N 66  
ASP CG  OD2  sing N N 67  
ASP OD2 HD2  sing N N 68  
ASP OXT HXT  sing N N 69  
CYS N   CA   sing N N 70  
CYS N   H    sing N N 71  
CYS N   H2   sing N N 72  
CYS CA  C    sing N N 73  
CYS CA  CB   sing N N 74  
CYS CA  HA   sing N N 75  
CYS C   O    doub N N 76  
CYS C   OXT  sing N N 77  
CYS CB  SG   sing N N 78  
CYS CB  HB2  sing N N 79  
CYS CB  HB3  sing N N 80  
CYS SG  HG   sing N N 81  
CYS OXT HXT  sing N N 82  
GLN N   CA   sing N N 83  
GLN N   H    sing N N 84  
GLN N   H2   sing N N 85  
GLN CA  C    sing N N 86  
GLN CA  CB   sing N N 87  
GLN CA  HA   sing N N 88  
GLN C   O    doub N N 89  
GLN C   OXT  sing N N 90  
GLN CB  CG   sing N N 91  
GLN CB  HB2  sing N N 92  
GLN CB  HB3  sing N N 93  
GLN CG  CD   sing N N 94  
GLN CG  HG2  sing N N 95  
GLN CG  HG3  sing N N 96  
GLN CD  OE1  doub N N 97  
GLN CD  NE2  sing N N 98  
GLN NE2 HE21 sing N N 99  
GLN NE2 HE22 sing N N 100 
GLN OXT HXT  sing N N 101 
GLU N   CA   sing N N 102 
GLU N   H    sing N N 103 
GLU N   H2   sing N N 104 
GLU CA  C    sing N N 105 
GLU CA  CB   sing N N 106 
GLU CA  HA   sing N N 107 
GLU C   O    doub N N 108 
GLU C   OXT  sing N N 109 
GLU CB  CG   sing N N 110 
GLU CB  HB2  sing N N 111 
GLU CB  HB3  sing N N 112 
GLU CG  CD   sing N N 113 
GLU CG  HG2  sing N N 114 
GLU CG  HG3  sing N N 115 
GLU CD  OE1  doub N N 116 
GLU CD  OE2  sing N N 117 
GLU OE2 HE2  sing N N 118 
GLU OXT HXT  sing N N 119 
GLY N   CA   sing N N 120 
GLY N   H    sing N N 121 
GLY N   H2   sing N N 122 
GLY CA  C    sing N N 123 
GLY CA  HA2  sing N N 124 
GLY CA  HA3  sing N N 125 
GLY C   O    doub N N 126 
GLY C   OXT  sing N N 127 
GLY OXT HXT  sing N N 128 
HIS N   CA   sing N N 129 
HIS N   H    sing N N 130 
HIS N   H2   sing N N 131 
HIS CA  C    sing N N 132 
HIS CA  CB   sing N N 133 
HIS CA  HA   sing N N 134 
HIS C   O    doub N N 135 
HIS C   OXT  sing N N 136 
HIS CB  CG   sing N N 137 
HIS CB  HB2  sing N N 138 
HIS CB  HB3  sing N N 139 
HIS CG  ND1  sing Y N 140 
HIS CG  CD2  doub Y N 141 
HIS ND1 CE1  doub Y N 142 
HIS ND1 HD1  sing N N 143 
HIS CD2 NE2  sing Y N 144 
HIS CD2 HD2  sing N N 145 
HIS CE1 NE2  sing Y N 146 
HIS CE1 HE1  sing N N 147 
HIS NE2 HE2  sing N N 148 
HIS OXT HXT  sing N N 149 
HOH O   H1   sing N N 150 
HOH O   H2   sing N N 151 
ILE N   CA   sing N N 152 
ILE N   H    sing N N 153 
ILE N   H2   sing N N 154 
ILE CA  C    sing N N 155 
ILE CA  CB   sing N N 156 
ILE CA  HA   sing N N 157 
ILE C   O    doub N N 158 
ILE C   OXT  sing N N 159 
ILE CB  CG1  sing N N 160 
ILE CB  CG2  sing N N 161 
ILE CB  HB   sing N N 162 
ILE CG1 CD1  sing N N 163 
ILE CG1 HG12 sing N N 164 
ILE CG1 HG13 sing N N 165 
ILE CG2 HG21 sing N N 166 
ILE CG2 HG22 sing N N 167 
ILE CG2 HG23 sing N N 168 
ILE CD1 HD11 sing N N 169 
ILE CD1 HD12 sing N N 170 
ILE CD1 HD13 sing N N 171 
ILE OXT HXT  sing N N 172 
LEU N   CA   sing N N 173 
LEU N   H    sing N N 174 
LEU N   H2   sing N N 175 
LEU CA  C    sing N N 176 
LEU CA  CB   sing N N 177 
LEU CA  HA   sing N N 178 
LEU C   O    doub N N 179 
LEU C   OXT  sing N N 180 
LEU CB  CG   sing N N 181 
LEU CB  HB2  sing N N 182 
LEU CB  HB3  sing N N 183 
LEU CG  CD1  sing N N 184 
LEU CG  CD2  sing N N 185 
LEU CG  HG   sing N N 186 
LEU CD1 HD11 sing N N 187 
LEU CD1 HD12 sing N N 188 
LEU CD1 HD13 sing N N 189 
LEU CD2 HD21 sing N N 190 
LEU CD2 HD22 sing N N 191 
LEU CD2 HD23 sing N N 192 
LEU OXT HXT  sing N N 193 
LYS N   CA   sing N N 194 
LYS N   H    sing N N 195 
LYS N   H2   sing N N 196 
LYS CA  C    sing N N 197 
LYS CA  CB   sing N N 198 
LYS CA  HA   sing N N 199 
LYS C   O    doub N N 200 
LYS C   OXT  sing N N 201 
LYS CB  CG   sing N N 202 
LYS CB  HB2  sing N N 203 
LYS CB  HB3  sing N N 204 
LYS CG  CD   sing N N 205 
LYS CG  HG2  sing N N 206 
LYS CG  HG3  sing N N 207 
LYS CD  CE   sing N N 208 
LYS CD  HD2  sing N N 209 
LYS CD  HD3  sing N N 210 
LYS CE  NZ   sing N N 211 
LYS CE  HE2  sing N N 212 
LYS CE  HE3  sing N N 213 
LYS NZ  HZ1  sing N N 214 
LYS NZ  HZ2  sing N N 215 
LYS NZ  HZ3  sing N N 216 
LYS OXT HXT  sing N N 217 
MET N   CA   sing N N 218 
MET N   H    sing N N 219 
MET N   H2   sing N N 220 
MET CA  C    sing N N 221 
MET CA  CB   sing N N 222 
MET CA  HA   sing N N 223 
MET C   O    doub N N 224 
MET C   OXT  sing N N 225 
MET CB  CG   sing N N 226 
MET CB  HB2  sing N N 227 
MET CB  HB3  sing N N 228 
MET CG  SD   sing N N 229 
MET CG  HG2  sing N N 230 
MET CG  HG3  sing N N 231 
MET SD  CE   sing N N 232 
MET CE  HE1  sing N N 233 
MET CE  HE2  sing N N 234 
MET CE  HE3  sing N N 235 
MET OXT HXT  sing N N 236 
PHE N   CA   sing N N 237 
PHE N   H    sing N N 238 
PHE N   H2   sing N N 239 
PHE CA  C    sing N N 240 
PHE CA  CB   sing N N 241 
PHE CA  HA   sing N N 242 
PHE C   O    doub N N 243 
PHE C   OXT  sing N N 244 
PHE CB  CG   sing N N 245 
PHE CB  HB2  sing N N 246 
PHE CB  HB3  sing N N 247 
PHE CG  CD1  doub Y N 248 
PHE CG  CD2  sing Y N 249 
PHE CD1 CE1  sing Y N 250 
PHE CD1 HD1  sing N N 251 
PHE CD2 CE2  doub Y N 252 
PHE CD2 HD2  sing N N 253 
PHE CE1 CZ   doub Y N 254 
PHE CE1 HE1  sing N N 255 
PHE CE2 CZ   sing Y N 256 
PHE CE2 HE2  sing N N 257 
PHE CZ  HZ   sing N N 258 
PHE OXT HXT  sing N N 259 
PRO N   CA   sing N N 260 
PRO N   CD   sing N N 261 
PRO N   H    sing N N 262 
PRO CA  C    sing N N 263 
PRO CA  CB   sing N N 264 
PRO CA  HA   sing N N 265 
PRO C   O    doub N N 266 
PRO C   OXT  sing N N 267 
PRO CB  CG   sing N N 268 
PRO CB  HB2  sing N N 269 
PRO CB  HB3  sing N N 270 
PRO CG  CD   sing N N 271 
PRO CG  HG2  sing N N 272 
PRO CG  HG3  sing N N 273 
PRO CD  HD2  sing N N 274 
PRO CD  HD3  sing N N 275 
PRO OXT HXT  sing N N 276 
SER N   CA   sing N N 277 
SER N   H    sing N N 278 
SER N   H2   sing N N 279 
SER CA  C    sing N N 280 
SER CA  CB   sing N N 281 
SER CA  HA   sing N N 282 
SER C   O    doub N N 283 
SER C   OXT  sing N N 284 
SER CB  OG   sing N N 285 
SER CB  HB2  sing N N 286 
SER CB  HB3  sing N N 287 
SER OG  HG   sing N N 288 
SER OXT HXT  sing N N 289 
THR N   CA   sing N N 290 
THR N   H    sing N N 291 
THR N   H2   sing N N 292 
THR CA  C    sing N N 293 
THR CA  CB   sing N N 294 
THR CA  HA   sing N N 295 
THR C   O    doub N N 296 
THR C   OXT  sing N N 297 
THR CB  OG1  sing N N 298 
THR CB  CG2  sing N N 299 
THR CB  HB   sing N N 300 
THR OG1 HG1  sing N N 301 
THR CG2 HG21 sing N N 302 
THR CG2 HG22 sing N N 303 
THR CG2 HG23 sing N N 304 
THR OXT HXT  sing N N 305 
TRP N   CA   sing N N 306 
TRP N   H    sing N N 307 
TRP N   H2   sing N N 308 
TRP CA  C    sing N N 309 
TRP CA  CB   sing N N 310 
TRP CA  HA   sing N N 311 
TRP C   O    doub N N 312 
TRP C   OXT  sing N N 313 
TRP CB  CG   sing N N 314 
TRP CB  HB2  sing N N 315 
TRP CB  HB3  sing N N 316 
TRP CG  CD1  doub Y N 317 
TRP CG  CD2  sing Y N 318 
TRP CD1 NE1  sing Y N 319 
TRP CD1 HD1  sing N N 320 
TRP CD2 CE2  doub Y N 321 
TRP CD2 CE3  sing Y N 322 
TRP NE1 CE2  sing Y N 323 
TRP NE1 HE1  sing N N 324 
TRP CE2 CZ2  sing Y N 325 
TRP CE3 CZ3  doub Y N 326 
TRP CE3 HE3  sing N N 327 
TRP CZ2 CH2  doub Y N 328 
TRP CZ2 HZ2  sing N N 329 
TRP CZ3 CH2  sing Y N 330 
TRP CZ3 HZ3  sing N N 331 
TRP CH2 HH2  sing N N 332 
TRP OXT HXT  sing N N 333 
TYR N   CA   sing N N 334 
TYR N   H    sing N N 335 
TYR N   H2   sing N N 336 
TYR CA  C    sing N N 337 
TYR CA  CB   sing N N 338 
TYR CA  HA   sing N N 339 
TYR C   O    doub N N 340 
TYR C   OXT  sing N N 341 
TYR CB  CG   sing N N 342 
TYR CB  HB2  sing N N 343 
TYR CB  HB3  sing N N 344 
TYR CG  CD1  doub Y N 345 
TYR CG  CD2  sing Y N 346 
TYR CD1 CE1  sing Y N 347 
TYR CD1 HD1  sing N N 348 
TYR CD2 CE2  doub Y N 349 
TYR CD2 HD2  sing N N 350 
TYR CE1 CZ   doub Y N 351 
TYR CE1 HE1  sing N N 352 
TYR CE2 CZ   sing Y N 353 
TYR CE2 HE2  sing N N 354 
TYR CZ  OH   sing N N 355 
TYR OH  HH   sing N N 356 
TYR OXT HXT  sing N N 357 
VAL N   CA   sing N N 358 
VAL N   H    sing N N 359 
VAL N   H2   sing N N 360 
VAL CA  C    sing N N 361 
VAL CA  CB   sing N N 362 
VAL CA  HA   sing N N 363 
VAL C   O    doub N N 364 
VAL C   OXT  sing N N 365 
VAL CB  CG1  sing N N 366 
VAL CB  CG2  sing N N 367 
VAL CB  HB   sing N N 368 
VAL CG1 HG11 sing N N 369 
VAL CG1 HG12 sing N N 370 
VAL CG1 HG13 sing N N 371 
VAL CG2 HG21 sing N N 372 
VAL CG2 HG22 sing N N 373 
VAL CG2 HG23 sing N N 374 
VAL OXT HXT  sing N N 375 
# 
loop_
_pdbx_entity_nonpoly.entity_id 
_pdbx_entity_nonpoly.name 
_pdbx_entity_nonpoly.comp_id 
2 'ZINC ION'            ZN  
3 'UNKNOWN ATOM OR ION' UNX 
4 water                 HOH 
# 
_pdbx_initial_refinement_model.id               1 
_pdbx_initial_refinement_model.entity_id_list   ? 
_pdbx_initial_refinement_model.type             'experimental model' 
_pdbx_initial_refinement_model.source_name      PDB 
_pdbx_initial_refinement_model.accession_code   2CRW 
_pdbx_initial_refinement_model.details          'pdb entry 2CRW' 
# 
